data_4OZQ
#
_entry.id   4OZQ
#
_cell.length_a   65.137
_cell.length_b   72.193
_cell.length_c   94.098
_cell.angle_alpha   74.430
_cell.angle_beta   87.450
_cell.angle_gamma   89.940
#
_symmetry.space_group_name_H-M   'P 1'
#
loop_
_entity.id
_entity.type
_entity.pdbx_description
1 polymer 'Chimera of Maltose-binding periplasmic protein and Kinesin family member 14 protein'
2 non-polymer "ADENOSINE-5'-DIPHOSPHATE"
3 non-polymer 1,2-ETHANEDIOL
4 water water
#
_entity_poly.entity_id   1
_entity_poly.type   'polypeptide(L)'
_entity_poly.pdbx_seq_one_letter_code
;MKIEEGKLVIWINGDKGYNGLAEVGKKFEKDTGIKVTVEHPDKLEEKFPQVAATGDGPDIIFWAHDRFGGYAQSGLLAEI
TPDKAFQDKLYPFTWDAVRYNGKLIAYPIAVEALSLIYNKDLLPNPPKTWEEIPALDKELKAKGKSALMFNLQEPYFTWP
LIAADGGYAFKYENGKYDIKDVGVDNAGAKAGLTFLVDLIKNKHMNADTDYSIAEAAFNKGETAMTINGPWAWSNIDTSK
VNYGVTVLPTFKGQPSKPFVGVLSAGINAASPNKELAKEFLENYLLTDEGLEAVNKDKPLGAVALKSYEEELAKDPRIAA
TMENAQKGEIMPNIPQMSAFWYAVRTAVINAASGRQTVDAALAAAQTNAAAENSQVTVAVRVRPFSKREKTEKASQVVFT
NGEEITVEHPDMKQVYSFIYDVSFWSFDECHPGYASQTTVYETLAAPLLDRAFEGYNTCLFAYGQTGSGKSYTMMGLNEE
PGIIPRFCEDLFAQIAKKQTSEVSYHLEMSFFEVYNEKIHDLLVCKGENGQRKQPLRAREHPVSGPYVEGLSMNVVSSYS
DIQSWLELGNKQRATAATGMNDKSSRSHSVFTLVMTQTKTEVVEGEEHDHRITSRINLVDLAGSERCSTAHSSGQRLKEG
VSINKSLLTLGKVISALSEQANGKRVFIPYRESTLTWLLKESLGGNSKTAMIATVSPAASNIEETLSTLRYATQARLIVN
;
_entity_poly.pdbx_strand_id   A,B
#
# COMPACT_ATOMS: atom_id res chain seq x y z
N TRP A 11 -20.06 -28.47 13.53
CA TRP A 11 -20.91 -27.45 12.87
C TRP A 11 -20.14 -26.29 12.26
N ILE A 12 -20.17 -26.24 10.93
CA ILE A 12 -19.68 -25.08 10.17
C ILE A 12 -20.81 -24.59 9.26
N ASN A 13 -20.63 -23.40 8.74
CA ASN A 13 -21.63 -22.80 7.85
C ASN A 13 -21.73 -23.50 6.48
N GLY A 14 -22.91 -23.41 5.86
CA GLY A 14 -23.11 -23.78 4.46
C GLY A 14 -22.29 -22.98 3.44
N ASP A 15 -22.08 -21.68 3.69
CA ASP A 15 -21.25 -20.85 2.81
C ASP A 15 -19.80 -21.23 2.81
N LYS A 16 -19.42 -22.08 3.76
CA LYS A 16 -18.00 -22.44 3.90
C LYS A 16 -17.74 -23.70 3.07
N GLY A 17 -16.63 -24.38 3.35
CA GLY A 17 -16.26 -25.63 2.66
C GLY A 17 -16.42 -26.90 3.49
N TYR A 18 -17.65 -27.43 3.52
CA TYR A 18 -18.01 -28.52 4.43
C TYR A 18 -17.28 -29.83 4.17
N ASN A 19 -17.47 -30.40 2.96
CA ASN A 19 -16.91 -31.74 2.68
C ASN A 19 -15.36 -31.75 2.73
N GLY A 20 -14.74 -30.60 2.48
CA GLY A 20 -13.30 -30.44 2.67
C GLY A 20 -12.91 -30.62 4.13
N LEU A 21 -13.67 -29.98 5.01
CA LEU A 21 -13.54 -30.20 6.45
C LEU A 21 -13.88 -31.65 6.84
N ALA A 22 -14.89 -32.21 6.19
CA ALA A 22 -15.20 -33.62 6.40
C ALA A 22 -14.02 -34.50 6.01
N GLU A 23 -13.29 -34.10 4.96
CA GLU A 23 -12.11 -34.83 4.51
C GLU A 23 -11.06 -34.88 5.61
N VAL A 24 -10.89 -33.77 6.32
CA VAL A 24 -9.94 -33.71 7.46
C VAL A 24 -10.42 -34.60 8.61
N GLY A 25 -11.74 -34.71 8.76
CA GLY A 25 -12.33 -35.65 9.72
C GLY A 25 -12.27 -37.07 9.24
N LYS A 26 -12.46 -37.25 7.94
CA LYS A 26 -12.35 -38.55 7.28
C LYS A 26 -10.91 -39.08 7.41
N LYS A 27 -9.95 -38.17 7.57
CA LYS A 27 -8.55 -38.51 7.87
C LYS A 27 -8.26 -38.58 9.38
N PHE A 28 -9.13 -37.99 10.19
CA PHE A 28 -9.03 -38.07 11.65
C PHE A 28 -9.41 -39.46 12.17
N GLU A 29 -10.49 -40.01 11.60
CA GLU A 29 -10.92 -41.40 11.84
C GLU A 29 -9.81 -42.38 11.50
N LYS A 30 -9.15 -42.16 10.38
CA LYS A 30 -8.06 -43.03 9.94
C LYS A 30 -6.98 -43.10 11.00
N ASP A 31 -6.53 -41.93 11.44
CA ASP A 31 -5.43 -41.85 12.41
C ASP A 31 -5.83 -42.22 13.85
N THR A 32 -7.05 -41.89 14.23
CA THR A 32 -7.55 -42.23 15.56
C THR A 32 -8.39 -43.49 15.53
N GLY A 33 -9.48 -43.42 14.77
CA GLY A 33 -10.56 -44.42 14.82
C GLY A 33 -11.90 -43.79 15.15
N ILE A 34 -11.88 -42.50 15.54
CA ILE A 34 -13.08 -41.77 15.93
C ILE A 34 -13.64 -40.97 14.76
N LYS A 35 -14.93 -41.21 14.47
CA LYS A 35 -15.59 -40.60 13.32
C LYS A 35 -15.93 -39.14 13.57
N VAL A 36 -16.04 -38.42 12.46
CA VAL A 36 -16.15 -36.97 12.44
C VAL A 36 -17.61 -36.48 12.38
N THR A 37 -17.87 -35.37 13.07
CA THR A 37 -19.17 -34.70 13.10
C THR A 37 -19.19 -33.38 12.28
N VAL A 38 -19.35 -33.44 10.95
CA VAL A 38 -19.48 -32.18 10.15
C VAL A 38 -20.89 -31.98 9.59
N GLU A 39 -21.55 -30.93 10.04
CA GLU A 39 -22.93 -30.59 9.67
C GLU A 39 -23.04 -29.11 9.43
N HIS A 40 -24.00 -28.65 8.62
CA HIS A 40 -24.15 -27.19 8.36
C HIS A 40 -25.61 -26.66 8.43
N PRO A 41 -26.22 -26.82 9.60
CA PRO A 41 -27.65 -26.74 9.76
C PRO A 41 -28.21 -25.40 10.11
N ASP A 42 -29.26 -24.98 9.40
CA ASP A 42 -30.17 -23.91 9.87
C ASP A 42 -29.50 -22.59 10.23
N LYS A 43 -30.25 -21.75 10.93
CA LYS A 43 -29.67 -20.62 11.64
C LYS A 43 -28.77 -21.27 12.68
N LEU A 44 -27.62 -21.77 12.23
CA LEU A 44 -26.77 -22.58 13.09
C LEU A 44 -26.26 -21.76 14.29
N GLU A 45 -25.82 -20.55 13.98
CA GLU A 45 -25.38 -19.57 14.97
C GLU A 45 -26.48 -19.24 15.97
N GLU A 46 -27.71 -19.15 15.50
CA GLU A 46 -28.84 -18.80 16.37
C GLU A 46 -29.31 -20.01 17.16
N LYS A 47 -29.19 -21.19 16.57
CA LYS A 47 -29.59 -22.39 17.26
C LYS A 47 -28.53 -22.90 18.24
N PHE A 48 -27.26 -22.68 17.94
CA PHE A 48 -26.20 -23.14 18.82
C PHE A 48 -26.31 -22.69 20.30
N PRO A 49 -26.61 -21.41 20.54
CA PRO A 49 -26.75 -21.02 21.93
C PRO A 49 -28.05 -21.56 22.52
N GLN A 50 -29.10 -21.67 21.70
CA GLN A 50 -30.35 -22.34 22.15
C GLN A 50 -30.06 -23.75 22.69
N VAL A 51 -29.22 -24.51 21.98
CA VAL A 51 -29.00 -25.95 22.24
C VAL A 51 -27.77 -26.21 23.15
N ALA A 52 -26.76 -25.35 23.01
CA ALA A 52 -25.57 -25.43 23.86
C ALA A 52 -25.93 -25.07 25.31
N ALA A 53 -26.88 -24.14 25.46
CA ALA A 53 -27.44 -23.77 26.77
C ALA A 53 -27.98 -24.95 27.57
N THR A 54 -28.57 -25.91 26.88
CA THR A 54 -29.10 -27.12 27.55
C THR A 54 -28.10 -28.29 27.52
N GLY A 55 -26.81 -27.98 27.36
CA GLY A 55 -25.73 -29.00 27.36
C GLY A 55 -25.80 -29.94 26.17
N ASP A 56 -26.09 -29.37 25.00
CA ASP A 56 -26.15 -30.10 23.73
C ASP A 56 -25.42 -29.26 22.67
N GLY A 57 -25.73 -29.47 21.39
CA GLY A 57 -25.02 -28.84 20.29
C GLY A 57 -23.86 -29.71 19.86
N PRO A 58 -22.98 -29.20 18.98
CA PRO A 58 -21.81 -29.94 18.55
C PRO A 58 -20.67 -29.76 19.54
N ASP A 59 -19.66 -30.62 19.42
CA ASP A 59 -18.47 -30.49 20.22
C ASP A 59 -17.75 -29.23 19.75
N ILE A 60 -17.65 -29.10 18.42
CA ILE A 60 -16.99 -27.94 17.80
C ILE A 60 -17.99 -27.12 16.99
N ILE A 61 -17.92 -25.80 17.13
CA ILE A 61 -18.70 -24.88 16.30
C ILE A 61 -17.77 -23.92 15.56
N PHE A 62 -18.04 -23.75 14.27
CA PHE A 62 -17.29 -22.83 13.42
C PHE A 62 -18.15 -21.66 13.03
N TRP A 63 -17.76 -20.49 13.52
CA TRP A 63 -18.41 -19.24 13.19
C TRP A 63 -17.44 -18.07 13.40
N ALA A 64 -17.82 -16.91 12.89
CA ALA A 64 -17.05 -15.68 13.15
C ALA A 64 -17.09 -15.33 14.64
N HIS A 65 -16.07 -14.58 15.09
CA HIS A 65 -15.91 -14.27 16.50
C HIS A 65 -16.95 -13.26 17.03
N ASP A 66 -17.64 -12.55 16.12
CA ASP A 66 -18.85 -11.75 16.46
C ASP A 66 -19.64 -12.37 17.61
N ARG A 67 -20.18 -13.55 17.33
CA ARG A 67 -21.23 -14.13 18.14
C ARG A 67 -20.61 -15.04 19.20
N PHE A 68 -19.30 -15.25 19.09
CA PHE A 68 -18.53 -16.05 20.05
C PHE A 68 -18.33 -15.35 21.39
N GLY A 69 -18.17 -14.04 21.37
CA GLY A 69 -18.10 -13.25 22.60
C GLY A 69 -19.31 -13.41 23.51
N GLY A 70 -20.48 -13.60 22.90
CA GLY A 70 -21.73 -13.83 23.62
C GLY A 70 -21.78 -15.22 24.24
N TYR A 71 -21.63 -16.24 23.41
CA TYR A 71 -21.64 -17.64 23.89
C TYR A 71 -20.72 -17.79 25.11
N ALA A 72 -19.53 -17.19 25.00
CA ALA A 72 -18.54 -17.19 26.08
C ALA A 72 -19.13 -16.61 27.36
N GLN A 73 -19.69 -15.40 27.24
CA GLN A 73 -20.38 -14.73 28.36
C GLN A 73 -21.47 -15.63 28.93
N SER A 74 -22.18 -16.34 28.04
CA SER A 74 -23.20 -17.33 28.43
C SER A 74 -22.56 -18.59 29.00
N GLY A 75 -21.22 -18.62 29.07
CA GLY A 75 -20.49 -19.73 29.69
C GLY A 75 -20.42 -20.96 28.82
N LEU A 76 -20.57 -20.74 27.52
CA LEU A 76 -20.92 -21.81 26.59
C LEU A 76 -19.73 -22.45 25.91
N LEU A 77 -18.62 -21.73 25.89
CA LEU A 77 -17.42 -22.24 25.26
C LEU A 77 -16.42 -22.60 26.33
N ALA A 78 -15.63 -23.63 26.06
CA ALA A 78 -14.58 -24.05 26.97
C ALA A 78 -13.32 -23.18 26.84
N GLU A 79 -12.56 -23.13 27.93
CA GLU A 79 -11.26 -22.48 27.91
C GLU A 79 -10.31 -23.42 27.17
N ILE A 80 -9.92 -23.01 25.97
CA ILE A 80 -8.92 -23.75 25.19
C ILE A 80 -7.55 -23.52 25.79
N THR A 81 -6.66 -24.47 25.54
CA THR A 81 -5.35 -24.46 26.16
C THR A 81 -4.26 -24.90 25.19
N PRO A 82 -4.01 -24.11 24.14
CA PRO A 82 -2.81 -24.34 23.31
C PRO A 82 -1.60 -23.74 23.99
N ASP A 83 -0.45 -24.40 23.84
CA ASP A 83 0.80 -23.84 24.38
C ASP A 83 1.33 -22.75 23.46
N LYS A 84 2.24 -21.93 23.98
CA LYS A 84 2.78 -20.80 23.23
C LYS A 84 3.28 -21.28 21.88
N ALA A 85 3.99 -22.40 21.87
CA ALA A 85 4.52 -22.98 20.63
C ALA A 85 3.47 -22.99 19.55
N PHE A 86 2.29 -23.46 19.92
CA PHE A 86 1.17 -23.51 19.00
C PHE A 86 0.63 -22.12 18.66
N GLN A 87 0.47 -21.30 19.68
CA GLN A 87 0.04 -19.92 19.49
C GLN A 87 0.92 -19.14 18.52
N ASP A 88 2.22 -19.36 18.61
CA ASP A 88 3.16 -18.77 17.69
C ASP A 88 2.93 -19.19 16.23
N LYS A 89 2.26 -20.32 15.98
CA LYS A 89 1.97 -20.78 14.58
C LYS A 89 0.95 -19.89 13.84
N LEU A 90 0.10 -19.20 14.61
CA LEU A 90 -0.88 -18.27 14.04
C LEU A 90 -0.53 -16.83 14.40
N TYR A 91 -0.97 -15.88 13.58
CA TYR A 91 -0.61 -14.48 13.79
C TYR A 91 -1.12 -14.03 15.16
N PRO A 92 -0.25 -13.36 15.93
CA PRO A 92 -0.54 -12.96 17.31
C PRO A 92 -1.79 -12.13 17.51
N PHE A 93 -2.20 -11.44 16.46
CA PHE A 93 -3.32 -10.52 16.61
C PHE A 93 -4.61 -11.30 16.54
N THR A 94 -4.60 -12.42 15.83
CA THR A 94 -5.79 -13.24 15.70
C THR A 94 -6.27 -13.80 17.05
N TRP A 95 -5.33 -14.00 17.98
CA TRP A 95 -5.65 -14.55 19.30
C TRP A 95 -6.47 -13.57 20.16
N ASP A 96 -6.49 -12.31 19.76
CA ASP A 96 -7.23 -11.28 20.50
C ASP A 96 -8.72 -11.40 20.21
N ALA A 97 -9.02 -11.91 19.02
CA ALA A 97 -10.37 -12.17 18.61
C ALA A 97 -11.01 -13.22 19.50
N VAL A 98 -10.25 -14.27 19.79
CA VAL A 98 -10.82 -15.45 20.49
C VAL A 98 -10.56 -15.42 21.99
N ARG A 99 -10.48 -14.20 22.51
CA ARG A 99 -10.20 -13.96 23.90
C ARG A 99 -11.44 -13.32 24.50
N TYR A 100 -12.05 -13.95 25.49
CA TYR A 100 -13.14 -13.30 26.24
C TYR A 100 -12.93 -13.45 27.75
N ASN A 101 -13.26 -12.38 28.46
CA ASN A 101 -12.95 -12.25 29.88
C ASN A 101 -11.58 -12.85 30.18
N GLY A 102 -10.60 -12.51 29.36
CA GLY A 102 -9.22 -12.96 29.54
C GLY A 102 -9.02 -14.46 29.45
N LYS A 103 -9.90 -15.16 28.75
CA LYS A 103 -9.73 -16.58 28.52
C LYS A 103 -9.70 -16.83 27.01
N LEU A 104 -8.78 -17.69 26.57
CA LEU A 104 -8.81 -18.18 25.19
C LEU A 104 -10.01 -19.15 25.03
N ILE A 105 -10.90 -18.80 24.09
CA ILE A 105 -12.20 -19.47 23.94
C ILE A 105 -12.54 -19.97 22.54
N ALA A 106 -11.59 -19.85 21.62
CA ALA A 106 -11.69 -20.44 20.29
C ALA A 106 -10.34 -20.46 19.59
N TYR A 107 -10.28 -21.15 18.46
CA TYR A 107 -9.08 -21.19 17.63
C TYR A 107 -9.31 -20.32 16.39
N PRO A 108 -8.44 -19.32 16.17
CA PRO A 108 -8.61 -18.56 14.95
C PRO A 108 -8.38 -19.43 13.73
N ILE A 109 -9.18 -19.22 12.69
CA ILE A 109 -9.11 -20.03 11.49
C ILE A 109 -8.80 -19.16 10.29
N ALA A 110 -9.78 -18.35 9.93
CA ALA A 110 -9.68 -17.48 8.80
C ALA A 110 -9.87 -16.07 9.28
N VAL A 111 -9.58 -15.15 8.39
CA VAL A 111 -9.47 -13.76 8.75
C VAL A 111 -10.01 -13.00 7.58
N GLU A 112 -10.68 -11.92 7.90
CA GLU A 112 -11.47 -11.23 6.91
C GLU A 112 -11.50 -9.76 7.22
N ALA A 113 -11.39 -8.96 6.17
CA ALA A 113 -11.24 -7.52 6.29
C ALA A 113 -11.47 -6.82 4.97
N LEU A 114 -11.96 -5.58 5.08
CA LEU A 114 -12.07 -4.73 3.92
C LEU A 114 -10.70 -4.44 3.29
N SER A 115 -10.77 -4.34 1.98
CA SER A 115 -9.58 -4.11 1.19
C SER A 115 -9.97 -3.03 0.19
N LEU A 116 -8.98 -2.44 -0.45
CA LEU A 116 -9.28 -1.53 -1.53
C LEU A 116 -9.43 -2.37 -2.77
N ILE A 117 -10.55 -2.20 -3.48
CA ILE A 117 -10.74 -2.87 -4.76
C ILE A 117 -10.81 -1.87 -5.94
N TYR A 118 -10.05 -2.17 -7.00
CA TYR A 118 -9.87 -1.23 -8.10
C TYR A 118 -9.86 -1.86 -9.48
N ASN A 119 -10.28 -1.05 -10.45
CA ASN A 119 -10.36 -1.45 -11.86
C ASN A 119 -9.03 -1.22 -12.54
N LYS A 120 -8.24 -2.28 -12.69
CA LYS A 120 -6.90 -2.19 -13.28
C LYS A 120 -6.91 -1.38 -14.59
N ASP A 121 -7.93 -1.59 -15.40
CA ASP A 121 -8.06 -0.91 -16.70
C ASP A 121 -8.22 0.59 -16.58
N LEU A 122 -9.18 1.02 -15.79
CA LEU A 122 -9.35 2.44 -15.50
C LEU A 122 -8.19 3.01 -14.70
N LEU A 123 -7.59 2.18 -13.84
CA LEU A 123 -6.69 2.64 -12.78
C LEU A 123 -5.60 1.61 -12.54
N PRO A 124 -4.52 1.66 -13.34
CA PRO A 124 -3.45 0.66 -13.22
C PRO A 124 -2.74 0.79 -11.90
N ASN A 125 -2.51 2.03 -11.50
CA ASN A 125 -1.81 2.32 -10.26
C ASN A 125 -2.78 2.97 -9.30
N PRO A 126 -3.37 2.17 -8.40
CA PRO A 126 -4.31 2.76 -7.49
C PRO A 126 -3.59 3.60 -6.43
N PRO A 127 -4.31 4.56 -5.84
CA PRO A 127 -3.71 5.48 -4.88
C PRO A 127 -3.30 4.82 -3.56
N LYS A 128 -2.17 5.26 -3.05
CA LYS A 128 -1.69 4.86 -1.75
C LYS A 128 -2.40 5.60 -0.63
N THR A 129 -3.09 6.66 -1.02
CA THR A 129 -3.39 7.75 -0.12
C THR A 129 -4.77 8.33 -0.34
N TRP A 130 -5.54 8.37 0.72
CA TRP A 130 -6.87 9.01 0.69
C TRP A 130 -6.79 10.43 0.12
N GLU A 131 -5.81 11.19 0.59
CA GLU A 131 -5.67 12.56 0.17
C GLU A 131 -5.66 12.71 -1.37
N GLU A 132 -5.43 11.61 -2.10
CA GLU A 132 -5.24 11.64 -3.58
C GLU A 132 -6.54 11.67 -4.33
N ILE A 133 -7.56 11.18 -3.65
CA ILE A 133 -8.75 10.74 -4.36
C ILE A 133 -9.52 11.88 -5.04
N PRO A 134 -9.60 13.05 -4.41
CA PRO A 134 -10.28 14.15 -5.07
C PRO A 134 -9.68 14.43 -6.42
N ALA A 135 -8.36 14.51 -6.45
CA ALA A 135 -7.63 14.81 -7.67
C ALA A 135 -7.87 13.69 -8.67
N LEU A 136 -7.59 12.48 -8.23
CA LEU A 136 -7.87 11.30 -9.03
C LEU A 136 -9.27 11.32 -9.69
N ASP A 137 -10.26 11.65 -8.88
CA ASP A 137 -11.65 11.73 -9.30
C ASP A 137 -11.86 12.83 -10.37
N LYS A 138 -11.38 14.03 -10.08
CA LYS A 138 -11.54 15.15 -11.01
C LYS A 138 -11.16 14.68 -12.40
N GLU A 139 -10.09 13.91 -12.48
CA GLU A 139 -9.64 13.32 -13.73
C GLU A 139 -10.69 12.36 -14.35
N LEU A 140 -11.10 11.37 -13.59
CA LEU A 140 -11.96 10.32 -14.13
C LEU A 140 -13.32 10.85 -14.55
N LYS A 141 -13.84 11.84 -13.81
CA LYS A 141 -15.12 12.48 -14.14
C LYS A 141 -15.08 13.23 -15.49
N ALA A 142 -14.00 13.96 -15.72
CA ALA A 142 -13.76 14.55 -17.02
C ALA A 142 -13.76 13.49 -18.14
N LYS A 143 -13.27 12.29 -17.82
CA LYS A 143 -13.33 11.12 -18.72
C LYS A 143 -14.60 10.26 -18.51
N GLY A 144 -15.65 10.85 -17.93
CA GLY A 144 -16.95 10.16 -17.82
C GLY A 144 -17.04 9.02 -16.83
N LYS A 145 -16.10 8.94 -15.88
CA LYS A 145 -16.06 7.88 -14.85
C LYS A 145 -15.96 8.51 -13.48
N SER A 146 -15.72 7.70 -12.45
CA SER A 146 -15.56 8.21 -11.08
C SER A 146 -14.44 7.47 -10.32
N ALA A 147 -13.70 8.19 -9.49
CA ALA A 147 -12.60 7.56 -8.74
C ALA A 147 -13.09 6.43 -7.85
N LEU A 148 -14.02 6.74 -6.96
CA LEU A 148 -14.36 5.84 -5.87
C LEU A 148 -15.82 5.86 -5.50
N MET A 149 -16.38 4.66 -5.40
CA MET A 149 -17.68 4.46 -4.77
C MET A 149 -17.66 3.27 -3.84
N PHE A 150 -18.03 3.51 -2.59
CA PHE A 150 -18.29 2.44 -1.62
C PHE A 150 -19.46 2.79 -0.70
N ASN A 151 -19.87 1.80 0.09
CA ASN A 151 -21.04 1.90 0.92
C ASN A 151 -20.86 2.86 2.06
N LEU A 152 -21.40 4.07 1.93
CA LEU A 152 -21.17 5.10 2.94
C LEU A 152 -22.27 5.10 4.02
N GLN A 153 -23.11 4.07 3.98
CA GLN A 153 -24.29 4.03 4.84
C GLN A 153 -23.99 3.47 6.22
N GLU A 154 -22.98 2.60 6.32
CA GLU A 154 -22.73 1.89 7.55
C GLU A 154 -21.26 1.97 7.96
N PRO A 155 -21.00 2.25 9.25
CA PRO A 155 -19.66 2.39 9.81
C PRO A 155 -18.70 1.26 9.54
N TYR A 156 -19.20 0.02 9.44
CA TYR A 156 -18.35 -1.10 9.09
C TYR A 156 -17.46 -0.72 7.92
N PHE A 157 -18.07 0.03 6.99
CA PHE A 157 -17.38 0.42 5.78
C PHE A 157 -16.69 1.73 5.89
N THR A 158 -17.28 2.67 6.61
CA THR A 158 -16.68 4.02 6.70
C THR A 158 -15.58 4.11 7.77
N TRP A 159 -15.77 3.37 8.85
CA TRP A 159 -14.86 3.41 9.96
C TRP A 159 -13.36 3.35 9.62
N PRO A 160 -12.97 2.51 8.67
CA PRO A 160 -11.54 2.41 8.39
C PRO A 160 -10.81 3.75 8.22
N LEU A 161 -11.40 4.66 7.47
CA LEU A 161 -10.85 6.01 7.26
C LEU A 161 -10.94 6.81 8.56
N ILE A 162 -12.08 6.68 9.22
CA ILE A 162 -12.34 7.35 10.48
C ILE A 162 -11.36 6.95 11.57
N ALA A 163 -10.86 5.72 11.52
CA ALA A 163 -9.94 5.19 12.54
C ALA A 163 -8.48 5.51 12.24
N ALA A 164 -8.21 5.82 10.98
CA ALA A 164 -6.84 6.04 10.52
C ALA A 164 -6.00 6.99 11.36
N ASP A 165 -6.53 8.19 11.61
CA ASP A 165 -5.73 9.24 12.31
C ASP A 165 -5.84 9.10 13.82
N GLY A 166 -6.68 8.17 14.27
CA GLY A 166 -6.72 7.79 15.70
C GLY A 166 -8.08 7.47 16.32
N GLY A 167 -9.12 7.38 15.52
CA GLY A 167 -10.41 6.95 16.03
C GLY A 167 -10.28 5.53 16.52
N TYR A 168 -11.15 5.13 17.45
CA TYR A 168 -11.25 3.74 17.85
C TYR A 168 -12.56 3.49 18.57
N ALA A 169 -12.97 2.23 18.60
CA ALA A 169 -14.24 1.87 19.16
C ALA A 169 -14.14 1.79 20.67
N PHE A 170 -13.36 0.83 21.16
CA PHE A 170 -13.10 0.73 22.59
C PHE A 170 -11.64 0.43 22.76
N LYS A 171 -10.98 1.24 23.59
CA LYS A 171 -9.58 1.03 23.91
C LYS A 171 -9.40 -0.39 24.47
N TYR A 172 -8.58 -1.15 23.74
CA TYR A 172 -8.23 -2.52 24.08
C TYR A 172 -6.79 -2.50 24.61
N GLU A 173 -6.60 -2.92 25.86
CA GLU A 173 -5.27 -3.04 26.43
C GLU A 173 -4.87 -4.46 26.86
N ASN A 174 -5.11 -4.78 28.12
CA ASN A 174 -4.59 -6.01 28.69
C ASN A 174 -5.52 -7.15 28.34
N GLY A 175 -5.77 -7.35 27.04
CA GLY A 175 -6.82 -8.25 26.61
C GLY A 175 -8.12 -7.84 27.28
N LYS A 176 -8.23 -6.55 27.54
CA LYS A 176 -9.42 -5.91 28.10
C LYS A 176 -9.82 -4.73 27.24
N TYR A 177 -11.10 -4.66 26.93
CA TYR A 177 -11.69 -3.49 26.30
C TYR A 177 -12.20 -2.59 27.39
N ASP A 178 -11.66 -1.39 27.52
CA ASP A 178 -12.24 -0.45 28.48
C ASP A 178 -13.55 0.06 27.90
N ILE A 179 -14.60 -0.65 28.27
CA ILE A 179 -16.00 -0.27 28.07
C ILE A 179 -16.24 1.25 28.19
N LYS A 180 -15.46 1.91 29.03
CA LYS A 180 -15.62 3.35 29.30
C LYS A 180 -14.75 4.24 28.41
N ASP A 181 -13.75 3.64 27.74
CA ASP A 181 -12.77 4.37 26.89
C ASP A 181 -13.08 4.25 25.39
N VAL A 182 -13.80 5.24 24.87
CA VAL A 182 -14.29 5.20 23.49
C VAL A 182 -13.65 6.27 22.59
N GLY A 183 -13.30 5.90 21.36
CA GLY A 183 -12.57 6.83 20.47
C GLY A 183 -13.37 7.39 19.28
N VAL A 184 -14.51 7.98 19.58
CA VAL A 184 -15.45 8.48 18.56
C VAL A 184 -15.44 10.00 18.50
N ASP A 185 -15.28 10.61 19.68
CA ASP A 185 -15.13 12.06 19.91
C ASP A 185 -13.81 12.60 19.45
N ASN A 186 -12.79 11.77 19.38
CA ASN A 186 -11.40 12.29 19.34
C ASN A 186 -10.95 12.88 17.98
N ALA A 187 -9.80 13.54 17.99
CA ALA A 187 -9.25 14.20 16.79
C ALA A 187 -9.11 13.25 15.60
N GLY A 188 -8.52 12.09 15.85
CA GLY A 188 -8.30 11.11 14.81
C GLY A 188 -9.56 10.79 14.05
N ALA A 189 -10.67 10.76 14.78
CA ALA A 189 -11.96 10.40 14.20
C ALA A 189 -12.54 11.59 13.46
N LYS A 190 -12.29 12.78 14.01
CA LYS A 190 -12.76 14.04 13.39
C LYS A 190 -12.15 14.18 12.01
N ALA A 191 -10.87 13.90 11.94
CA ALA A 191 -10.14 14.12 10.72
C ALA A 191 -10.63 13.17 9.64
N GLY A 192 -10.74 11.90 10.00
CA GLY A 192 -11.27 10.92 9.06
C GLY A 192 -12.66 11.28 8.53
N LEU A 193 -13.56 11.60 9.44
CA LEU A 193 -14.94 11.86 9.06
C LEU A 193 -15.02 13.12 8.24
N THR A 194 -14.22 14.09 8.67
CA THR A 194 -14.17 15.40 8.04
C THR A 194 -13.74 15.29 6.60
N PHE A 195 -12.67 14.55 6.40
CA PHE A 195 -12.15 14.30 5.07
C PHE A 195 -13.13 13.48 4.23
N LEU A 196 -13.81 12.55 4.89
CA LEU A 196 -14.82 11.78 4.23
C LEU A 196 -15.87 12.75 3.81
N VAL A 197 -16.38 13.51 4.76
CA VAL A 197 -17.48 14.40 4.47
C VAL A 197 -17.10 15.35 3.33
N ASP A 198 -15.84 15.71 3.27
CA ASP A 198 -15.41 16.63 2.25
C ASP A 198 -15.51 16.02 0.88
N LEU A 199 -15.12 14.76 0.76
CA LEU A 199 -15.25 14.09 -0.53
C LEU A 199 -16.64 14.33 -1.03
N ILE A 200 -17.57 14.07 -0.14
CA ILE A 200 -18.97 14.30 -0.41
C ILE A 200 -19.25 15.75 -0.78
N LYS A 201 -18.87 16.67 0.12
CA LYS A 201 -19.10 18.11 -0.08
C LYS A 201 -18.61 18.56 -1.46
N ASN A 202 -17.40 18.13 -1.79
CA ASN A 202 -16.76 18.43 -3.06
C ASN A 202 -17.22 17.53 -4.18
N LYS A 203 -18.26 16.75 -3.89
CA LYS A 203 -18.90 15.91 -4.89
C LYS A 203 -17.96 14.87 -5.46
N HIS A 204 -17.03 14.39 -4.66
CA HIS A 204 -16.21 13.25 -5.07
C HIS A 204 -16.86 11.91 -4.75
N MET A 205 -17.83 11.95 -3.85
CA MET A 205 -18.71 10.82 -3.56
C MET A 205 -20.09 11.39 -3.23
N ASN A 206 -21.09 10.51 -3.27
CA ASN A 206 -22.48 10.89 -3.00
C ASN A 206 -22.87 10.29 -1.63
N ALA A 207 -23.55 11.09 -0.81
CA ALA A 207 -23.91 10.68 0.54
C ALA A 207 -24.89 9.49 0.48
N ASP A 208 -25.77 9.51 -0.51
CA ASP A 208 -26.74 8.42 -0.74
C ASP A 208 -26.10 7.07 -1.18
N THR A 209 -24.81 7.05 -1.50
CA THR A 209 -24.21 5.81 -1.98
C THR A 209 -24.20 4.69 -0.92
N ASP A 210 -24.96 3.62 -1.22
CA ASP A 210 -24.96 2.40 -0.41
C ASP A 210 -24.20 1.24 -1.06
N TYR A 211 -24.50 0.01 -0.65
CA TYR A 211 -23.73 -1.16 -1.09
C TYR A 211 -24.02 -1.50 -2.54
N SER A 212 -25.28 -1.65 -2.87
CA SER A 212 -25.66 -2.08 -4.23
C SER A 212 -25.30 -1.05 -5.28
N ILE A 213 -25.56 0.21 -5.00
CA ILE A 213 -25.13 1.26 -5.91
C ILE A 213 -23.64 1.12 -6.17
N ALA A 214 -22.89 1.07 -5.09
CA ALA A 214 -21.41 0.89 -5.15
C ALA A 214 -21.03 -0.36 -5.92
N GLU A 215 -21.64 -1.49 -5.59
CA GLU A 215 -21.30 -2.73 -6.27
C GLU A 215 -21.67 -2.66 -7.74
N ALA A 216 -22.86 -2.17 -8.01
CA ALA A 216 -23.34 -2.04 -9.39
C ALA A 216 -22.35 -1.22 -10.16
N ALA A 217 -21.95 -0.09 -9.56
CA ALA A 217 -21.12 0.89 -10.24
C ALA A 217 -19.78 0.29 -10.55
N PHE A 218 -19.21 -0.42 -9.58
CA PHE A 218 -17.85 -0.94 -9.76
C PHE A 218 -17.90 -2.09 -10.76
N ASN A 219 -18.86 -2.98 -10.61
CA ASN A 219 -18.93 -4.12 -11.51
C ASN A 219 -19.37 -3.82 -12.95
N LYS A 220 -19.95 -2.64 -13.18
CA LYS A 220 -20.31 -2.19 -14.54
C LYS A 220 -19.18 -1.41 -15.23
N GLY A 221 -18.15 -1.07 -14.46
CA GLY A 221 -17.02 -0.28 -14.97
C GLY A 221 -17.25 1.23 -14.91
N GLU A 222 -18.21 1.65 -14.08
CA GLU A 222 -18.58 3.05 -13.94
C GLU A 222 -17.64 3.85 -13.01
N THR A 223 -17.08 3.16 -12.02
CA THR A 223 -16.15 3.78 -11.07
C THR A 223 -14.88 2.95 -10.97
N ALA A 224 -13.80 3.63 -10.63
CA ALA A 224 -12.47 3.06 -10.68
C ALA A 224 -12.20 2.21 -9.44
N MET A 225 -12.83 2.57 -8.33
CA MET A 225 -12.53 1.96 -7.04
C MET A 225 -13.75 1.72 -6.17
N THR A 226 -13.62 0.71 -5.32
CA THR A 226 -14.56 0.46 -4.26
C THR A 226 -13.86 -0.15 -3.08
N ILE A 227 -14.57 -0.20 -1.98
CA ILE A 227 -14.10 -0.86 -0.77
C ILE A 227 -15.10 -1.97 -0.44
N ASN A 228 -14.59 -3.20 -0.43
CA ASN A 228 -15.40 -4.33 -0.06
C ASN A 228 -14.51 -5.46 0.46
N GLY A 229 -15.15 -6.50 0.96
CA GLY A 229 -14.48 -7.66 1.49
C GLY A 229 -14.63 -8.87 0.59
N PRO A 230 -13.81 -9.88 0.85
CA PRO A 230 -13.69 -11.05 -0.03
C PRO A 230 -15.02 -11.65 -0.51
N TRP A 231 -16.06 -11.54 0.28
CA TRP A 231 -17.38 -12.02 -0.13
C TRP A 231 -17.77 -11.40 -1.49
N ALA A 232 -17.32 -10.16 -1.71
CA ALA A 232 -17.66 -9.39 -2.88
C ALA A 232 -16.86 -9.77 -4.13
N TRP A 233 -15.75 -10.45 -3.94
CA TRP A 233 -14.90 -10.90 -5.05
C TRP A 233 -15.69 -11.68 -6.10
N SER A 234 -16.27 -12.79 -5.70
CA SER A 234 -17.02 -13.65 -6.62
C SER A 234 -17.84 -12.81 -7.63
N ASN A 235 -18.65 -11.89 -7.11
CA ASN A 235 -19.53 -11.12 -7.99
C ASN A 235 -18.79 -10.29 -9.01
N ILE A 236 -17.59 -9.86 -8.68
CA ILE A 236 -16.75 -9.18 -9.65
C ILE A 236 -16.28 -10.21 -10.67
N ASP A 237 -15.85 -11.38 -10.19
CA ASP A 237 -15.37 -12.42 -11.08
C ASP A 237 -16.38 -12.60 -12.22
N THR A 238 -17.62 -12.88 -11.82
CA THR A 238 -18.74 -12.99 -12.76
C THR A 238 -18.86 -11.72 -13.65
N SER A 239 -18.53 -10.56 -13.09
CA SER A 239 -18.58 -9.29 -13.83
C SER A 239 -17.53 -9.15 -14.91
N LYS A 240 -16.51 -10.02 -14.91
CA LYS A 240 -15.47 -9.99 -15.95
C LYS A 240 -14.69 -8.65 -15.94
N VAL A 241 -14.97 -7.80 -14.96
CA VAL A 241 -14.23 -6.54 -14.79
C VAL A 241 -12.83 -6.91 -14.40
N ASN A 242 -11.86 -6.21 -14.97
CA ASN A 242 -10.47 -6.51 -14.66
C ASN A 242 -10.10 -5.84 -13.34
N TYR A 243 -10.10 -6.62 -12.27
CA TYR A 243 -9.87 -6.01 -10.96
C TYR A 243 -8.68 -6.51 -10.18
N GLY A 244 -8.28 -5.64 -9.26
CA GLY A 244 -7.23 -5.87 -8.30
C GLY A 244 -7.72 -5.51 -6.90
N VAL A 245 -7.13 -6.17 -5.92
CA VAL A 245 -7.48 -5.99 -4.53
C VAL A 245 -6.20 -5.66 -3.81
N THR A 246 -6.20 -4.57 -3.05
CA THR A 246 -4.97 -4.07 -2.45
C THR A 246 -5.20 -3.34 -1.13
N VAL A 247 -4.09 -2.89 -0.57
CA VAL A 247 -4.03 -2.12 0.68
C VAL A 247 -4.99 -0.94 0.59
N LEU A 248 -5.65 -0.62 1.69
CA LEU A 248 -6.50 0.58 1.75
C LEU A 248 -5.61 1.80 1.76
N PRO A 249 -6.14 2.93 1.29
CA PRO A 249 -5.28 4.13 1.29
C PRO A 249 -4.91 4.63 2.69
N THR A 250 -3.74 5.25 2.79
CA THR A 250 -3.35 5.83 4.06
C THR A 250 -4.16 7.06 4.20
N PHE A 251 -4.32 7.50 5.44
CA PHE A 251 -4.81 8.83 5.70
C PHE A 251 -3.90 9.52 6.69
N LYS A 252 -3.54 10.75 6.37
CA LYS A 252 -2.51 11.44 7.14
C LYS A 252 -1.38 10.44 7.39
N GLY A 253 -0.97 9.80 6.31
CA GLY A 253 0.14 8.85 6.35
C GLY A 253 -0.02 7.66 7.27
N GLN A 254 -1.21 7.46 7.81
CA GLN A 254 -1.46 6.37 8.73
C GLN A 254 -2.40 5.41 8.04
N PRO A 255 -2.22 4.11 8.25
CA PRO A 255 -3.04 3.16 7.52
C PRO A 255 -4.52 3.20 7.92
N SER A 256 -5.40 2.81 7.02
CA SER A 256 -6.82 2.73 7.36
C SER A 256 -7.02 1.48 8.21
N LYS A 257 -7.97 1.51 9.13
CA LYS A 257 -8.08 0.48 10.14
C LYS A 257 -9.45 -0.16 10.01
N PRO A 258 -9.56 -1.18 9.18
CA PRO A 258 -10.82 -1.86 9.07
C PRO A 258 -11.00 -2.88 10.18
N PHE A 259 -12.25 -3.13 10.55
CA PHE A 259 -12.53 -4.10 11.60
C PHE A 259 -12.32 -5.49 11.04
N VAL A 260 -11.69 -6.35 11.83
CA VAL A 260 -11.25 -7.63 11.34
C VAL A 260 -12.26 -8.62 11.82
N GLY A 261 -12.57 -9.56 10.94
CA GLY A 261 -13.49 -10.60 11.22
C GLY A 261 -12.76 -11.91 11.15
N VAL A 262 -12.66 -12.56 12.31
CA VAL A 262 -11.97 -13.84 12.45
C VAL A 262 -12.91 -15.05 12.54
N LEU A 263 -12.92 -15.82 11.47
CA LEU A 263 -13.61 -17.09 11.48
C LEU A 263 -12.86 -17.95 12.45
N SER A 264 -13.55 -18.41 13.49
CA SER A 264 -12.87 -19.05 14.59
C SER A 264 -13.64 -20.24 15.11
N ALA A 265 -12.89 -21.23 15.61
CA ALA A 265 -13.45 -22.52 16.01
C ALA A 265 -13.37 -22.76 17.52
N GLY A 266 -14.53 -22.72 18.16
CA GLY A 266 -14.65 -22.91 19.59
C GLY A 266 -15.16 -24.31 19.92
N ILE A 267 -14.95 -24.71 21.16
CA ILE A 267 -15.39 -26.00 21.65
C ILE A 267 -16.42 -25.82 22.75
N ASN A 268 -17.50 -26.59 22.63
CA ASN A 268 -18.60 -26.48 23.56
C ASN A 268 -18.11 -26.81 24.95
N ALA A 269 -18.41 -25.94 25.91
CA ALA A 269 -18.21 -26.28 27.32
C ALA A 269 -18.87 -27.63 27.67
N ALA A 270 -20.01 -27.94 27.05
CA ALA A 270 -20.69 -29.21 27.28
C ALA A 270 -19.99 -30.48 26.74
N SER A 271 -19.13 -30.33 25.74
CA SER A 271 -18.56 -31.52 25.06
C SER A 271 -17.64 -32.32 25.98
N PRO A 272 -17.76 -33.65 25.97
CA PRO A 272 -16.82 -34.49 26.69
C PRO A 272 -15.58 -34.75 25.84
N ASN A 273 -15.59 -34.27 24.61
CA ASN A 273 -14.49 -34.52 23.68
C ASN A 273 -13.50 -33.37 23.64
N LYS A 274 -13.48 -32.57 24.70
CA LYS A 274 -12.63 -31.37 24.75
C LYS A 274 -11.19 -31.66 24.39
N GLU A 275 -10.67 -32.77 24.88
CA GLU A 275 -9.29 -33.19 24.62
C GLU A 275 -9.12 -33.68 23.18
N LEU A 276 -10.14 -34.36 22.66
CA LEU A 276 -10.09 -34.95 21.32
C LEU A 276 -10.28 -33.84 20.27
N ALA A 277 -11.20 -32.93 20.57
CA ALA A 277 -11.41 -31.73 19.77
C ALA A 277 -10.11 -30.96 19.56
N LYS A 278 -9.44 -30.66 20.67
CA LYS A 278 -8.15 -29.95 20.68
C LYS A 278 -7.15 -30.65 19.78
N GLU A 279 -7.02 -31.95 19.93
CA GLU A 279 -6.16 -32.77 19.08
C GLU A 279 -6.53 -32.60 17.60
N PHE A 280 -7.83 -32.58 17.30
CA PHE A 280 -8.32 -32.43 15.93
C PHE A 280 -7.99 -31.05 15.32
N LEU A 281 -8.37 -29.99 16.03
CA LEU A 281 -8.19 -28.65 15.52
C LEU A 281 -6.71 -28.30 15.41
N GLU A 282 -5.95 -28.57 16.47
CA GLU A 282 -4.54 -28.17 16.54
C GLU A 282 -3.69 -28.93 15.53
N ASN A 283 -3.83 -30.25 15.54
CA ASN A 283 -2.92 -31.13 14.84
C ASN A 283 -3.42 -31.65 13.49
N TYR A 284 -4.67 -31.37 13.14
CA TYR A 284 -5.26 -31.85 11.88
C TYR A 284 -5.81 -30.75 10.99
N LEU A 285 -6.77 -29.99 11.51
CA LEU A 285 -7.37 -28.90 10.76
C LEU A 285 -6.39 -27.76 10.54
N LEU A 286 -5.84 -27.23 11.64
CA LEU A 286 -4.90 -26.10 11.59
C LEU A 286 -3.49 -26.48 11.16
N THR A 287 -3.38 -26.86 9.89
CA THR A 287 -2.12 -27.25 9.26
C THR A 287 -2.24 -26.90 7.79
N ASP A 288 -1.10 -26.82 7.11
CA ASP A 288 -1.10 -26.56 5.67
C ASP A 288 -2.10 -27.52 4.98
N GLU A 289 -1.88 -28.82 5.15
CA GLU A 289 -2.74 -29.86 4.56
C GLU A 289 -4.19 -29.63 4.92
N GLY A 290 -4.45 -29.46 6.21
CA GLY A 290 -5.81 -29.37 6.78
C GLY A 290 -6.64 -28.17 6.35
N LEU A 291 -5.99 -27.03 6.16
CA LEU A 291 -6.66 -25.82 5.69
C LEU A 291 -6.81 -25.82 4.18
N GLU A 292 -5.82 -26.39 3.48
CA GLU A 292 -5.93 -26.60 2.02
C GLU A 292 -7.10 -27.50 1.66
N ALA A 293 -7.34 -28.50 2.50
CA ALA A 293 -8.47 -29.40 2.33
C ALA A 293 -9.77 -28.62 2.31
N VAL A 294 -9.89 -27.71 3.26
CA VAL A 294 -11.06 -26.86 3.37
C VAL A 294 -11.12 -25.81 2.26
N ASN A 295 -10.01 -25.10 2.09
CA ASN A 295 -9.91 -24.01 1.12
C ASN A 295 -10.25 -24.50 -0.27
N LYS A 296 -9.68 -25.66 -0.63
CA LYS A 296 -9.93 -26.32 -1.92
C LYS A 296 -11.42 -26.49 -2.19
N ASP A 297 -12.18 -26.85 -1.16
CA ASP A 297 -13.65 -26.98 -1.27
C ASP A 297 -14.29 -25.60 -1.42
N LYS A 298 -14.11 -24.76 -0.41
CA LYS A 298 -14.62 -23.38 -0.45
C LYS A 298 -13.66 -22.43 0.23
N PRO A 299 -13.05 -21.51 -0.55
CA PRO A 299 -11.92 -20.67 -0.11
C PRO A 299 -12.11 -19.97 1.24
N LEU A 300 -11.13 -20.15 2.13
CA LEU A 300 -11.17 -19.56 3.46
C LEU A 300 -10.82 -18.05 3.45
N GLY A 301 -10.39 -17.53 2.31
CA GLY A 301 -9.85 -16.16 2.25
C GLY A 301 -8.45 -16.17 2.85
N ALA A 302 -8.14 -15.19 3.68
CA ALA A 302 -6.89 -15.22 4.40
C ALA A 302 -7.09 -16.04 5.66
N VAL A 303 -6.02 -16.71 6.09
CA VAL A 303 -6.06 -17.62 7.23
C VAL A 303 -5.10 -17.20 8.32
N ALA A 304 -5.42 -17.64 9.53
CA ALA A 304 -4.64 -17.32 10.74
C ALA A 304 -3.31 -18.09 10.82
N LEU A 305 -3.30 -19.28 10.24
CA LEU A 305 -2.12 -20.14 10.25
C LEU A 305 -1.04 -19.51 9.39
N LYS A 306 0.02 -19.04 10.04
CA LYS A 306 1.07 -18.34 9.33
C LYS A 306 1.52 -19.17 8.15
N SER A 307 1.83 -20.44 8.39
CA SER A 307 2.46 -21.27 7.36
C SER A 307 1.63 -21.25 6.08
N TYR A 308 0.34 -21.53 6.19
CA TYR A 308 -0.51 -21.65 5.01
C TYR A 308 -0.89 -20.32 4.39
N GLU A 309 -1.02 -19.30 5.22
CA GLU A 309 -1.36 -17.98 4.71
C GLU A 309 -0.30 -17.57 3.74
N GLU A 310 0.94 -17.91 4.06
CA GLU A 310 2.07 -17.56 3.22
C GLU A 310 1.91 -18.20 1.85
N GLU A 311 1.39 -19.42 1.80
CA GLU A 311 1.00 -20.04 0.52
C GLU A 311 -0.12 -19.25 -0.14
N LEU A 312 -1.15 -18.96 0.63
CA LEU A 312 -2.34 -18.30 0.08
C LEU A 312 -2.01 -16.90 -0.42
N ALA A 313 -1.27 -16.16 0.39
CA ALA A 313 -0.86 -14.81 0.03
C ALA A 313 -0.08 -14.73 -1.28
N LYS A 314 0.14 -15.86 -1.93
CA LYS A 314 0.62 -15.84 -3.31
C LYS A 314 -0.40 -15.09 -4.16
N ASP A 315 -1.68 -15.33 -3.86
CA ASP A 315 -2.78 -14.57 -4.45
C ASP A 315 -2.82 -13.22 -3.75
N PRO A 316 -2.47 -12.16 -4.49
CA PRO A 316 -2.27 -10.83 -3.92
C PRO A 316 -3.57 -10.25 -3.35
N ARG A 317 -4.71 -10.78 -3.78
CA ARG A 317 -5.99 -10.38 -3.20
C ARG A 317 -6.06 -10.80 -1.76
N ILE A 318 -5.74 -12.07 -1.52
CA ILE A 318 -5.64 -12.58 -0.15
C ILE A 318 -4.56 -11.83 0.64
N ALA A 319 -3.39 -11.72 0.04
CA ALA A 319 -2.34 -10.96 0.66
C ALA A 319 -2.89 -9.69 1.25
N ALA A 320 -3.73 -9.02 0.46
CA ALA A 320 -4.21 -7.68 0.81
C ALA A 320 -5.30 -7.72 1.90
N THR A 321 -6.15 -8.74 1.87
CA THR A 321 -7.07 -8.94 3.01
C THR A 321 -6.25 -9.01 4.30
N MET A 322 -5.12 -9.72 4.21
CA MET A 322 -4.19 -9.85 5.34
C MET A 322 -3.48 -8.57 5.72
N GLU A 323 -3.00 -7.82 4.72
CA GLU A 323 -2.23 -6.59 5.01
C GLU A 323 -3.15 -5.63 5.73
N ASN A 324 -4.41 -5.66 5.31
CA ASN A 324 -5.41 -4.73 5.83
C ASN A 324 -5.97 -5.19 7.15
N ALA A 325 -6.06 -6.50 7.35
CA ALA A 325 -6.52 -7.04 8.63
C ALA A 325 -5.49 -6.70 9.71
N GLN A 326 -4.21 -6.94 9.39
CA GLN A 326 -3.14 -6.65 10.32
C GLN A 326 -3.03 -5.16 10.68
N LYS A 327 -3.15 -4.29 9.69
CA LYS A 327 -3.20 -2.84 9.98
C LYS A 327 -4.49 -2.41 10.65
N GLY A 328 -5.51 -3.26 10.57
CA GLY A 328 -6.82 -2.96 11.16
C GLY A 328 -6.91 -3.25 12.64
N GLU A 329 -8.14 -3.40 13.12
CA GLU A 329 -8.40 -3.68 14.54
C GLU A 329 -9.38 -4.83 14.65
N ILE A 330 -9.12 -5.78 15.52
CA ILE A 330 -10.05 -6.89 15.78
C ILE A 330 -11.42 -6.35 16.20
N MET A 331 -12.46 -6.71 15.46
CA MET A 331 -13.81 -6.27 15.79
C MET A 331 -14.23 -6.73 17.16
N PRO A 332 -14.43 -5.79 18.11
CA PRO A 332 -14.83 -6.20 19.47
C PRO A 332 -16.09 -7.05 19.48
N ASN A 333 -16.05 -8.18 20.18
CA ASN A 333 -17.20 -9.11 20.28
C ASN A 333 -18.08 -8.84 21.48
N ILE A 334 -17.93 -7.66 22.07
CA ILE A 334 -18.62 -7.28 23.29
C ILE A 334 -20.02 -6.72 22.98
N PRO A 335 -20.90 -6.69 23.99
CA PRO A 335 -22.28 -6.25 23.75
C PRO A 335 -22.39 -4.77 23.40
N GLN A 336 -21.38 -4.01 23.81
CA GLN A 336 -21.38 -2.58 23.59
C GLN A 336 -21.17 -2.19 22.13
N MET A 337 -20.59 -3.08 21.32
CA MET A 337 -20.33 -2.77 19.90
C MET A 337 -21.58 -2.29 19.19
N SER A 338 -22.70 -2.95 19.45
CA SER A 338 -23.96 -2.49 18.87
C SER A 338 -24.11 -1.00 19.14
N ALA A 339 -24.14 -0.63 20.41
CA ALA A 339 -24.30 0.76 20.79
C ALA A 339 -23.32 1.66 20.03
N PHE A 340 -22.12 1.16 19.77
CA PHE A 340 -21.11 1.87 18.99
C PHE A 340 -21.50 1.99 17.54
N TRP A 341 -21.82 0.86 16.92
CA TRP A 341 -22.24 0.79 15.53
C TRP A 341 -23.33 1.82 15.25
N TYR A 342 -24.37 1.81 16.07
CA TYR A 342 -25.49 2.72 15.85
C TYR A 342 -25.16 4.19 16.15
N ALA A 343 -24.31 4.44 17.12
CA ALA A 343 -23.88 5.81 17.40
C ALA A 343 -23.12 6.43 16.23
N VAL A 344 -22.26 5.62 15.63
CA VAL A 344 -21.39 6.09 14.56
C VAL A 344 -22.15 6.14 13.23
N ARG A 345 -23.06 5.20 13.03
CA ARG A 345 -23.90 5.26 11.85
C ARG A 345 -24.61 6.59 11.75
N THR A 346 -25.21 6.96 12.86
CA THR A 346 -25.92 8.21 12.98
C THR A 346 -24.96 9.41 12.85
N ALA A 347 -23.79 9.29 13.44
CA ALA A 347 -22.78 10.30 13.23
C ALA A 347 -22.62 10.56 11.75
N VAL A 348 -22.34 9.50 11.01
CA VAL A 348 -21.86 9.64 9.61
C VAL A 348 -22.97 10.09 8.70
N ILE A 349 -24.17 9.62 9.00
CA ILE A 349 -25.34 9.95 8.19
C ILE A 349 -25.54 11.43 8.23
N ASN A 350 -25.47 11.96 9.42
CA ASN A 350 -25.77 13.38 9.63
C ASN A 350 -24.71 14.35 9.21
N ALA A 351 -23.45 13.93 9.27
CA ALA A 351 -22.31 14.78 8.85
C ALA A 351 -22.18 14.72 7.34
N ALA A 352 -22.52 13.57 6.77
CA ALA A 352 -22.57 13.39 5.33
C ALA A 352 -23.71 14.17 4.77
N SER A 353 -24.81 14.24 5.50
CA SER A 353 -25.96 15.05 5.09
C SER A 353 -25.60 16.52 5.01
N GLY A 354 -24.73 16.97 5.91
CA GLY A 354 -24.48 18.37 6.07
C GLY A 354 -25.45 19.01 7.03
N ARG A 355 -26.47 18.29 7.45
CA ARG A 355 -27.40 18.86 8.44
C ARG A 355 -26.74 18.99 9.83
N GLN A 356 -25.48 18.55 9.95
CA GLN A 356 -24.83 18.57 11.24
C GLN A 356 -23.34 18.43 11.09
N THR A 357 -22.60 19.30 11.79
CA THR A 357 -21.16 19.31 11.79
C THR A 357 -20.55 18.01 12.30
N VAL A 358 -19.35 17.72 11.82
CA VAL A 358 -18.55 16.57 12.25
C VAL A 358 -18.45 16.58 13.77
N ASP A 359 -17.93 17.66 14.35
CA ASP A 359 -17.75 17.71 15.80
C ASP A 359 -19.02 17.33 16.56
N ALA A 360 -20.14 17.94 16.19
CA ALA A 360 -21.38 17.73 16.90
C ALA A 360 -21.92 16.31 16.64
N ALA A 361 -21.67 15.80 15.43
CA ALA A 361 -22.09 14.46 15.08
C ALA A 361 -21.35 13.48 15.99
N LEU A 362 -20.02 13.58 15.99
CA LEU A 362 -19.20 12.63 16.70
C LEU A 362 -19.23 12.82 18.20
N ALA A 363 -19.46 14.04 18.67
CA ALA A 363 -19.63 14.29 20.09
C ALA A 363 -20.90 13.60 20.63
N ALA A 364 -21.89 13.54 19.76
CA ALA A 364 -23.16 12.95 20.09
C ALA A 364 -23.01 11.42 20.11
N ALA A 365 -22.18 10.95 19.19
CA ALA A 365 -21.96 9.53 19.01
C ALA A 365 -21.06 8.97 20.09
N GLN A 366 -20.05 9.72 20.50
CA GLN A 366 -19.23 9.34 21.63
C GLN A 366 -20.10 8.96 22.80
N THR A 367 -21.01 9.88 23.11
CA THR A 367 -21.78 9.81 24.33
C THR A 367 -22.88 8.77 24.23
N ASN A 368 -23.34 8.46 23.03
CA ASN A 368 -24.25 7.28 22.82
C ASN A 368 -23.47 5.95 22.86
N ALA A 369 -22.33 5.91 22.20
CA ALA A 369 -21.46 4.74 22.19
C ALA A 369 -20.87 4.44 23.59
N ALA A 370 -20.73 5.47 24.41
CA ALA A 370 -20.13 5.28 25.73
C ALA A 370 -21.19 5.18 26.80
N ALA A 371 -22.44 5.40 26.41
CA ALA A 371 -23.51 5.42 27.38
C ALA A 371 -23.59 4.03 27.96
N GLU A 372 -23.33 3.98 29.67
CA GLU A 372 -23.62 2.92 30.58
C GLU A 372 -24.80 2.03 30.23
N ASN A 373 -25.98 2.63 30.00
CA ASN A 373 -27.26 1.90 29.86
C ASN A 373 -27.48 0.89 30.97
N SER A 374 -27.50 1.41 32.17
CA SER A 374 -27.72 0.60 33.34
C SER A 374 -29.14 0.14 33.31
N GLN A 375 -29.34 -1.05 33.84
CA GLN A 375 -30.68 -1.66 33.94
C GLN A 375 -31.57 -0.84 34.89
N VAL A 376 -32.85 -1.01 34.76
CA VAL A 376 -33.82 -0.31 35.60
C VAL A 376 -34.02 -1.13 36.83
N THR A 377 -33.89 -0.50 37.99
CA THR A 377 -34.10 -1.25 39.25
C THR A 377 -35.59 -1.36 39.62
N VAL A 378 -36.12 -2.54 39.72
CA VAL A 378 -37.51 -2.65 40.10
C VAL A 378 -37.64 -3.26 41.49
N ALA A 379 -38.37 -2.53 42.33
CA ALA A 379 -38.78 -2.96 43.65
C ALA A 379 -40.28 -3.08 43.78
N VAL A 380 -40.69 -3.89 44.73
CA VAL A 380 -42.08 -4.06 45.00
C VAL A 380 -42.26 -3.97 46.51
N ARG A 381 -43.37 -3.39 46.95
CA ARG A 381 -43.68 -3.35 48.36
C ARG A 381 -45.12 -3.78 48.64
N VAL A 382 -45.27 -4.78 49.50
CA VAL A 382 -46.58 -5.23 49.87
C VAL A 382 -46.83 -4.71 51.30
N ARG A 383 -47.82 -3.82 51.39
CA ARG A 383 -48.22 -3.18 52.64
C ARG A 383 -49.12 -4.10 53.44
N PRO A 384 -49.40 -3.74 54.71
CA PRO A 384 -50.33 -4.49 55.55
C PRO A 384 -51.75 -4.26 55.15
N PHE A 385 -52.65 -5.02 55.73
CA PHE A 385 -54.05 -4.83 55.48
C PHE A 385 -54.49 -3.44 55.86
N SER A 386 -55.25 -2.78 54.98
CA SER A 386 -55.80 -1.47 55.23
C SER A 386 -57.00 -1.58 56.14
N LYS A 387 -57.41 -0.46 56.73
CA LYS A 387 -58.56 -0.48 57.62
C LYS A 387 -59.79 -0.98 56.88
N ARG A 388 -59.96 -0.49 55.65
CA ARG A 388 -61.10 -0.87 54.83
C ARG A 388 -61.14 -2.38 54.52
N GLU A 389 -59.97 -2.95 54.27
CA GLU A 389 -59.87 -4.35 53.90
C GLU A 389 -60.15 -5.20 55.11
N LYS A 390 -59.73 -4.76 56.28
CA LYS A 390 -60.05 -5.49 57.48
C LYS A 390 -61.54 -5.49 57.74
N THR A 391 -62.19 -4.40 57.36
CA THR A 391 -63.62 -4.27 57.55
C THR A 391 -64.30 -5.18 56.55
N GLU A 392 -63.74 -5.27 55.35
CA GLU A 392 -64.26 -6.16 54.31
C GLU A 392 -63.98 -7.63 54.62
N LYS A 393 -63.40 -7.89 55.79
CA LYS A 393 -62.92 -9.19 56.19
C LYS A 393 -62.02 -9.78 55.13
N ALA A 394 -61.16 -8.94 54.60
CA ALA A 394 -60.25 -9.32 53.53
C ALA A 394 -59.34 -10.46 53.90
N SER A 395 -58.95 -11.22 52.88
CA SER A 395 -58.03 -12.31 53.06
C SER A 395 -56.82 -12.05 52.24
N GLN A 396 -55.77 -12.75 52.61
CA GLN A 396 -54.50 -12.59 52.00
C GLN A 396 -54.48 -13.38 50.72
N VAL A 397 -53.97 -12.75 49.68
CA VAL A 397 -53.73 -13.44 48.41
C VAL A 397 -52.32 -13.27 47.94
N VAL A 398 -51.59 -12.36 48.58
CA VAL A 398 -50.20 -12.07 48.26
C VAL A 398 -49.32 -12.62 49.38
N PHE A 399 -48.22 -13.23 48.99
CA PHE A 399 -47.27 -13.85 49.91
C PHE A 399 -45.82 -13.62 49.51
N THR A 400 -44.89 -13.80 50.43
CA THR A 400 -43.46 -13.93 50.07
C THR A 400 -43.09 -15.37 50.14
N ASN A 401 -42.21 -15.76 49.24
CA ASN A 401 -41.28 -16.84 49.53
C ASN A 401 -39.91 -16.42 49.03
N GLY A 402 -39.00 -16.25 49.98
CA GLY A 402 -37.62 -15.86 49.69
C GLY A 402 -37.64 -14.60 48.86
N GLU A 403 -36.93 -14.59 47.74
CA GLU A 403 -37.06 -13.51 46.73
C GLU A 403 -38.51 -13.29 46.31
N GLU A 404 -39.12 -14.39 45.84
CA GLU A 404 -40.40 -14.38 45.15
C GLU A 404 -41.61 -13.82 45.89
N ILE A 405 -42.25 -12.85 45.25
CA ILE A 405 -43.60 -12.46 45.61
C ILE A 405 -44.56 -13.28 44.80
N THR A 406 -45.51 -13.90 45.53
CA THR A 406 -46.43 -14.83 44.97
C THR A 406 -47.86 -14.43 45.24
N VAL A 407 -48.62 -14.51 44.17
CA VAL A 407 -50.03 -14.20 44.17
C VAL A 407 -50.72 -15.53 43.99
N GLU A 408 -51.52 -15.87 44.98
CA GLU A 408 -52.31 -17.08 44.95
C GLU A 408 -53.78 -16.71 44.96
N HIS A 409 -54.42 -16.96 43.82
CA HIS A 409 -55.82 -16.67 43.66
C HIS A 409 -56.61 -17.55 44.61
N PRO A 410 -57.69 -17.01 45.20
CA PRO A 410 -58.61 -17.78 45.99
C PRO A 410 -59.05 -19.13 45.44
N ASP A 411 -59.02 -19.29 44.13
CA ASP A 411 -59.42 -20.57 43.52
C ASP A 411 -58.35 -21.63 43.71
N MET A 412 -57.14 -21.19 44.01
CA MET A 412 -55.98 -22.06 44.25
C MET A 412 -55.48 -22.80 43.00
N LYS A 413 -56.07 -22.53 41.83
CA LYS A 413 -55.52 -23.01 40.56
C LYS A 413 -54.46 -21.97 40.16
N GLN A 414 -54.89 -20.72 40.16
CA GLN A 414 -54.05 -19.63 39.72
C GLN A 414 -53.07 -19.18 40.75
N VAL A 415 -51.80 -19.38 40.43
CA VAL A 415 -50.69 -18.89 41.22
C VAL A 415 -49.75 -18.17 40.29
N TYR A 416 -49.53 -16.90 40.55
CA TYR A 416 -48.58 -16.13 39.79
C TYR A 416 -47.47 -15.68 40.73
N SER A 417 -46.23 -15.83 40.27
CA SER A 417 -45.08 -15.46 41.05
C SER A 417 -44.19 -14.48 40.30
N PHE A 418 -43.43 -13.71 41.07
CA PHE A 418 -42.68 -12.60 40.51
C PHE A 418 -41.35 -12.38 41.25
N ILE A 419 -40.33 -12.04 40.50
CA ILE A 419 -39.06 -11.72 41.06
C ILE A 419 -38.77 -10.32 40.62
N TYR A 420 -38.35 -9.51 41.56
CA TYR A 420 -37.95 -8.18 41.25
C TYR A 420 -36.54 -8.06 41.72
N ASP A 421 -35.97 -6.88 41.61
CA ASP A 421 -34.60 -6.71 42.08
C ASP A 421 -34.63 -6.81 43.57
N VAL A 422 -35.68 -6.27 44.17
CA VAL A 422 -35.89 -6.40 45.60
C VAL A 422 -37.36 -6.42 45.87
N SER A 423 -37.73 -7.18 46.88
CA SER A 423 -39.15 -7.31 47.28
C SER A 423 -39.32 -6.82 48.68
N PHE A 424 -40.13 -5.79 48.87
CA PHE A 424 -40.28 -5.20 50.18
C PHE A 424 -41.56 -5.72 50.81
N TRP A 425 -41.38 -6.54 51.83
CA TRP A 425 -42.47 -7.22 52.48
C TRP A 425 -42.75 -6.48 53.75
N SER A 426 -43.72 -5.59 53.67
CA SER A 426 -44.12 -4.75 54.81
C SER A 426 -45.51 -5.13 55.30
N PHE A 427 -45.86 -6.38 55.07
CA PHE A 427 -47.19 -6.87 55.36
C PHE A 427 -47.43 -6.99 56.86
N ASP A 428 -46.55 -7.72 57.55
CA ASP A 428 -46.68 -7.92 58.98
C ASP A 428 -45.44 -7.39 59.65
N GLU A 429 -45.65 -6.36 60.47
CA GLU A 429 -44.63 -5.75 61.30
C GLU A 429 -44.13 -6.79 62.30
N CYS A 430 -43.26 -7.68 61.85
CA CYS A 430 -42.91 -8.87 62.65
C CYS A 430 -41.90 -9.71 61.88
N HIS A 431 -42.43 -10.63 61.06
CA HIS A 431 -41.73 -11.31 59.98
C HIS A 431 -40.24 -11.02 59.91
N PRO A 432 -39.44 -12.10 59.86
CA PRO A 432 -38.01 -11.82 60.09
C PRO A 432 -37.33 -11.00 59.00
N GLY A 433 -38.10 -10.58 58.01
CA GLY A 433 -37.57 -9.91 56.82
C GLY A 433 -38.45 -8.75 56.46
N TYR A 434 -39.26 -8.35 57.44
CA TYR A 434 -40.14 -7.23 57.31
C TYR A 434 -39.34 -6.00 56.88
N ALA A 435 -39.98 -5.12 56.14
CA ALA A 435 -39.32 -4.01 55.49
C ALA A 435 -39.86 -2.70 56.04
N SER A 436 -39.08 -2.07 56.89
CA SER A 436 -39.45 -0.80 57.48
C SER A 436 -39.24 0.32 56.46
N GLN A 437 -39.61 1.54 56.82
CA GLN A 437 -39.31 2.69 55.95
C GLN A 437 -37.81 2.77 55.70
N THR A 438 -37.03 2.65 56.76
CA THR A 438 -35.58 2.80 56.65
C THR A 438 -35.06 1.78 55.65
N THR A 439 -35.62 0.58 55.72
CA THR A 439 -35.15 -0.50 54.90
C THR A 439 -35.41 -0.17 53.44
N VAL A 440 -36.61 0.33 53.20
CA VAL A 440 -36.97 0.71 51.86
C VAL A 440 -36.03 1.77 51.36
N TYR A 441 -35.70 2.75 52.19
CA TYR A 441 -34.84 3.81 51.72
C TYR A 441 -33.43 3.29 51.44
N GLU A 442 -32.82 2.68 52.45
CA GLU A 442 -31.42 2.28 52.38
C GLU A 442 -31.19 1.39 51.18
N THR A 443 -32.15 0.52 50.91
CA THR A 443 -32.03 -0.46 49.83
C THR A 443 -32.27 0.11 48.44
N LEU A 444 -33.34 0.86 48.27
CA LEU A 444 -33.71 1.33 46.93
C LEU A 444 -33.19 2.71 46.54
N ALA A 445 -33.24 3.67 47.44
CA ALA A 445 -33.03 5.05 47.06
C ALA A 445 -31.66 5.59 47.39
N ALA A 446 -31.13 5.20 48.54
CA ALA A 446 -29.77 5.59 48.89
C ALA A 446 -28.80 5.42 47.70
N PRO A 447 -28.69 4.23 47.12
CA PRO A 447 -27.80 4.12 45.95
C PRO A 447 -28.05 5.14 44.86
N LEU A 448 -29.31 5.48 44.61
CA LEU A 448 -29.63 6.52 43.63
C LEU A 448 -28.97 7.83 44.00
N LEU A 449 -28.93 8.09 45.30
CA LEU A 449 -28.37 9.29 45.78
C LEU A 449 -26.87 9.23 45.55
N ASP A 450 -26.33 8.03 45.58
CA ASP A 450 -24.89 7.88 45.40
C ASP A 450 -24.58 8.09 43.92
N ARG A 451 -25.51 7.67 43.09
CA ARG A 451 -25.42 7.86 41.64
C ARG A 451 -25.56 9.32 41.27
N ALA A 452 -26.57 9.95 41.85
CA ALA A 452 -26.70 11.41 41.75
C ALA A 452 -25.39 12.15 42.06
N PHE A 453 -24.68 11.71 43.08
CA PHE A 453 -23.46 12.37 43.50
C PHE A 453 -22.33 12.06 42.53
N GLU A 454 -22.35 10.84 41.98
CA GLU A 454 -21.38 10.47 40.95
C GLU A 454 -21.56 11.26 39.64
N GLY A 455 -22.71 11.92 39.49
CA GLY A 455 -22.98 12.78 38.33
C GLY A 455 -24.09 12.27 37.43
N TYR A 456 -24.66 11.12 37.79
CA TYR A 456 -25.73 10.51 37.00
C TYR A 456 -27.11 11.10 37.30
N ASN A 457 -27.89 11.27 36.25
CA ASN A 457 -29.29 11.54 36.38
C ASN A 457 -30.03 10.30 36.90
N THR A 458 -31.09 10.50 37.66
CA THR A 458 -31.83 9.35 38.22
C THR A 458 -33.32 9.62 38.19
N CYS A 459 -34.11 8.56 37.99
CA CYS A 459 -35.54 8.59 38.25
C CYS A 459 -35.91 7.52 39.25
N LEU A 460 -36.79 7.90 40.17
CA LEU A 460 -37.55 6.96 40.92
C LEU A 460 -39.01 7.15 40.56
N PHE A 461 -39.61 6.12 39.98
CA PHE A 461 -41.03 6.17 39.76
C PHE A 461 -41.70 5.45 40.88
N ALA A 462 -42.90 5.88 41.21
CA ALA A 462 -43.75 5.23 42.22
C ALA A 462 -45.02 4.81 41.54
N TYR A 463 -45.22 3.51 41.49
CA TYR A 463 -46.25 2.91 40.65
C TYR A 463 -47.13 2.06 41.50
N GLY A 464 -48.43 2.25 41.33
CA GLY A 464 -49.38 1.41 42.00
C GLY A 464 -50.78 1.94 41.87
N GLN A 465 -51.73 1.18 42.40
CA GLN A 465 -53.13 1.61 42.43
C GLN A 465 -53.30 2.50 43.64
N THR A 466 -54.38 3.26 43.67
CA THR A 466 -54.69 4.09 44.81
C THR A 466 -54.81 3.19 46.03
N GLY A 467 -54.22 3.61 47.15
CA GLY A 467 -54.32 2.85 48.40
C GLY A 467 -53.23 1.83 48.60
N SER A 468 -52.36 1.64 47.60
CA SER A 468 -51.39 0.56 47.68
C SER A 468 -50.21 0.94 48.51
N GLY A 469 -50.02 2.24 48.70
CA GLY A 469 -48.97 2.76 49.60
C GLY A 469 -47.93 3.61 48.87
N LYS A 470 -48.33 4.30 47.81
CA LYS A 470 -47.37 5.12 47.07
C LYS A 470 -46.88 6.20 48.00
N SER A 471 -47.80 6.98 48.54
CA SER A 471 -47.42 8.13 49.34
C SER A 471 -46.71 7.69 50.61
N TYR A 472 -47.22 6.62 51.20
CA TYR A 472 -46.61 6.14 52.41
C TYR A 472 -45.15 5.87 52.06
N THR A 473 -44.94 5.21 50.93
CA THR A 473 -43.60 4.79 50.56
C THR A 473 -42.74 5.95 50.18
N MET A 474 -43.31 6.88 49.43
CA MET A 474 -42.53 7.99 48.88
C MET A 474 -42.32 9.10 49.91
N MET A 475 -43.40 9.54 50.53
CA MET A 475 -43.37 10.59 51.53
C MET A 475 -43.46 10.03 52.94
N GLY A 476 -44.54 9.36 53.24
CA GLY A 476 -44.70 8.76 54.56
C GLY A 476 -45.49 9.68 55.47
N LEU A 477 -45.31 9.52 56.78
CA LEU A 477 -45.93 10.38 57.81
C LEU A 477 -44.94 10.68 58.94
N ASN A 478 -45.22 11.67 59.79
CA ASN A 478 -44.21 12.10 60.80
C ASN A 478 -43.74 10.93 61.67
N GLU A 479 -44.66 10.04 62.01
CA GLU A 479 -44.31 8.86 62.79
C GLU A 479 -43.41 7.88 62.00
N GLU A 480 -43.40 7.99 60.67
CA GLU A 480 -42.80 6.98 59.75
C GLU A 480 -42.37 7.70 58.43
N PRO A 481 -41.14 8.19 58.35
CA PRO A 481 -40.93 8.95 57.12
C PRO A 481 -40.54 8.06 55.96
N GLY A 482 -41.16 8.32 54.81
CA GLY A 482 -40.88 7.59 53.57
C GLY A 482 -39.61 8.00 52.86
N ILE A 483 -39.53 7.71 51.57
CA ILE A 483 -38.28 7.88 50.81
C ILE A 483 -37.85 9.33 50.66
N ILE A 484 -38.72 10.16 50.12
CA ILE A 484 -38.36 11.53 49.81
C ILE A 484 -37.71 12.26 51.00
N PRO A 485 -38.36 12.27 52.17
CA PRO A 485 -37.75 12.96 53.31
C PRO A 485 -36.37 12.43 53.70
N ARG A 486 -36.22 11.11 53.72
CA ARG A 486 -34.98 10.45 54.10
C ARG A 486 -33.86 10.74 53.11
N PHE A 487 -34.25 10.75 51.84
CA PHE A 487 -33.35 11.01 50.72
C PHE A 487 -32.75 12.41 50.80
N CYS A 488 -33.62 13.35 51.11
CA CYS A 488 -33.22 14.71 51.14
C CYS A 488 -32.32 14.91 52.35
N GLU A 489 -32.72 14.34 53.48
CA GLU A 489 -31.92 14.52 54.67
C GLU A 489 -30.58 13.78 54.55
N ASP A 490 -30.56 12.71 53.77
CA ASP A 490 -29.32 11.97 53.47
C ASP A 490 -28.43 12.89 52.64
N LEU A 491 -29.06 13.47 51.63
CA LEU A 491 -28.41 14.31 50.66
C LEU A 491 -27.72 15.50 51.31
N PHE A 492 -28.48 16.24 52.08
CA PHE A 492 -27.98 17.45 52.72
C PHE A 492 -26.89 17.16 53.73
N ALA A 493 -27.03 16.09 54.47
CA ALA A 493 -26.00 15.68 55.41
C ALA A 493 -24.74 15.26 54.67
N GLN A 494 -24.90 14.73 53.47
CA GLN A 494 -23.75 14.38 52.64
C GLN A 494 -23.10 15.61 52.00
N ILE A 495 -23.90 16.63 51.71
CA ILE A 495 -23.39 17.88 51.18
C ILE A 495 -22.50 18.55 52.23
N ALA A 496 -23.04 18.60 53.44
CA ALA A 496 -22.33 19.09 54.58
C ALA A 496 -20.95 18.46 54.64
N LYS A 497 -20.94 17.13 54.59
CA LYS A 497 -19.72 16.33 54.59
C LYS A 497 -18.80 16.71 53.45
N LYS A 498 -19.35 16.67 52.24
CA LYS A 498 -18.56 16.80 51.01
C LYS A 498 -18.14 18.23 50.68
N GLN A 499 -18.93 19.20 51.10
CA GLN A 499 -18.76 20.57 50.63
C GLN A 499 -17.47 21.15 51.18
N THR A 500 -16.60 21.59 50.27
CA THR A 500 -15.25 21.99 50.60
C THR A 500 -14.82 23.13 49.68
N SER A 501 -13.65 23.68 49.97
CA SER A 501 -13.03 24.68 49.10
C SER A 501 -12.69 24.09 47.74
N GLU A 502 -12.80 22.76 47.61
CA GLU A 502 -12.60 22.07 46.32
C GLU A 502 -13.90 21.89 45.57
N VAL A 503 -14.99 21.64 46.29
CA VAL A 503 -16.30 21.39 45.64
C VAL A 503 -17.47 22.07 46.36
N SER A 504 -18.44 22.51 45.57
CA SER A 504 -19.59 23.28 46.06
C SER A 504 -20.90 22.69 45.53
N TYR A 505 -21.91 22.67 46.38
CA TYR A 505 -23.18 22.07 45.98
C TYR A 505 -24.32 23.06 46.01
N HIS A 506 -25.08 23.03 44.94
CA HIS A 506 -26.21 23.91 44.75
C HIS A 506 -27.37 23.04 44.27
N LEU A 507 -28.50 23.18 44.96
CA LEU A 507 -29.72 22.47 44.61
C LEU A 507 -30.82 23.44 44.26
N GLU A 508 -31.50 23.15 43.14
CA GLU A 508 -32.72 23.83 42.77
C GLU A 508 -33.78 22.76 42.63
N MET A 509 -35.04 23.17 42.68
CA MET A 509 -36.19 22.25 42.74
C MET A 509 -37.34 22.69 41.82
N SER A 510 -37.78 21.78 40.98
CA SER A 510 -38.99 22.02 40.20
C SER A 510 -39.98 20.93 40.56
N PHE A 511 -41.25 21.28 40.60
CA PHE A 511 -42.29 20.31 40.96
C PHE A 511 -43.48 20.48 40.03
N PHE A 512 -43.59 19.61 39.02
CA PHE A 512 -44.64 19.75 38.02
C PHE A 512 -45.40 18.47 37.91
N GLU A 513 -46.43 18.50 37.10
CA GLU A 513 -47.30 17.36 36.96
C GLU A 513 -47.67 17.26 35.51
N VAL A 514 -47.89 16.02 35.08
CA VAL A 514 -48.39 15.71 33.74
C VAL A 514 -49.83 15.38 33.91
N TYR A 515 -50.69 16.22 33.36
CA TYR A 515 -52.14 15.99 33.41
C TYR A 515 -52.73 15.98 32.00
N ASN A 516 -53.28 14.82 31.60
CA ASN A 516 -53.83 14.67 30.27
C ASN A 516 -52.79 15.12 29.24
N GLU A 517 -51.61 14.57 29.43
CA GLU A 517 -50.41 14.91 28.62
C GLU A 517 -49.95 16.39 28.63
N LYS A 518 -50.63 17.26 29.35
CA LYS A 518 -50.18 18.66 29.49
C LYS A 518 -49.24 18.86 30.67
N ILE A 519 -48.41 19.89 30.63
CA ILE A 519 -47.47 20.11 31.74
C ILE A 519 -48.00 21.24 32.60
N HIS A 520 -48.15 20.97 33.89
CA HIS A 520 -48.57 22.02 34.83
C HIS A 520 -47.56 22.08 35.96
N ASP A 521 -47.06 23.29 36.20
CA ASP A 521 -46.19 23.62 37.31
C ASP A 521 -47.03 23.66 38.56
N LEU A 522 -46.70 22.82 39.53
CA LEU A 522 -47.37 22.81 40.81
C LEU A 522 -46.83 23.88 41.78
N LEU A 523 -45.83 24.65 41.40
CA LEU A 523 -45.28 25.65 42.34
C LEU A 523 -45.77 27.06 42.04
N VAL A 524 -47.01 27.15 41.57
CA VAL A 524 -47.66 28.44 41.32
C VAL A 524 -49.10 28.39 41.84
N LYS A 533 -54.36 27.07 36.31
CA LYS A 533 -53.50 25.98 35.80
C LYS A 533 -53.40 26.03 34.27
N GLN A 534 -52.35 26.71 33.79
CA GLN A 534 -52.05 26.84 32.34
C GLN A 534 -50.98 25.83 31.89
N PRO A 535 -51.07 25.39 30.62
CA PRO A 535 -50.22 24.35 30.09
C PRO A 535 -48.90 24.86 29.55
N LEU A 536 -47.83 24.37 30.12
CA LEU A 536 -46.50 24.74 29.71
C LEU A 536 -46.04 23.86 28.58
N ARG A 537 -45.27 24.46 27.70
CA ARG A 537 -44.86 23.88 26.47
C ARG A 537 -43.50 23.20 26.68
N ALA A 538 -43.41 22.00 26.15
CA ALA A 538 -42.17 21.25 26.10
C ALA A 538 -41.36 21.69 24.89
N ARG A 539 -40.05 21.75 25.06
CA ARG A 539 -39.14 22.05 23.97
C ARG A 539 -37.95 21.11 24.06
N GLU A 540 -37.06 21.15 23.08
CA GLU A 540 -35.91 20.26 23.06
C GLU A 540 -34.63 20.93 22.67
N HIS A 541 -33.61 20.77 23.50
CA HIS A 541 -32.27 21.12 23.13
C HIS A 541 -31.58 19.92 22.51
N PRO A 542 -30.86 20.12 21.38
CA PRO A 542 -30.24 18.97 20.70
C PRO A 542 -29.15 18.17 21.43
N VAL A 543 -28.64 18.71 22.53
CA VAL A 543 -27.68 18.00 23.34
C VAL A 543 -28.26 17.66 24.71
N SER A 544 -28.81 18.70 25.35
CA SER A 544 -29.31 18.59 26.72
C SER A 544 -30.72 18.03 26.77
N GLY A 545 -31.31 17.80 25.61
CA GLY A 545 -32.61 17.13 25.53
C GLY A 545 -33.78 17.99 25.97
N PRO A 546 -34.97 17.37 26.07
CA PRO A 546 -36.19 18.04 26.49
C PRO A 546 -36.08 18.88 27.75
N TYR A 547 -36.86 19.94 27.78
CA TYR A 547 -37.01 20.76 28.94
C TYR A 547 -38.39 21.40 28.88
N VAL A 548 -38.88 21.87 30.02
CA VAL A 548 -40.12 22.61 30.11
C VAL A 548 -39.81 24.08 30.10
N GLU A 549 -40.31 24.74 29.08
CA GLU A 549 -40.23 26.17 28.97
C GLU A 549 -41.16 26.75 30.04
N GLY A 550 -40.62 27.58 30.92
CA GLY A 550 -41.42 28.34 31.90
C GLY A 550 -41.69 27.64 33.21
N LEU A 551 -40.82 26.68 33.55
CA LEU A 551 -40.93 25.96 34.79
C LEU A 551 -40.07 26.60 35.88
N SER A 552 -40.67 26.84 37.05
CA SER A 552 -39.95 27.46 38.18
C SER A 552 -38.92 26.52 38.78
N MET A 553 -37.74 27.06 39.06
CA MET A 553 -36.66 26.33 39.68
C MET A 553 -36.29 27.03 40.96
N ASN A 554 -36.78 26.51 42.07
CA ASN A 554 -36.53 27.15 43.35
C ASN A 554 -35.34 26.57 44.05
N VAL A 555 -34.41 27.45 44.42
CA VAL A 555 -33.22 27.07 45.16
C VAL A 555 -33.68 26.46 46.49
N VAL A 556 -33.04 25.36 46.91
CA VAL A 556 -33.31 24.80 48.22
C VAL A 556 -32.05 24.62 49.03
N SER A 557 -32.19 24.68 50.34
CA SER A 557 -31.06 24.62 51.27
C SER A 557 -31.22 23.61 52.36
N SER A 558 -32.44 23.12 52.55
CA SER A 558 -32.72 22.09 53.54
C SER A 558 -33.94 21.31 53.08
N TYR A 559 -34.30 20.26 53.80
CA TYR A 559 -35.53 19.52 53.48
C TYR A 559 -36.74 20.40 53.79
N SER A 560 -36.69 21.14 54.89
CA SER A 560 -37.85 21.94 55.29
C SER A 560 -38.32 22.84 54.15
N ASP A 561 -37.35 23.37 53.40
CA ASP A 561 -37.57 24.19 52.21
C ASP A 561 -38.38 23.44 51.22
N ILE A 562 -37.96 22.20 50.97
CA ILE A 562 -38.59 21.33 49.98
C ILE A 562 -39.99 21.00 50.44
N GLN A 563 -40.11 20.68 51.71
CA GLN A 563 -41.39 20.29 52.26
C GLN A 563 -42.41 21.41 52.05
N SER A 564 -42.03 22.64 52.32
CA SER A 564 -42.89 23.77 52.01
C SER A 564 -43.39 23.61 50.59
N TRP A 565 -42.43 23.48 49.68
CA TRP A 565 -42.71 23.47 48.26
C TRP A 565 -43.61 22.27 47.90
N LEU A 566 -43.28 21.09 48.41
CA LEU A 566 -44.10 19.92 48.09
C LEU A 566 -45.49 20.01 48.68
N GLU A 567 -45.65 20.79 49.75
CA GLU A 567 -46.98 21.04 50.32
C GLU A 567 -47.79 21.93 49.40
N LEU A 568 -47.19 23.05 49.01
CA LEU A 568 -47.82 23.99 48.09
C LEU A 568 -48.25 23.23 46.84
N GLY A 569 -47.30 22.49 46.30
CA GLY A 569 -47.48 21.71 45.08
C GLY A 569 -48.59 20.68 45.13
N ASN A 570 -48.54 19.85 46.15
CA ASN A 570 -49.53 18.78 46.28
C ASN A 570 -50.93 19.28 46.54
N LYS A 571 -51.05 20.51 47.03
CA LYS A 571 -52.35 21.12 47.21
C LYS A 571 -53.02 21.29 45.84
N GLN A 572 -52.22 21.39 44.78
CA GLN A 572 -52.71 21.71 43.43
C GLN A 572 -52.64 20.56 42.42
N ARG A 573 -52.45 19.33 42.90
CA ARG A 573 -52.22 18.16 42.03
C ARG A 573 -53.50 17.47 41.41
N ALA A 574 -54.34 16.74 42.15
CA ALA A 574 -55.43 15.89 41.49
C ALA A 574 -56.52 15.22 42.38
N THR A 575 -57.74 15.25 41.87
CA THR A 575 -58.92 14.94 42.67
C THR A 575 -59.65 13.70 42.14
N ALA A 576 -60.69 13.30 42.87
CA ALA A 576 -61.58 12.25 42.41
C ALA A 576 -63.01 12.46 42.94
N LYS A 583 -60.58 10.04 46.75
CA LYS A 583 -59.48 10.93 46.38
C LYS A 583 -58.34 10.14 45.69
N SER A 584 -58.34 10.24 44.36
CA SER A 584 -57.36 9.54 43.53
C SER A 584 -56.49 10.58 42.91
N SER A 585 -55.28 10.17 42.57
CA SER A 585 -54.41 11.05 41.85
C SER A 585 -54.54 10.70 40.38
N ARG A 586 -54.65 11.75 39.58
CA ARG A 586 -55.00 11.67 38.15
C ARG A 586 -54.02 12.43 37.25
N SER A 587 -52.80 12.61 37.75
CA SER A 587 -51.73 13.22 36.98
C SER A 587 -50.49 12.51 37.40
N HIS A 588 -49.39 12.73 36.71
CA HIS A 588 -48.10 12.19 37.16
C HIS A 588 -47.30 13.34 37.75
N SER A 589 -47.07 13.32 39.07
CA SER A 589 -46.30 14.41 39.71
C SER A 589 -44.82 14.15 39.55
N VAL A 590 -44.10 15.15 39.07
CA VAL A 590 -42.65 15.03 38.88
C VAL A 590 -41.91 15.99 39.81
N PHE A 591 -41.35 15.41 40.86
CA PHE A 591 -40.53 16.14 41.80
C PHE A 591 -39.10 15.98 41.29
N THR A 592 -38.45 17.12 41.08
CA THR A 592 -37.14 17.20 40.45
C THR A 592 -36.18 18.03 41.26
N LEU A 593 -34.98 17.52 41.44
CA LEU A 593 -33.94 18.26 42.10
C LEU A 593 -32.72 18.35 41.20
N VAL A 594 -32.47 19.51 40.64
CA VAL A 594 -31.25 19.70 39.87
C VAL A 594 -30.16 20.12 40.85
N MET A 595 -29.07 19.38 40.82
CA MET A 595 -27.94 19.61 41.70
C MET A 595 -26.69 19.88 40.89
N THR A 596 -26.18 21.10 41.05
CA THR A 596 -24.92 21.49 40.45
C THR A 596 -23.77 21.36 41.45
N GLN A 597 -22.73 20.69 40.98
CA GLN A 597 -21.57 20.31 41.77
C GLN A 597 -20.41 21.05 41.16
N THR A 598 -20.17 22.28 41.63
CA THR A 598 -19.12 23.14 41.05
C THR A 598 -17.80 22.94 41.77
N LYS A 599 -16.77 22.58 41.00
CA LYS A 599 -15.39 22.62 41.52
C LYS A 599 -14.66 23.77 40.89
N THR A 600 -13.61 24.22 41.55
CA THR A 600 -12.65 25.08 40.92
C THR A 600 -11.26 24.53 41.25
N GLU A 607 -11.70 31.00 37.65
CA GLU A 607 -10.52 30.59 36.87
C GLU A 607 -10.82 29.27 36.09
N HIS A 608 -10.47 28.11 36.67
CA HIS A 608 -10.70 26.80 36.06
C HIS A 608 -11.66 26.00 36.93
N ASP A 609 -12.95 26.11 36.63
CA ASP A 609 -13.98 25.47 37.44
C ASP A 609 -15.10 24.84 36.63
N HIS A 610 -15.15 23.51 36.64
CA HIS A 610 -16.22 22.76 36.00
C HIS A 610 -17.51 22.74 36.84
N ARG A 611 -18.58 22.34 36.18
CA ARG A 611 -19.84 22.05 36.85
C ARG A 611 -20.29 20.65 36.44
N ILE A 612 -20.73 19.88 37.42
CA ILE A 612 -21.27 18.55 37.20
C ILE A 612 -22.73 18.60 37.65
N THR A 613 -23.62 18.25 36.73
CA THR A 613 -25.04 18.36 36.96
C THR A 613 -25.72 16.99 37.08
N SER A 614 -26.44 16.79 38.18
CA SER A 614 -27.30 15.63 38.31
C SER A 614 -28.75 16.07 38.41
N ARG A 615 -29.59 15.41 37.63
CA ARG A 615 -31.03 15.57 37.73
C ARG A 615 -31.51 14.43 38.56
N ILE A 616 -32.32 14.77 39.56
CA ILE A 616 -32.96 13.76 40.38
C ILE A 616 -34.45 13.96 40.24
N ASN A 617 -35.11 12.97 39.65
CA ASN A 617 -36.54 12.99 39.46
C ASN A 617 -37.20 11.90 40.29
N LEU A 618 -38.10 12.34 41.16
CA LEU A 618 -38.92 11.45 42.02
C LEU A 618 -40.33 11.63 41.61
N VAL A 619 -40.91 10.57 41.05
CA VAL A 619 -42.17 10.67 40.31
C VAL A 619 -43.22 9.79 40.96
N ASP A 620 -44.28 10.44 41.43
CA ASP A 620 -45.43 9.74 41.96
C ASP A 620 -46.34 9.67 40.77
N LEU A 621 -46.49 8.45 40.24
CA LEU A 621 -47.38 8.17 39.12
C LEU A 621 -48.80 8.10 39.58
N ALA A 622 -49.71 8.09 38.63
CA ALA A 622 -51.11 8.18 38.95
C ALA A 622 -51.61 6.79 39.26
N GLY A 623 -52.67 6.73 40.07
CA GLY A 623 -53.33 5.50 40.42
C GLY A 623 -53.52 4.70 39.17
N SER A 624 -53.00 3.49 39.18
CA SER A 624 -53.07 2.59 38.04
C SER A 624 -54.45 1.98 37.80
N GLU A 625 -55.37 2.11 38.76
CA GLU A 625 -56.72 1.48 38.62
C GLU A 625 -57.23 1.64 37.20
N ARG A 626 -57.61 0.53 36.60
CA ARG A 626 -58.25 0.54 35.31
C ARG A 626 -59.68 0.49 35.68
N CYS A 627 -60.17 1.55 36.32
CA CYS A 627 -61.42 1.50 37.08
C CYS A 627 -62.60 2.00 36.21
N SER A 628 -62.98 1.19 35.21
CA SER A 628 -63.75 1.70 34.06
C SER A 628 -65.19 1.28 34.08
N THR A 629 -66.09 2.24 34.34
CA THR A 629 -67.55 1.95 34.58
C THR A 629 -68.52 2.97 33.93
N ALA A 630 -69.16 3.82 34.75
CA ALA A 630 -70.11 4.85 34.25
C ALA A 630 -70.26 6.07 35.20
N GLY A 634 -67.61 11.69 32.52
CA GLY A 634 -67.16 13.02 32.07
C GLY A 634 -65.66 13.06 31.80
N GLN A 635 -65.01 14.20 32.09
CA GLN A 635 -63.56 14.41 31.89
C GLN A 635 -62.70 13.55 32.82
N ARG A 636 -63.34 13.03 33.85
CA ARG A 636 -62.85 11.90 34.66
C ARG A 636 -62.41 10.70 33.80
N LEU A 637 -63.08 10.55 32.66
CA LEU A 637 -62.84 9.47 31.71
C LEU A 637 -61.59 9.80 30.92
N LYS A 638 -61.52 11.02 30.37
CA LYS A 638 -60.32 11.41 29.65
C LYS A 638 -59.08 11.11 30.48
N GLU A 639 -59.14 11.48 31.75
CA GLU A 639 -58.09 11.13 32.70
C GLU A 639 -57.70 9.65 32.65
N GLY A 640 -58.68 8.78 32.90
CA GLY A 640 -58.44 7.34 32.89
C GLY A 640 -57.75 6.90 31.62
N VAL A 641 -58.36 7.31 30.51
CA VAL A 641 -57.85 6.98 29.19
C VAL A 641 -56.41 7.36 29.10
N SER A 642 -56.14 8.61 29.49
CA SER A 642 -54.81 9.21 29.37
C SER A 642 -53.80 8.68 30.37
N ILE A 643 -54.28 8.31 31.54
CA ILE A 643 -53.41 7.67 32.50
C ILE A 643 -52.99 6.28 32.01
N ASN A 644 -53.95 5.50 31.49
CA ASN A 644 -53.64 4.16 31.00
C ASN A 644 -52.66 4.27 29.86
N LYS A 645 -52.97 5.15 28.92
CA LYS A 645 -52.12 5.37 27.75
C LYS A 645 -50.71 5.82 28.16
N SER A 646 -50.62 6.74 29.11
CA SER A 646 -49.33 7.25 29.51
C SER A 646 -48.54 6.19 30.26
N LEU A 647 -49.22 5.38 31.04
CA LEU A 647 -48.51 4.43 31.84
C LEU A 647 -48.03 3.32 30.95
N LEU A 648 -48.86 2.97 29.95
CA LEU A 648 -48.44 1.97 28.96
C LEU A 648 -47.17 2.40 28.27
N THR A 649 -47.07 3.67 27.91
CA THR A 649 -45.92 4.15 27.18
C THR A 649 -44.65 4.12 28.06
N LEU A 650 -44.80 4.56 29.31
CA LEU A 650 -43.75 4.46 30.28
C LEU A 650 -43.19 3.10 30.37
N GLY A 651 -44.11 2.15 30.50
CA GLY A 651 -43.78 0.73 30.59
C GLY A 651 -43.03 0.32 29.34
N LYS A 652 -43.51 0.78 28.20
CA LYS A 652 -42.89 0.37 26.96
C LYS A 652 -41.46 0.82 26.95
N VAL A 653 -41.22 2.10 27.24
CA VAL A 653 -39.86 2.65 27.27
C VAL A 653 -38.98 1.95 28.31
N ILE A 654 -39.56 1.68 29.46
CA ILE A 654 -38.80 1.05 30.53
C ILE A 654 -38.37 -0.34 30.10
N SER A 655 -39.33 -1.08 29.55
CA SER A 655 -39.10 -2.36 28.92
C SER A 655 -38.01 -2.22 27.83
N ALA A 656 -38.10 -1.18 27.01
CA ALA A 656 -37.09 -0.92 25.98
C ALA A 656 -35.75 -0.73 26.65
N LEU A 657 -35.76 0.08 27.69
CA LEU A 657 -34.54 0.29 28.44
C LEU A 657 -33.98 -1.04 28.85
N SER A 658 -34.78 -1.90 29.45
CA SER A 658 -34.20 -3.14 29.95
C SER A 658 -33.51 -3.89 28.83
N GLU A 659 -34.18 -3.97 27.70
CA GLU A 659 -33.64 -4.67 26.57
C GLU A 659 -32.39 -3.97 26.09
N GLN A 660 -32.41 -2.65 26.11
CA GLN A 660 -31.25 -1.92 25.66
C GLN A 660 -30.08 -2.29 26.54
N ALA A 661 -30.32 -2.29 27.85
CA ALA A 661 -29.27 -2.56 28.85
C ALA A 661 -28.64 -3.92 28.65
N ASN A 662 -29.42 -4.87 28.15
CA ASN A 662 -28.86 -6.17 27.78
C ASN A 662 -28.35 -6.22 26.35
N GLY A 663 -28.18 -5.03 25.76
CA GLY A 663 -27.31 -4.80 24.58
C GLY A 663 -27.92 -4.91 23.19
N LYS A 664 -29.24 -5.06 23.13
CA LYS A 664 -29.95 -5.29 21.86
C LYS A 664 -30.45 -3.96 21.30
N ARG A 665 -30.24 -3.75 20.01
CA ARG A 665 -30.72 -2.53 19.38
C ARG A 665 -32.24 -2.48 19.37
N VAL A 666 -32.78 -1.43 20.01
CA VAL A 666 -34.21 -1.23 20.06
C VAL A 666 -34.60 0.23 19.90
N PHE A 667 -35.89 0.46 19.69
CA PHE A 667 -36.44 1.79 19.64
C PHE A 667 -37.06 2.13 20.97
N ILE A 668 -36.79 3.32 21.49
CA ILE A 668 -37.35 3.71 22.78
C ILE A 668 -38.30 4.84 22.55
N PRO A 669 -39.61 4.58 22.73
CA PRO A 669 -40.62 5.57 22.43
C PRO A 669 -40.75 6.63 23.53
N TYR A 670 -39.68 7.38 23.74
CA TYR A 670 -39.72 8.53 24.62
C TYR A 670 -40.78 9.54 24.20
N ARG A 671 -40.80 9.85 22.90
CA ARG A 671 -41.62 10.93 22.33
C ARG A 671 -43.10 10.61 22.40
N GLU A 672 -43.43 9.35 22.63
CA GLU A 672 -44.83 8.93 22.58
C GLU A 672 -45.62 9.34 23.79
N SER A 673 -44.97 9.78 24.84
CA SER A 673 -45.66 10.34 25.98
C SER A 673 -44.90 11.50 26.53
N THR A 674 -45.64 12.42 27.13
CA THR A 674 -45.02 13.64 27.65
C THR A 674 -44.07 13.32 28.79
N LEU A 675 -44.54 12.55 29.76
CA LEU A 675 -43.69 12.19 30.88
C LEU A 675 -42.41 11.58 30.40
N THR A 676 -42.50 10.69 29.42
CA THR A 676 -41.30 9.96 29.00
C THR A 676 -40.36 10.83 28.20
N TRP A 677 -40.92 11.76 27.44
CA TRP A 677 -40.10 12.65 26.66
C TRP A 677 -39.37 13.61 27.60
N LEU A 678 -40.11 14.23 28.50
CA LEU A 678 -39.52 15.11 29.50
C LEU A 678 -38.38 14.51 30.31
N LEU A 679 -38.47 13.23 30.62
CA LEU A 679 -37.46 12.58 31.45
C LEU A 679 -36.49 11.78 30.61
N LYS A 680 -36.58 11.94 29.31
CA LYS A 680 -35.71 11.24 28.38
C LYS A 680 -34.24 11.17 28.83
N GLU A 681 -33.66 12.34 29.10
CA GLU A 681 -32.25 12.42 29.39
C GLU A 681 -31.96 11.90 30.80
N SER A 682 -33.02 11.70 31.58
CA SER A 682 -32.88 11.25 32.94
C SER A 682 -33.35 9.76 33.09
N LEU A 683 -33.61 9.12 31.96
CA LEU A 683 -34.12 7.75 31.93
C LEU A 683 -33.04 6.84 31.42
N GLY A 684 -32.67 7.02 30.16
CA GLY A 684 -31.65 6.18 29.53
C GLY A 684 -30.36 6.94 29.59
N GLY A 685 -29.45 6.63 28.67
CA GLY A 685 -28.12 7.24 28.66
C GLY A 685 -27.28 6.60 29.73
N ASN A 686 -26.71 7.41 30.60
CA ASN A 686 -26.03 6.91 31.79
C ASN A 686 -26.89 6.93 33.07
N SER A 687 -28.16 7.23 32.89
CA SER A 687 -29.02 7.50 34.03
C SER A 687 -29.36 6.28 34.86
N LYS A 688 -29.76 6.50 36.11
CA LYS A 688 -30.16 5.41 36.97
C LYS A 688 -31.62 5.50 37.32
N THR A 689 -32.37 4.58 36.74
CA THR A 689 -33.79 4.52 36.84
C THR A 689 -34.21 3.42 37.79
N ALA A 690 -35.25 3.71 38.55
CA ALA A 690 -35.77 2.78 39.51
C ALA A 690 -37.25 3.02 39.62
N MET A 691 -37.95 1.95 40.00
CA MET A 691 -39.38 1.95 40.17
C MET A 691 -39.72 1.11 41.38
N ILE A 692 -40.57 1.66 42.22
CA ILE A 692 -41.21 0.91 43.25
C ILE A 692 -42.67 0.78 42.94
N ALA A 693 -43.11 -0.47 42.81
CA ALA A 693 -44.50 -0.81 42.65
C ALA A 693 -45.07 -1.19 44.00
N THR A 694 -46.14 -0.53 44.39
CA THR A 694 -46.82 -0.88 45.64
C THR A 694 -48.08 -1.66 45.39
N VAL A 695 -48.29 -2.71 46.19
CA VAL A 695 -49.50 -3.51 46.09
C VAL A 695 -50.17 -3.76 47.42
N SER A 696 -51.42 -4.19 47.34
CA SER A 696 -52.26 -4.57 48.48
C SER A 696 -52.25 -6.06 48.62
N PRO A 697 -52.13 -6.56 49.86
CA PRO A 697 -52.07 -7.98 50.02
C PRO A 697 -53.42 -8.69 49.89
N ALA A 698 -54.46 -7.96 49.45
CA ALA A 698 -55.89 -8.35 49.70
C ALA A 698 -56.62 -9.00 48.52
N ALA A 699 -57.55 -9.87 48.81
CA ALA A 699 -58.24 -10.58 47.76
C ALA A 699 -59.08 -9.63 46.91
N SER A 700 -59.58 -8.57 47.54
CA SER A 700 -60.36 -7.52 46.83
C SER A 700 -59.61 -6.94 45.63
N ASN A 701 -58.29 -6.86 45.77
CA ASN A 701 -57.45 -6.11 44.84
C ASN A 701 -56.59 -6.98 43.96
N ILE A 702 -56.86 -8.27 43.96
CA ILE A 702 -55.97 -9.18 43.30
C ILE A 702 -55.78 -8.85 41.81
N GLU A 703 -56.80 -8.31 41.18
CA GLU A 703 -56.69 -8.07 39.74
C GLU A 703 -55.79 -6.87 39.45
N GLU A 704 -55.96 -5.80 40.21
CA GLU A 704 -55.09 -4.65 40.06
C GLU A 704 -53.72 -5.00 40.62
N THR A 705 -53.67 -5.88 41.61
CA THR A 705 -52.37 -6.28 42.13
C THR A 705 -51.58 -6.98 41.03
N LEU A 706 -52.24 -7.89 40.36
CA LEU A 706 -51.65 -8.56 39.21
C LEU A 706 -51.33 -7.62 38.07
N SER A 707 -52.16 -6.59 37.86
CA SER A 707 -51.79 -5.56 36.86
C SER A 707 -50.45 -4.93 37.25
N THR A 708 -50.39 -4.52 38.50
CA THR A 708 -49.23 -3.84 38.95
C THR A 708 -48.03 -4.73 38.83
N LEU A 709 -48.10 -5.91 39.42
CA LEU A 709 -46.95 -6.76 39.49
C LEU A 709 -46.49 -7.13 38.08
N ARG A 710 -47.44 -7.32 37.18
CA ARG A 710 -47.09 -7.66 35.81
C ARG A 710 -46.46 -6.50 35.12
N TYR A 711 -46.96 -5.32 35.45
CA TYR A 711 -46.37 -4.09 34.94
C TYR A 711 -44.91 -4.02 35.34
N ALA A 712 -44.68 -4.29 36.62
CA ALA A 712 -43.38 -4.11 37.22
C ALA A 712 -42.37 -5.14 36.68
N THR A 713 -42.85 -6.32 36.33
CA THR A 713 -42.07 -7.29 35.61
C THR A 713 -41.68 -6.77 34.22
N GLN A 714 -42.66 -6.17 33.51
CA GLN A 714 -42.46 -5.47 32.18
C GLN A 714 -41.10 -4.91 32.19
N ALA A 715 -40.83 -4.26 33.32
CA ALA A 715 -39.58 -3.48 33.55
C ALA A 715 -38.33 -4.32 33.90
N ARG A 716 -38.48 -5.64 33.86
CA ARG A 716 -37.45 -6.62 34.30
C ARG A 716 -36.80 -6.26 35.68
N GLU B 4 31.97 22.12 1.91
CA GLU B 4 30.72 22.45 2.67
C GLU B 4 30.99 22.36 4.18
N GLU B 5 30.41 23.27 4.97
CA GLU B 5 30.67 23.28 6.43
C GLU B 5 29.45 22.91 7.31
N GLY B 6 28.55 23.86 7.53
CA GLY B 6 27.32 23.64 8.32
C GLY B 6 26.22 24.53 7.78
N LYS B 7 26.20 24.69 6.46
CA LYS B 7 25.30 25.58 5.72
C LYS B 7 25.04 24.96 4.36
N LEU B 8 23.80 25.08 3.89
CA LEU B 8 23.41 24.45 2.61
C LEU B 8 23.90 25.25 1.41
N VAL B 9 24.32 24.52 0.38
CA VAL B 9 24.68 25.09 -0.92
C VAL B 9 23.96 24.26 -1.97
N ILE B 10 23.26 24.95 -2.85
CA ILE B 10 22.44 24.29 -3.85
C ILE B 10 22.78 24.79 -5.23
N TRP B 11 22.83 23.85 -6.17
CA TRP B 11 22.93 24.14 -7.59
C TRP B 11 21.71 23.70 -8.42
N ILE B 12 21.00 24.68 -8.98
CA ILE B 12 19.85 24.44 -9.90
C ILE B 12 20.25 25.03 -11.25
N ASN B 13 19.56 24.64 -12.32
CA ASN B 13 19.86 25.19 -13.65
C ASN B 13 19.44 26.67 -13.81
N GLY B 14 20.13 27.36 -14.73
CA GLY B 14 19.77 28.72 -15.14
C GLY B 14 18.39 28.91 -15.76
N ASP B 15 17.96 27.98 -16.60
CA ASP B 15 16.61 28.08 -17.21
C ASP B 15 15.51 27.77 -16.17
N LYS B 16 15.91 27.37 -14.96
CA LYS B 16 14.96 27.07 -13.88
C LYS B 16 14.68 28.34 -13.05
N GLY B 17 13.97 28.21 -11.91
CA GLY B 17 13.59 29.37 -11.08
C GLY B 17 14.43 29.57 -9.83
N TYR B 18 15.60 30.18 -10.02
CA TYR B 18 16.61 30.23 -8.96
C TYR B 18 16.21 31.09 -7.74
N ASN B 19 15.87 32.36 -7.94
CA ASN B 19 15.54 33.25 -6.81
C ASN B 19 14.35 32.77 -6.00
N GLY B 20 13.42 32.09 -6.67
CA GLY B 20 12.27 31.48 -6.00
C GLY B 20 12.71 30.41 -5.03
N LEU B 21 13.62 29.56 -5.48
CA LEU B 21 14.29 28.61 -4.60
C LEU B 21 15.12 29.32 -3.50
N ALA B 22 15.77 30.42 -3.86
CA ALA B 22 16.50 31.22 -2.87
C ALA B 22 15.53 31.74 -1.81
N GLU B 23 14.31 32.06 -2.22
CA GLU B 23 13.26 32.49 -1.30
C GLU B 23 12.97 31.42 -0.24
N VAL B 24 12.92 30.16 -0.68
CA VAL B 24 12.70 29.01 0.23
C VAL B 24 13.89 28.85 1.19
N GLY B 25 15.09 29.16 0.71
CA GLY B 25 16.29 29.19 1.55
C GLY B 25 16.31 30.42 2.45
N LYS B 26 15.86 31.54 1.91
CA LYS B 26 15.71 32.79 2.67
C LYS B 26 14.73 32.61 3.82
N LYS B 27 13.79 31.66 3.66
CA LYS B 27 12.86 31.25 4.72
C LYS B 27 13.39 30.09 5.58
N PHE B 28 14.39 29.37 5.05
CA PHE B 28 15.07 28.31 5.80
C PHE B 28 15.98 28.86 6.91
N GLU B 29 16.74 29.92 6.58
CA GLU B 29 17.57 30.68 7.56
C GLU B 29 16.71 31.23 8.70
N LYS B 30 15.54 31.78 8.37
CA LYS B 30 14.63 32.32 9.38
C LYS B 30 14.22 31.24 10.39
N ASP B 31 13.74 30.10 9.89
CA ASP B 31 13.26 29.01 10.75
C ASP B 31 14.38 28.24 11.45
N THR B 32 15.52 28.07 10.78
CA THR B 32 16.66 27.34 11.36
C THR B 32 17.70 28.31 11.93
N GLY B 33 18.24 29.13 11.05
CA GLY B 33 19.43 29.92 11.33
C GLY B 33 20.57 29.63 10.35
N ILE B 34 20.37 28.61 9.52
CA ILE B 34 21.38 28.19 8.54
C ILE B 34 21.27 29.00 7.24
N LYS B 35 22.43 29.44 6.73
CA LYS B 35 22.49 30.14 5.43
C LYS B 35 22.28 29.13 4.29
N VAL B 36 21.46 29.49 3.28
CA VAL B 36 21.27 28.71 2.04
C VAL B 36 21.76 29.46 0.78
N THR B 37 22.73 28.87 0.08
CA THR B 37 23.38 29.45 -1.11
C THR B 37 23.01 28.75 -2.43
N VAL B 38 22.02 29.31 -3.09
CA VAL B 38 21.51 28.83 -4.38
C VAL B 38 22.27 29.47 -5.52
N GLU B 39 22.71 28.67 -6.49
CA GLU B 39 23.34 29.24 -7.69
C GLU B 39 23.24 28.29 -8.88
N HIS B 40 23.62 28.76 -10.06
CA HIS B 40 23.32 28.06 -11.32
C HIS B 40 24.46 28.08 -12.35
N PRO B 41 25.61 27.49 -11.99
CA PRO B 41 26.83 27.73 -12.72
C PRO B 41 27.05 26.93 -14.04
N ASP B 42 26.51 27.49 -15.12
CA ASP B 42 26.84 27.08 -16.50
C ASP B 42 26.91 25.57 -16.70
N LYS B 43 27.89 25.00 -17.41
CA LYS B 43 27.83 23.54 -17.71
C LYS B 43 27.84 22.74 -16.39
N LEU B 44 26.85 23.05 -15.57
CA LEU B 44 26.69 22.66 -14.17
C LEU B 44 26.71 21.15 -14.02
N GLU B 45 25.87 20.52 -14.83
CA GLU B 45 25.73 19.08 -14.88
C GLU B 45 27.05 18.42 -15.23
N GLU B 46 27.81 19.07 -16.10
CA GLU B 46 29.12 18.55 -16.51
C GLU B 46 30.19 18.83 -15.48
N LYS B 47 30.07 19.97 -14.79
CA LYS B 47 31.03 20.32 -13.75
C LYS B 47 30.79 19.59 -12.42
N PHE B 48 29.53 19.34 -12.11
CA PHE B 48 29.22 18.67 -10.85
C PHE B 48 29.96 17.33 -10.60
N PRO B 49 30.02 16.45 -11.60
CA PRO B 49 30.74 15.22 -11.34
C PRO B 49 32.23 15.47 -11.30
N GLN B 50 32.71 16.43 -12.09
CA GLN B 50 34.11 16.87 -12.00
C GLN B 50 34.53 17.21 -10.56
N VAL B 51 33.68 17.99 -9.88
CA VAL B 51 34.03 18.56 -8.56
C VAL B 51 33.49 17.73 -7.38
N ALA B 52 32.36 17.06 -7.60
CA ALA B 52 31.80 16.13 -6.59
C ALA B 52 32.70 14.91 -6.39
N ALA B 53 33.33 14.47 -7.49
CA ALA B 53 34.37 13.43 -7.46
C ALA B 53 35.51 13.69 -6.46
N THR B 54 35.91 14.95 -6.31
CA THR B 54 36.99 15.33 -5.37
C THR B 54 36.44 15.82 -4.02
N GLY B 55 35.21 15.43 -3.71
CA GLY B 55 34.57 15.79 -2.41
C GLY B 55 34.24 17.27 -2.27
N ASP B 56 33.78 17.86 -3.36
CA ASP B 56 33.40 19.27 -3.41
C ASP B 56 32.03 19.33 -4.12
N GLY B 57 31.69 20.50 -4.66
CA GLY B 57 30.38 20.72 -5.28
C GLY B 57 29.43 21.25 -4.23
N PRO B 58 28.14 21.37 -4.60
CA PRO B 58 27.14 21.83 -3.65
C PRO B 58 26.67 20.68 -2.78
N ASP B 59 26.01 21.02 -1.69
CA ASP B 59 25.37 20.02 -0.86
C ASP B 59 24.22 19.43 -1.68
N ILE B 60 23.43 20.30 -2.30
CA ILE B 60 22.30 19.89 -3.11
C ILE B 60 22.52 20.26 -4.57
N ILE B 61 22.22 19.31 -5.46
CA ILE B 61 22.20 19.57 -6.90
C ILE B 61 20.81 19.28 -7.47
N PHE B 62 20.33 20.20 -8.30
CA PHE B 62 19.03 20.09 -8.96
C PHE B 62 19.24 19.89 -10.47
N TRP B 63 18.89 18.69 -10.95
CA TRP B 63 18.97 18.34 -12.38
C TRP B 63 18.00 17.23 -12.69
N ALA B 64 17.78 16.99 -13.98
CA ALA B 64 16.99 15.84 -14.42
C ALA B 64 17.68 14.53 -14.04
N HIS B 65 16.88 13.48 -13.89
CA HIS B 65 17.39 12.19 -13.41
C HIS B 65 18.26 11.46 -14.45
N ASP B 66 18.18 11.87 -15.73
CA ASP B 66 19.03 11.26 -16.76
C ASP B 66 20.51 11.16 -16.29
N ARG B 67 21.07 12.25 -15.78
CA ARG B 67 22.50 12.30 -15.43
C ARG B 67 22.79 11.89 -13.97
N PHE B 68 21.71 11.76 -13.22
CA PHE B 68 21.78 11.33 -11.82
C PHE B 68 22.14 9.88 -11.65
N GLY B 69 21.69 9.03 -12.58
CA GLY B 69 22.03 7.62 -12.56
C GLY B 69 23.53 7.36 -12.62
N GLY B 70 24.23 8.23 -13.33
CA GLY B 70 25.68 8.14 -13.44
C GLY B 70 26.36 8.55 -12.17
N TYR B 71 26.08 9.78 -11.70
CA TYR B 71 26.68 10.30 -10.46
C TYR B 71 26.56 9.25 -9.32
N ALA B 72 25.37 8.65 -9.21
CA ALA B 72 25.09 7.57 -8.25
C ALA B 72 26.06 6.40 -8.40
N GLN B 73 26.17 5.89 -9.62
CA GLN B 73 27.13 4.83 -9.94
C GLN B 73 28.56 5.29 -9.57
N SER B 74 28.86 6.55 -9.82
CA SER B 74 30.14 7.15 -9.42
C SER B 74 30.22 7.36 -7.90
N GLY B 75 29.18 6.96 -7.19
CA GLY B 75 29.16 6.97 -5.71
C GLY B 75 28.97 8.36 -5.16
N LEU B 76 28.38 9.22 -5.98
CA LEU B 76 28.45 10.67 -5.77
C LEU B 76 27.29 11.23 -5.01
N LEU B 77 26.18 10.51 -5.01
CA LEU B 77 24.98 10.95 -4.32
C LEU B 77 24.74 10.08 -3.09
N ALA B 78 24.22 10.71 -2.04
CA ALA B 78 23.92 10.02 -0.79
C ALA B 78 22.59 9.27 -0.85
N GLU B 79 22.50 8.24 -0.03
CA GLU B 79 21.27 7.49 0.10
C GLU B 79 20.35 8.33 0.94
N ILE B 80 19.32 8.86 0.30
CA ILE B 80 18.27 9.59 1.01
C ILE B 80 17.39 8.61 1.76
N THR B 81 16.76 9.11 2.81
CA THR B 81 15.99 8.27 3.71
C THR B 81 14.69 8.95 4.16
N PRO B 82 13.76 9.18 3.21
CA PRO B 82 12.41 9.60 3.60
C PRO B 82 11.59 8.39 4.06
N ASP B 83 10.73 8.57 5.07
CA ASP B 83 9.80 7.48 5.50
C ASP B 83 8.63 7.36 4.53
N LYS B 84 7.92 6.22 4.61
CA LYS B 84 6.81 5.94 3.69
C LYS B 84 5.82 7.10 3.68
N ALA B 85 5.48 7.61 4.85
CA ALA B 85 4.58 8.75 4.98
C ALA B 85 4.96 9.86 3.99
N PHE B 86 6.24 10.20 3.97
CA PHE B 86 6.73 11.22 3.07
C PHE B 86 6.67 10.79 1.61
N GLN B 87 7.09 9.55 1.36
CA GLN B 87 7.05 8.96 0.01
C GLN B 87 5.66 8.97 -0.60
N ASP B 88 4.68 8.70 0.25
CA ASP B 88 3.28 8.77 -0.13
C ASP B 88 2.83 10.17 -0.57
N LYS B 89 3.54 11.21 -0.14
CA LYS B 89 3.25 12.61 -0.55
C LYS B 89 3.48 12.90 -2.06
N LEU B 90 4.41 12.16 -2.67
CA LEU B 90 4.72 12.30 -4.09
C LEU B 90 4.29 11.06 -4.85
N TYR B 91 4.02 11.23 -6.13
CA TYR B 91 3.47 10.12 -6.92
C TYR B 91 4.46 8.95 -6.91
N PRO B 92 3.96 7.73 -6.64
CA PRO B 92 4.80 6.53 -6.46
C PRO B 92 5.73 6.20 -7.63
N PHE B 93 5.36 6.67 -8.82
CA PHE B 93 6.12 6.34 -10.01
C PHE B 93 7.34 7.24 -10.09
N THR B 94 7.24 8.45 -9.55
CA THR B 94 8.38 9.40 -9.55
C THR B 94 9.60 8.88 -8.77
N TRP B 95 9.34 8.04 -7.77
CA TRP B 95 10.39 7.47 -6.93
C TRP B 95 11.25 6.47 -7.69
N ASP B 96 10.75 6.02 -8.83
CA ASP B 96 11.50 5.04 -9.64
C ASP B 96 12.62 5.75 -10.40
N ALA B 97 12.39 7.02 -10.69
CA ALA B 97 13.37 7.86 -11.34
C ALA B 97 14.61 8.03 -10.48
N VAL B 98 14.40 8.25 -9.20
CA VAL B 98 15.51 8.61 -8.29
C VAL B 98 16.03 7.41 -7.53
N ARG B 99 15.90 6.26 -8.17
CA ARG B 99 16.30 5.00 -7.61
C ARG B 99 17.48 4.50 -8.43
N TYR B 100 18.62 4.30 -7.79
CA TYR B 100 19.74 3.64 -8.45
C TYR B 100 20.30 2.52 -7.57
N ASN B 101 20.62 1.41 -8.26
CA ASN B 101 20.90 0.14 -7.63
C ASN B 101 20.12 -0.05 -6.34
N GLY B 102 18.80 0.13 -6.47
CA GLY B 102 17.85 -0.08 -5.38
C GLY B 102 18.04 0.85 -4.19
N LYS B 103 18.64 2.00 -4.42
CA LYS B 103 18.82 2.99 -3.36
C LYS B 103 18.12 4.26 -3.82
N LEU B 104 17.36 4.89 -2.92
CA LEU B 104 16.83 6.23 -3.18
C LEU B 104 17.99 7.24 -3.09
N ILE B 105 18.17 7.95 -4.20
CA ILE B 105 19.35 8.74 -4.50
C ILE B 105 19.04 10.21 -4.86
N ALA B 106 17.76 10.58 -4.87
CA ALA B 106 17.33 11.97 -5.04
C ALA B 106 15.86 12.14 -4.68
N TYR B 107 15.41 13.38 -4.60
CA TYR B 107 14.01 13.70 -4.34
C TYR B 107 13.35 14.16 -5.66
N PRO B 108 12.30 13.47 -6.10
CA PRO B 108 11.63 13.97 -7.30
C PRO B 108 11.02 15.32 -7.05
N ILE B 109 11.11 16.19 -8.04
CA ILE B 109 10.65 17.58 -7.93
C ILE B 109 9.57 17.88 -8.95
N ALA B 110 10.01 17.92 -10.21
CA ALA B 110 9.14 18.17 -11.32
C ALA B 110 9.23 17.00 -12.29
N VAL B 111 8.31 17.01 -13.23
CA VAL B 111 8.03 15.87 -14.06
C VAL B 111 7.67 16.41 -15.42
N GLU B 112 8.10 15.69 -16.44
CA GLU B 112 8.03 16.20 -17.77
C GLU B 112 7.87 15.06 -18.75
N ALA B 113 7.03 15.29 -19.76
CA ALA B 113 6.61 14.24 -20.69
C ALA B 113 5.92 14.77 -21.93
N LEU B 114 6.05 14.04 -23.03
CA LEU B 114 5.32 14.37 -24.25
C LEU B 114 3.81 14.29 -24.04
N SER B 115 3.15 15.19 -24.73
CA SER B 115 1.72 15.33 -24.63
C SER B 115 1.22 15.46 -26.06
N LEU B 116 -0.08 15.30 -26.26
CA LEU B 116 -0.65 15.54 -27.55
C LEU B 116 -0.99 17.00 -27.60
N ILE B 117 -0.49 17.69 -28.62
CA ILE B 117 -0.80 19.12 -28.81
C ILE B 117 -1.63 19.32 -30.07
N TYR B 118 -2.70 20.10 -29.93
CA TYR B 118 -3.66 20.25 -31.02
C TYR B 118 -4.22 21.66 -31.18
N ASN B 119 -4.60 21.94 -32.42
CA ASN B 119 -5.14 23.22 -32.82
C ASN B 119 -6.64 23.24 -32.58
N LYS B 120 -7.05 23.86 -31.47
CA LYS B 120 -8.47 23.87 -31.08
C LYS B 120 -9.34 24.30 -32.26
N ASP B 121 -8.90 25.30 -33.01
CA ASP B 121 -9.66 25.82 -34.14
C ASP B 121 -9.87 24.82 -35.23
N LEU B 122 -8.80 24.19 -35.68
CA LEU B 122 -8.90 23.14 -36.68
C LEU B 122 -9.59 21.91 -36.12
N LEU B 123 -9.41 21.67 -34.83
CA LEU B 123 -9.68 20.39 -34.20
C LEU B 123 -10.17 20.56 -32.76
N PRO B 124 -11.47 20.81 -32.58
CA PRO B 124 -11.98 21.12 -31.26
C PRO B 124 -11.92 19.92 -30.36
N ASN B 125 -12.27 18.76 -30.93
CA ASN B 125 -12.29 17.50 -30.19
C ASN B 125 -11.21 16.60 -30.73
N PRO B 126 -10.04 16.60 -30.08
CA PRO B 126 -8.93 15.83 -30.64
C PRO B 126 -9.16 14.35 -30.38
N PRO B 127 -8.54 13.49 -31.18
CA PRO B 127 -8.81 12.06 -31.13
C PRO B 127 -8.26 11.41 -29.86
N LYS B 128 -9.04 10.48 -29.35
CA LYS B 128 -8.62 9.69 -28.22
C LYS B 128 -7.68 8.59 -28.63
N THR B 129 -7.63 8.36 -29.94
CA THR B 129 -7.21 7.08 -30.48
C THR B 129 -6.38 7.22 -31.73
N TRP B 130 -5.19 6.63 -31.70
CA TRP B 130 -4.31 6.57 -32.86
C TRP B 130 -5.04 6.07 -34.07
N GLU B 131 -5.78 4.98 -33.89
CA GLU B 131 -6.51 4.38 -34.99
C GLU B 131 -7.37 5.39 -35.76
N GLU B 132 -7.68 6.55 -35.17
CA GLU B 132 -8.60 7.56 -35.78
C GLU B 132 -7.94 8.42 -36.84
N ILE B 133 -6.63 8.49 -36.76
CA ILE B 133 -5.90 9.57 -37.39
C ILE B 133 -5.91 9.53 -38.90
N PRO B 134 -5.86 8.34 -39.49
CA PRO B 134 -5.92 8.30 -40.95
C PRO B 134 -7.20 8.95 -41.45
N ALA B 135 -8.31 8.58 -40.83
CA ALA B 135 -9.61 9.13 -41.19
C ALA B 135 -9.59 10.62 -40.95
N LEU B 136 -9.26 11.01 -39.73
CA LEU B 136 -9.13 12.42 -39.38
C LEU B 136 -8.36 13.24 -40.43
N ASP B 137 -7.23 12.67 -40.84
CA ASP B 137 -6.35 13.29 -41.83
C ASP B 137 -7.04 13.43 -43.19
N LYS B 138 -7.62 12.33 -43.68
CA LYS B 138 -8.28 12.34 -44.98
C LYS B 138 -9.17 13.56 -45.06
N GLU B 139 -9.86 13.84 -43.95
CA GLU B 139 -10.73 15.03 -43.85
C GLU B 139 -9.95 16.34 -44.00
N LEU B 140 -8.92 16.50 -43.19
CA LEU B 140 -8.20 17.77 -43.12
C LEU B 140 -7.45 18.07 -44.41
N LYS B 141 -6.95 17.03 -45.07
CA LYS B 141 -6.28 17.19 -46.37
C LYS B 141 -7.22 17.69 -47.48
N ALA B 142 -8.41 17.13 -47.54
CA ALA B 142 -9.46 17.65 -48.42
C ALA B 142 -9.75 19.13 -48.16
N LYS B 143 -9.64 19.50 -46.88
CA LYS B 143 -9.75 20.90 -46.44
C LYS B 143 -8.37 21.64 -46.41
N GLY B 144 -7.39 21.11 -47.13
CA GLY B 144 -6.10 21.79 -47.28
C GLY B 144 -5.19 21.83 -46.07
N LYS B 145 -5.42 20.93 -45.10
CA LYS B 145 -4.63 20.84 -43.87
C LYS B 145 -4.17 19.41 -43.65
N SER B 146 -3.61 19.11 -42.48
CA SER B 146 -3.14 17.77 -42.15
C SER B 146 -3.46 17.42 -40.69
N ALA B 147 -3.83 16.17 -40.44
CA ALA B 147 -4.15 15.75 -39.07
C ALA B 147 -3.01 15.94 -38.09
N LEU B 148 -1.88 15.33 -38.41
CA LEU B 148 -0.77 15.21 -37.47
C LEU B 148 0.60 15.29 -38.11
N MET B 149 1.44 16.12 -37.51
CA MET B 149 2.87 16.09 -37.78
C MET B 149 3.66 16.19 -36.49
N PHE B 150 4.54 15.21 -36.30
CA PHE B 150 5.54 15.28 -35.23
C PHE B 150 6.89 14.70 -35.67
N ASN B 151 7.91 14.90 -34.82
CA ASN B 151 9.28 14.52 -35.14
C ASN B 151 9.45 13.02 -35.21
N LEU B 152 9.48 12.46 -36.41
CA LEU B 152 9.55 10.99 -36.59
C LEU B 152 11.01 10.51 -36.67
N GLN B 153 11.95 11.41 -36.36
CA GLN B 153 13.36 11.10 -36.56
C GLN B 153 13.98 10.41 -35.37
N GLU B 154 13.45 10.65 -34.18
CA GLU B 154 14.08 10.16 -32.97
C GLU B 154 13.07 9.46 -32.06
N PRO B 155 13.45 8.30 -31.49
CA PRO B 155 12.60 7.43 -30.67
C PRO B 155 11.97 8.11 -29.49
N TYR B 156 12.65 9.11 -28.92
CA TYR B 156 12.08 9.88 -27.82
C TYR B 156 10.67 10.26 -28.18
N PHE B 157 10.47 10.60 -29.45
CA PHE B 157 9.18 11.05 -29.93
C PHE B 157 8.35 9.94 -30.46
N THR B 158 8.96 8.96 -31.12
CA THR B 158 8.16 7.89 -31.74
C THR B 158 7.79 6.78 -30.74
N TRP B 159 8.69 6.51 -29.81
CA TRP B 159 8.49 5.45 -28.87
C TRP B 159 7.13 5.36 -28.18
N PRO B 160 6.55 6.49 -27.77
CA PRO B 160 5.27 6.41 -27.11
C PRO B 160 4.22 5.47 -27.76
N LEU B 161 4.07 5.57 -29.08
CA LEU B 161 3.16 4.75 -29.85
C LEU B 161 3.68 3.33 -29.89
N ILE B 162 4.97 3.22 -30.09
CA ILE B 162 5.65 1.91 -30.13
C ILE B 162 5.55 1.13 -28.81
N ALA B 163 5.48 1.85 -27.69
CA ALA B 163 5.38 1.22 -26.37
C ALA B 163 3.95 0.87 -25.97
N ALA B 164 3.00 1.49 -26.64
CA ALA B 164 1.60 1.37 -26.27
C ALA B 164 1.09 -0.07 -26.10
N ASP B 165 1.31 -0.89 -27.14
CA ASP B 165 0.74 -2.26 -27.16
C ASP B 165 1.63 -3.25 -26.44
N GLY B 166 2.78 -2.77 -25.99
CA GLY B 166 3.62 -3.52 -25.08
C GLY B 166 5.12 -3.43 -25.25
N GLY B 167 5.58 -2.53 -26.12
CA GLY B 167 7.01 -2.31 -26.26
C GLY B 167 7.52 -1.76 -24.95
N TYR B 168 8.82 -1.92 -24.71
CA TYR B 168 9.48 -1.30 -23.57
C TYR B 168 10.97 -1.38 -23.73
N ALA B 169 11.66 -0.51 -23.01
CA ALA B 169 13.09 -0.38 -23.15
C ALA B 169 13.80 -1.44 -22.33
N PHE B 170 13.67 -1.37 -21.01
CA PHE B 170 14.18 -2.40 -20.13
C PHE B 170 13.19 -2.69 -19.02
N LYS B 171 12.85 -3.96 -18.85
CA LYS B 171 11.96 -4.42 -17.77
C LYS B 171 12.45 -4.00 -16.39
N TYR B 172 11.58 -3.30 -15.66
CA TYR B 172 11.89 -2.66 -14.36
C TYR B 172 11.12 -3.22 -13.10
N GLU B 173 11.73 -4.18 -12.39
CA GLU B 173 10.95 -5.07 -11.48
C GLU B 173 10.87 -4.73 -9.98
N ASN B 174 11.98 -4.76 -9.25
CA ASN B 174 11.94 -4.35 -7.83
C ASN B 174 12.88 -3.18 -7.59
N GLY B 175 12.51 -2.05 -8.17
CA GLY B 175 13.39 -0.90 -8.32
C GLY B 175 14.64 -1.19 -9.15
N LYS B 176 14.52 -2.16 -10.07
CA LYS B 176 15.68 -2.72 -10.81
C LYS B 176 15.36 -2.95 -12.27
N TYR B 177 16.26 -2.51 -13.15
CA TYR B 177 16.11 -2.71 -14.59
C TYR B 177 16.84 -3.97 -15.02
N ASP B 178 16.12 -4.96 -15.55
CA ASP B 178 16.82 -6.10 -16.12
C ASP B 178 17.44 -5.69 -17.46
N ILE B 179 18.68 -5.23 -17.34
CA ILE B 179 19.62 -5.01 -18.45
C ILE B 179 19.44 -6.02 -19.59
N LYS B 180 19.07 -7.24 -19.25
CA LYS B 180 18.93 -8.33 -20.22
C LYS B 180 17.52 -8.48 -20.80
N ASP B 181 16.52 -7.84 -20.18
CA ASP B 181 15.10 -7.92 -20.56
C ASP B 181 14.61 -6.66 -21.34
N VAL B 182 14.68 -6.73 -22.67
CA VAL B 182 14.41 -5.59 -23.56
C VAL B 182 13.14 -5.79 -24.42
N GLY B 183 12.32 -4.76 -24.57
CA GLY B 183 11.03 -4.90 -25.27
C GLY B 183 10.94 -4.22 -26.62
N VAL B 184 11.87 -4.55 -27.51
CA VAL B 184 11.98 -3.92 -28.83
C VAL B 184 11.53 -4.87 -29.93
N ASP B 185 11.83 -6.15 -29.73
CA ASP B 185 11.45 -7.28 -30.61
C ASP B 185 9.98 -7.64 -30.52
N ASN B 186 9.33 -7.28 -29.43
CA ASN B 186 8.05 -7.90 -29.08
C ASN B 186 6.84 -7.46 -29.92
N ALA B 187 5.74 -8.18 -29.80
CA ALA B 187 4.51 -7.89 -30.54
C ALA B 187 4.01 -6.44 -30.31
N GLY B 188 3.95 -6.04 -29.04
CA GLY B 188 3.57 -4.67 -28.68
C GLY B 188 4.29 -3.62 -29.49
N ALA B 189 5.58 -3.85 -29.70
CA ALA B 189 6.42 -2.86 -30.40
C ALA B 189 6.21 -2.94 -31.90
N LYS B 190 5.99 -4.17 -32.39
CA LYS B 190 5.71 -4.40 -33.82
C LYS B 190 4.45 -3.66 -34.23
N ALA B 191 3.43 -3.75 -33.39
CA ALA B 191 2.16 -3.16 -33.70
C ALA B 191 2.26 -1.65 -33.75
N GLY B 192 2.87 -1.06 -32.73
CA GLY B 192 3.10 0.40 -32.73
C GLY B 192 3.87 0.90 -33.95
N LEU B 193 4.98 0.26 -34.25
CA LEU B 193 5.82 0.70 -35.37
C LEU B 193 5.12 0.48 -36.70
N THR B 194 4.43 -0.65 -36.79
CA THR B 194 3.73 -1.05 -38.00
C THR B 194 2.64 -0.06 -38.33
N PHE B 195 1.89 0.31 -37.30
CA PHE B 195 0.84 1.30 -37.45
C PHE B 195 1.41 2.68 -37.76
N LEU B 196 2.56 2.99 -37.15
CA LEU B 196 3.25 4.21 -37.47
C LEU B 196 3.64 4.14 -38.93
N VAL B 197 4.33 3.08 -39.30
CA VAL B 197 4.85 2.99 -40.65
C VAL B 197 3.69 3.08 -41.66
N ASP B 198 2.53 2.58 -41.27
CA ASP B 198 1.35 2.64 -42.14
C ASP B 198 0.88 4.08 -42.37
N LEU B 199 0.84 4.87 -41.32
CA LEU B 199 0.47 6.25 -41.50
C LEU B 199 1.28 6.76 -42.67
N ILE B 200 2.58 6.53 -42.56
CA ILE B 200 3.54 6.97 -43.58
C ILE B 200 3.17 6.38 -44.92
N LYS B 201 3.09 5.06 -44.98
CA LYS B 201 2.81 4.34 -46.23
C LYS B 201 1.56 4.90 -46.93
N ASN B 202 0.51 5.09 -46.13
CA ASN B 202 -0.77 5.68 -46.57
C ASN B 202 -0.72 7.19 -46.69
N LYS B 203 0.48 7.74 -46.53
CA LYS B 203 0.70 9.16 -46.71
C LYS B 203 -0.06 10.00 -45.72
N HIS B 204 -0.26 9.50 -44.52
CA HIS B 204 -0.85 10.33 -43.47
C HIS B 204 0.19 11.14 -42.71
N MET B 205 1.44 10.72 -42.85
CA MET B 205 2.63 11.44 -42.37
C MET B 205 3.76 11.19 -43.34
N ASN B 206 4.80 12.00 -43.21
CA ASN B 206 5.99 11.90 -44.03
C ASN B 206 7.12 11.36 -43.21
N ALA B 207 7.90 10.46 -43.78
CA ALA B 207 9.02 9.86 -43.08
C ALA B 207 10.11 10.90 -42.75
N ASP B 208 10.35 11.82 -43.68
CA ASP B 208 11.34 12.87 -43.46
C ASP B 208 10.94 13.91 -42.39
N THR B 209 9.73 13.84 -41.85
CA THR B 209 9.31 14.85 -40.91
C THR B 209 10.13 14.83 -39.62
N ASP B 210 10.87 15.92 -39.40
CA ASP B 210 11.64 16.13 -38.16
C ASP B 210 10.98 17.15 -37.22
N TYR B 211 11.76 17.71 -36.30
CA TYR B 211 11.22 18.60 -35.24
C TYR B 211 10.77 19.94 -35.80
N SER B 212 11.68 20.60 -36.50
CA SER B 212 11.38 21.94 -37.05
C SER B 212 10.23 21.92 -38.06
N ILE B 213 10.27 20.97 -38.99
CA ILE B 213 9.17 20.85 -39.93
C ILE B 213 7.84 20.73 -39.18
N ALA B 214 7.82 19.79 -38.24
CA ALA B 214 6.67 19.60 -37.36
C ALA B 214 6.29 20.87 -36.60
N GLU B 215 7.27 21.51 -35.96
CA GLU B 215 6.98 22.73 -35.21
C GLU B 215 6.49 23.84 -36.12
N ALA B 216 7.19 24.02 -37.22
CA ALA B 216 6.82 25.03 -38.19
C ALA B 216 5.38 24.82 -38.60
N ALA B 217 5.07 23.57 -38.94
CA ALA B 217 3.78 23.23 -39.51
C ALA B 217 2.70 23.49 -38.49
N PHE B 218 2.93 23.10 -37.24
CA PHE B 218 1.87 23.23 -36.22
C PHE B 218 1.71 24.69 -35.86
N ASN B 219 2.80 25.40 -35.68
CA ASN B 219 2.72 26.81 -35.31
C ASN B 219 2.24 27.78 -36.43
N LYS B 220 2.26 27.33 -37.68
CA LYS B 220 1.73 28.11 -38.82
C LYS B 220 0.23 27.81 -39.06
N GLY B 221 -0.29 26.79 -38.42
CA GLY B 221 -1.68 26.35 -38.59
C GLY B 221 -1.89 25.39 -39.77
N GLU B 222 -0.80 24.77 -40.21
CA GLU B 222 -0.80 23.87 -41.37
C GLU B 222 -1.28 22.45 -41.02
N THR B 223 -1.02 22.05 -39.78
CA THR B 223 -1.45 20.74 -39.28
C THR B 223 -2.20 20.87 -37.96
N ALA B 224 -3.09 19.94 -37.74
CA ALA B 224 -4.03 20.03 -36.66
C ALA B 224 -3.39 19.60 -35.35
N MET B 225 -2.39 18.74 -35.44
CA MET B 225 -1.82 18.11 -34.26
C MET B 225 -0.32 17.93 -34.33
N THR B 226 0.28 17.92 -33.16
CA THR B 226 1.67 17.55 -33.01
C THR B 226 1.90 16.93 -31.66
N ILE B 227 3.08 16.35 -31.50
CA ILE B 227 3.48 15.78 -30.23
C ILE B 227 4.76 16.48 -29.81
N ASN B 228 4.69 17.12 -28.65
CA ASN B 228 5.83 17.78 -28.09
C ASN B 228 5.67 17.92 -26.58
N GLY B 229 6.73 18.44 -25.97
CA GLY B 229 6.77 18.65 -24.53
C GLY B 229 6.77 20.11 -24.14
N PRO B 230 6.55 20.37 -22.83
CA PRO B 230 6.27 21.71 -22.33
C PRO B 230 7.24 22.78 -22.81
N TRP B 231 8.46 22.39 -23.09
CA TRP B 231 9.44 23.35 -23.66
C TRP B 231 8.88 24.02 -24.93
N ALA B 232 8.08 23.28 -25.68
CA ALA B 232 7.56 23.71 -26.97
C ALA B 232 6.38 24.65 -26.84
N TRP B 233 5.75 24.68 -25.66
CA TRP B 233 4.58 25.54 -25.40
C TRP B 233 4.90 27.00 -25.74
N SER B 234 5.89 27.57 -25.08
CA SER B 234 6.24 28.98 -25.28
C SER B 234 6.15 29.38 -26.76
N ASN B 235 6.81 28.63 -27.62
CA ASN B 235 6.89 29.01 -29.04
C ASN B 235 5.52 29.04 -29.68
N ILE B 236 4.61 28.21 -29.19
CA ILE B 236 3.25 28.22 -29.69
C ILE B 236 2.59 29.50 -29.16
N ASP B 237 2.77 29.76 -27.87
CA ASP B 237 2.20 30.97 -27.27
C ASP B 237 2.48 32.15 -28.20
N THR B 238 3.77 32.34 -28.48
CA THR B 238 4.26 33.32 -29.44
C THR B 238 3.56 33.23 -30.80
N SER B 239 3.30 32.00 -31.23
CA SER B 239 2.62 31.75 -32.49
C SER B 239 1.16 32.19 -32.52
N LYS B 240 0.57 32.47 -31.36
CA LYS B 240 -0.80 32.95 -31.32
C LYS B 240 -1.80 31.89 -31.85
N VAL B 241 -1.31 30.70 -32.15
CA VAL B 241 -2.15 29.57 -32.57
C VAL B 241 -2.99 29.19 -31.38
N ASN B 242 -4.27 28.90 -31.61
CA ASN B 242 -5.14 28.55 -30.52
C ASN B 242 -4.95 27.08 -30.21
N TYR B 243 -4.18 26.79 -29.16
CA TYR B 243 -3.84 25.40 -28.87
C TYR B 243 -4.26 24.86 -27.52
N GLY B 244 -4.33 23.54 -27.53
CA GLY B 244 -4.63 22.72 -26.36
C GLY B 244 -3.63 21.60 -26.25
N VAL B 245 -3.42 21.15 -25.01
CA VAL B 245 -2.45 20.12 -24.70
C VAL B 245 -3.20 19.06 -23.95
N THR B 246 -3.09 17.83 -24.40
CA THR B 246 -3.90 16.76 -23.85
C THR B 246 -3.23 15.38 -23.90
N VAL B 247 -3.97 14.42 -23.37
CA VAL B 247 -3.57 13.03 -23.34
C VAL B 247 -3.14 12.59 -24.76
N LEU B 248 -2.11 11.76 -24.86
CA LEU B 248 -1.73 11.14 -26.14
C LEU B 248 -2.77 10.11 -26.55
N PRO B 249 -2.89 9.83 -27.84
CA PRO B 249 -3.94 8.88 -28.25
C PRO B 249 -3.66 7.46 -27.75
N THR B 250 -4.70 6.70 -27.51
CA THR B 250 -4.51 5.32 -27.15
C THR B 250 -4.13 4.60 -28.42
N PHE B 251 -3.47 3.47 -28.26
CA PHE B 251 -3.28 2.55 -29.36
C PHE B 251 -3.68 1.15 -28.93
N LYS B 252 -4.48 0.51 -29.76
CA LYS B 252 -5.14 -0.75 -29.35
C LYS B 252 -5.65 -0.57 -27.93
N GLY B 253 -6.36 0.52 -27.73
CA GLY B 253 -6.97 0.84 -26.45
C GLY B 253 -6.05 1.01 -25.27
N GLN B 254 -4.75 1.05 -25.52
CA GLN B 254 -3.78 1.14 -24.47
C GLN B 254 -3.12 2.48 -24.59
N PRO B 255 -2.79 3.11 -23.46
CA PRO B 255 -2.22 4.45 -23.54
C PRO B 255 -0.82 4.48 -24.15
N SER B 256 -0.49 5.59 -24.77
CA SER B 256 0.84 5.76 -25.31
C SER B 256 1.76 6.05 -24.14
N LYS B 257 3.00 5.62 -24.27
CA LYS B 257 3.90 5.56 -23.13
C LYS B 257 5.09 6.37 -23.42
N PRO B 258 5.05 7.65 -23.07
CA PRO B 258 6.22 8.51 -23.34
C PRO B 258 7.21 8.43 -22.22
N PHE B 259 8.48 8.63 -22.52
CA PHE B 259 9.52 8.56 -21.48
C PHE B 259 9.45 9.79 -20.61
N VAL B 260 9.58 9.58 -19.32
CA VAL B 260 9.28 10.65 -18.38
C VAL B 260 10.60 11.18 -17.97
N GLY B 261 10.65 12.49 -17.83
CA GLY B 261 11.81 13.20 -17.36
C GLY B 261 11.50 13.86 -16.05
N VAL B 262 12.15 13.36 -15.01
CA VAL B 262 11.97 13.85 -13.63
C VAL B 262 13.10 14.77 -13.17
N LEU B 263 12.76 16.05 -13.05
CA LEU B 263 13.66 17.00 -12.42
C LEU B 263 13.75 16.60 -10.97
N SER B 264 14.95 16.27 -10.52
CA SER B 264 15.11 15.67 -9.18
C SER B 264 16.29 16.23 -8.42
N ALA B 265 16.17 16.24 -7.08
CA ALA B 265 17.13 16.90 -6.18
C ALA B 265 17.88 15.90 -5.29
N GLY B 266 19.15 15.72 -5.63
CA GLY B 266 20.02 14.80 -4.90
C GLY B 266 20.92 15.57 -3.94
N ILE B 267 21.46 14.84 -2.96
CA ILE B 267 22.44 15.41 -2.04
C ILE B 267 23.80 14.75 -2.25
N ASN B 268 24.81 15.58 -2.28
CA ASN B 268 26.15 15.12 -2.48
C ASN B 268 26.53 14.16 -1.37
N ALA B 269 27.05 13.00 -1.75
CA ALA B 269 27.68 12.10 -0.78
C ALA B 269 28.72 12.85 0.06
N ALA B 270 29.42 13.80 -0.54
CA ALA B 270 30.45 14.58 0.19
C ALA B 270 29.89 15.53 1.27
N SER B 271 28.63 15.94 1.15
CA SER B 271 28.07 16.97 2.02
C SER B 271 27.98 16.50 3.47
N PRO B 272 28.43 17.34 4.42
CA PRO B 272 28.21 17.03 5.82
C PRO B 272 26.84 17.51 6.30
N ASN B 273 26.10 18.16 5.41
CA ASN B 273 24.78 18.70 5.75
C ASN B 273 23.64 17.77 5.32
N LYS B 274 23.97 16.49 5.14
CA LYS B 274 23.03 15.49 4.63
C LYS B 274 21.71 15.51 5.42
N GLU B 275 21.80 15.68 6.74
CA GLU B 275 20.63 15.74 7.63
C GLU B 275 19.88 17.06 7.47
N LEU B 276 20.62 18.14 7.26
CA LEU B 276 20.05 19.49 7.12
C LEU B 276 19.39 19.65 5.77
N ALA B 277 20.08 19.14 4.75
CA ALA B 277 19.58 19.10 3.39
C ALA B 277 18.21 18.41 3.35
N LYS B 278 18.14 17.22 3.92
CA LYS B 278 16.90 16.43 4.04
C LYS B 278 15.80 17.26 4.66
N GLU B 279 16.12 17.90 5.80
CA GLU B 279 15.18 18.80 6.48
C GLU B 279 14.67 19.90 5.54
N PHE B 280 15.59 20.46 4.76
CA PHE B 280 15.25 21.52 3.80
C PHE B 280 14.33 21.03 2.67
N LEU B 281 14.74 19.97 1.99
CA LEU B 281 14.01 19.47 0.83
C LEU B 281 12.63 18.93 1.23
N GLU B 282 12.60 18.10 2.27
CA GLU B 282 11.36 17.41 2.67
C GLU B 282 10.33 18.39 3.25
N ASN B 283 10.77 19.22 4.19
CA ASN B 283 9.86 20.03 4.99
C ASN B 283 9.74 21.48 4.56
N TYR B 284 10.54 21.92 3.59
CA TYR B 284 10.51 23.33 3.12
C TYR B 284 10.23 23.44 1.63
N LEU B 285 11.13 22.88 0.82
CA LEU B 285 10.99 22.96 -0.63
C LEU B 285 9.79 22.17 -1.11
N LEU B 286 9.75 20.89 -0.76
CA LEU B 286 8.69 19.97 -1.20
C LEU B 286 7.39 20.16 -0.43
N THR B 287 6.75 21.30 -0.64
CA THR B 287 5.50 21.65 -0.02
C THR B 287 4.79 22.57 -0.98
N ASP B 288 3.49 22.72 -0.79
CA ASP B 288 2.71 23.64 -1.61
C ASP B 288 3.41 25.00 -1.67
N GLU B 289 3.63 25.61 -0.49
CA GLU B 289 4.27 26.91 -0.39
C GLU B 289 5.62 26.91 -1.13
N GLY B 290 6.44 25.90 -0.80
CA GLY B 290 7.84 25.81 -1.29
C GLY B 290 8.02 25.63 -2.79
N LEU B 291 7.11 24.89 -3.40
CA LEU B 291 7.12 24.70 -4.86
C LEU B 291 6.49 25.87 -5.61
N GLU B 292 5.46 26.48 -5.00
CA GLU B 292 4.86 27.71 -5.53
C GLU B 292 5.88 28.86 -5.59
N ALA B 293 6.75 28.91 -4.59
CA ALA B 293 7.83 29.88 -4.54
C ALA B 293 8.69 29.76 -5.79
N VAL B 294 9.05 28.53 -6.12
CA VAL B 294 9.88 28.23 -7.29
C VAL B 294 9.10 28.43 -8.59
N ASN B 295 7.91 27.85 -8.64
CA ASN B 295 7.08 27.86 -9.85
C ASN B 295 6.81 29.30 -10.27
N LYS B 296 6.44 30.11 -9.27
CA LYS B 296 6.18 31.53 -9.47
C LYS B 296 7.32 32.21 -10.22
N ASP B 297 8.56 31.86 -9.86
CA ASP B 297 9.76 32.42 -10.52
C ASP B 297 9.89 31.86 -11.93
N LYS B 298 10.03 30.55 -12.03
CA LYS B 298 10.05 29.90 -13.35
C LYS B 298 9.36 28.54 -13.30
N PRO B 299 8.24 28.41 -14.03
CA PRO B 299 7.31 27.27 -13.90
C PRO B 299 7.95 25.89 -13.95
N LEU B 300 7.60 25.06 -12.98
CA LEU B 300 8.13 23.70 -12.88
C LEU B 300 7.54 22.74 -13.88
N GLY B 301 6.48 23.15 -14.56
CA GLY B 301 5.67 22.20 -15.32
C GLY B 301 4.84 21.37 -14.34
N ALA B 302 4.74 20.08 -14.57
CA ALA B 302 4.05 19.23 -13.58
C ALA B 302 5.05 18.84 -12.51
N VAL B 303 4.54 18.66 -11.29
CA VAL B 303 5.38 18.38 -10.11
C VAL B 303 5.02 17.06 -9.46
N ALA B 304 6.03 16.52 -8.75
CA ALA B 304 5.92 15.22 -8.08
C ALA B 304 5.04 15.27 -6.83
N LEU B 305 5.02 16.43 -6.16
CA LEU B 305 4.25 16.60 -4.94
C LEU B 305 2.77 16.57 -5.25
N LYS B 306 2.12 15.52 -4.79
CA LYS B 306 0.72 15.32 -5.12
C LYS B 306 -0.05 16.59 -4.80
N SER B 307 0.12 17.10 -3.58
CA SER B 307 -0.72 18.22 -3.12
C SER B 307 -0.67 19.42 -4.09
N TYR B 308 0.53 19.85 -4.46
CA TYR B 308 0.68 21.03 -5.30
C TYR B 308 0.37 20.78 -6.77
N GLU B 309 0.65 19.57 -7.24
CA GLU B 309 0.33 19.25 -8.62
C GLU B 309 -1.16 19.44 -8.84
N GLU B 310 -1.95 19.09 -7.83
CA GLU B 310 -3.40 19.25 -7.89
C GLU B 310 -3.75 20.70 -8.12
N GLU B 311 -3.03 21.62 -7.48
CA GLU B 311 -3.18 23.05 -7.76
C GLU B 311 -2.77 23.34 -9.22
N LEU B 312 -1.59 22.85 -9.62
CA LEU B 312 -1.06 23.15 -10.95
C LEU B 312 -1.91 22.59 -12.05
N ALA B 313 -2.31 21.34 -11.87
CA ALA B 313 -3.19 20.69 -12.82
C ALA B 313 -4.51 21.44 -13.07
N LYS B 314 -4.71 22.58 -12.41
CA LYS B 314 -5.79 23.50 -12.78
C LYS B 314 -5.57 23.95 -14.24
N ASP B 315 -4.30 24.13 -14.60
CA ASP B 315 -3.91 24.33 -15.98
C ASP B 315 -3.89 22.98 -16.67
N PRO B 316 -4.82 22.76 -17.61
CA PRO B 316 -5.04 21.43 -18.20
C PRO B 316 -3.84 20.97 -19.04
N ARG B 317 -3.01 21.91 -19.46
CA ARG B 317 -1.79 21.54 -20.14
C ARG B 317 -0.88 20.77 -19.22
N ILE B 318 -0.66 21.30 -18.03
CA ILE B 318 0.11 20.62 -16.98
C ILE B 318 -0.55 19.29 -16.61
N ALA B 319 -1.86 19.36 -16.36
CA ALA B 319 -2.61 18.16 -16.07
C ALA B 319 -2.20 17.08 -17.03
N ALA B 320 -2.09 17.46 -18.30
CA ALA B 320 -1.87 16.48 -19.37
C ALA B 320 -0.42 16.01 -19.43
N THR B 321 0.51 16.89 -19.12
CA THR B 321 1.90 16.43 -18.94
C THR B 321 1.87 15.29 -17.90
N MET B 322 1.09 15.50 -16.84
CA MET B 322 0.95 14.51 -15.76
C MET B 322 0.22 13.23 -16.16
N GLU B 323 -0.88 13.37 -16.87
CA GLU B 323 -1.64 12.19 -17.27
C GLU B 323 -0.71 11.33 -18.12
N ASN B 324 0.08 11.99 -18.96
CA ASN B 324 0.91 11.30 -19.91
C ASN B 324 2.19 10.79 -19.29
N ALA B 325 2.69 11.49 -18.29
CA ALA B 325 3.82 10.97 -17.55
C ALA B 325 3.44 9.69 -16.78
N GLN B 326 2.31 9.73 -16.09
CA GLN B 326 1.83 8.57 -15.30
C GLN B 326 1.51 7.36 -16.15
N LYS B 327 0.89 7.59 -17.32
CA LYS B 327 0.67 6.53 -18.31
C LYS B 327 1.99 6.11 -18.98
N GLY B 328 3.00 6.95 -18.91
CA GLY B 328 4.31 6.67 -19.52
C GLY B 328 5.25 5.79 -18.70
N GLU B 329 6.53 5.89 -19.04
CA GLU B 329 7.57 5.11 -18.39
C GLU B 329 8.67 6.01 -17.99
N ILE B 330 9.15 5.89 -16.76
CA ILE B 330 10.33 6.63 -16.35
C ILE B 330 11.52 6.34 -17.26
N MET B 331 12.10 7.39 -17.85
CA MET B 331 13.29 7.22 -18.70
C MET B 331 14.46 6.60 -17.91
N PRO B 332 14.86 5.35 -18.24
CA PRO B 332 15.98 4.72 -17.54
C PRO B 332 17.25 5.57 -17.58
N ASN B 333 17.85 5.77 -16.41
CA ASN B 333 19.09 6.55 -16.26
C ASN B 333 20.37 5.71 -16.36
N ILE B 334 20.21 4.50 -16.88
CA ILE B 334 21.28 3.54 -16.97
C ILE B 334 22.10 3.74 -18.24
N PRO B 335 23.34 3.22 -18.26
CA PRO B 335 24.20 3.45 -19.42
C PRO B 335 23.69 2.78 -20.70
N GLN B 336 22.87 1.77 -20.53
CA GLN B 336 22.36 1.00 -21.68
C GLN B 336 21.33 1.74 -22.50
N MET B 337 20.67 2.73 -21.91
CA MET B 337 19.64 3.48 -22.65
C MET B 337 20.17 4.02 -23.96
N SER B 338 21.39 4.53 -23.97
CA SER B 338 22.00 4.99 -25.21
C SER B 338 21.85 3.87 -26.25
N ALA B 339 22.44 2.74 -25.95
CA ALA B 339 22.39 1.63 -26.87
C ALA B 339 20.96 1.41 -27.38
N PHE B 340 19.98 1.62 -26.50
CA PHE B 340 18.58 1.45 -26.82
C PHE B 340 18.12 2.53 -27.79
N TRP B 341 18.38 3.79 -27.42
CA TRP B 341 18.03 4.94 -28.25
C TRP B 341 18.48 4.75 -29.68
N TYR B 342 19.75 4.41 -29.84
CA TYR B 342 20.31 4.27 -31.18
C TYR B 342 19.81 3.04 -31.93
N ALA B 343 19.53 1.97 -31.23
CA ALA B 343 18.96 0.74 -31.85
C ALA B 343 17.58 1.02 -32.44
N VAL B 344 16.79 1.75 -31.69
CA VAL B 344 15.41 2.02 -32.07
C VAL B 344 15.32 3.13 -33.13
N ARG B 345 16.19 4.10 -33.01
CA ARG B 345 16.26 5.12 -34.03
C ARG B 345 16.40 4.47 -35.39
N THR B 346 17.36 3.56 -35.47
CA THR B 346 17.71 2.89 -36.69
C THR B 346 16.56 1.97 -37.11
N ALA B 347 15.96 1.30 -36.15
CA ALA B 347 14.76 0.58 -36.44
C ALA B 347 13.80 1.46 -37.23
N VAL B 348 13.44 2.60 -36.66
CA VAL B 348 12.31 3.38 -37.16
C VAL B 348 12.62 4.03 -38.51
N ILE B 349 13.88 4.46 -38.65
CA ILE B 349 14.34 5.12 -39.87
C ILE B 349 14.16 4.18 -41.01
N ASN B 350 14.56 2.95 -40.82
CA ASN B 350 14.55 1.96 -41.90
C ASN B 350 13.19 1.35 -42.22
N ALA B 351 12.32 1.25 -41.23
CA ALA B 351 10.95 0.77 -41.45
C ALA B 351 10.08 1.87 -42.05
N ALA B 352 10.36 3.11 -41.65
CA ALA B 352 9.69 4.26 -42.22
C ALA B 352 10.14 4.45 -43.64
N SER B 353 11.43 4.16 -43.91
CA SER B 353 11.98 4.18 -45.27
C SER B 353 11.24 3.23 -46.16
N GLY B 354 10.88 2.07 -45.62
CA GLY B 354 10.38 0.96 -46.42
C GLY B 354 11.51 0.11 -46.96
N ARG B 355 12.75 0.51 -46.74
CA ARG B 355 13.86 -0.34 -47.20
C ARG B 355 13.99 -1.58 -46.30
N GLN B 356 13.12 -1.71 -45.30
CA GLN B 356 13.23 -2.81 -44.36
C GLN B 356 11.98 -2.96 -43.54
N THR B 357 11.51 -4.21 -43.44
CA THR B 357 10.33 -4.57 -42.70
C THR B 357 10.45 -4.24 -41.22
N VAL B 358 9.30 -3.98 -40.61
CA VAL B 358 9.16 -3.78 -39.17
C VAL B 358 9.86 -4.89 -38.42
N ASP B 359 9.45 -6.12 -38.66
CA ASP B 359 10.02 -7.25 -37.93
C ASP B 359 11.53 -7.21 -37.96
N ALA B 360 12.09 -7.06 -39.15
CA ALA B 360 13.52 -7.17 -39.33
C ALA B 360 14.22 -5.95 -38.73
N ALA B 361 13.53 -4.82 -38.81
CA ALA B 361 14.05 -3.60 -38.21
C ALA B 361 14.15 -3.81 -36.71
N LEU B 362 13.04 -4.19 -36.08
CA LEU B 362 13.00 -4.30 -34.63
C LEU B 362 13.75 -5.51 -34.09
N ALA B 363 13.86 -6.57 -34.86
CA ALA B 363 14.66 -7.73 -34.46
C ALA B 363 16.14 -7.34 -34.39
N ALA B 364 16.51 -6.43 -35.27
CA ALA B 364 17.89 -5.97 -35.34
C ALA B 364 18.18 -5.05 -34.16
N ALA B 365 17.15 -4.28 -33.80
CA ALA B 365 17.24 -3.29 -32.76
C ALA B 365 17.22 -3.94 -31.39
N GLN B 366 16.40 -4.98 -31.22
CA GLN B 366 16.41 -5.77 -29.99
C GLN B 366 17.82 -6.18 -29.63
N THR B 367 18.48 -6.75 -30.65
CA THR B 367 19.83 -7.34 -30.60
C THR B 367 20.87 -6.30 -30.25
N ASN B 368 20.74 -5.11 -30.81
CA ASN B 368 21.70 -4.03 -30.54
C ASN B 368 21.40 -3.39 -29.19
N ALA B 369 20.13 -3.18 -28.89
CA ALA B 369 19.73 -2.65 -27.60
C ALA B 369 20.03 -3.61 -26.43
N ALA B 370 20.03 -4.91 -26.69
CA ALA B 370 20.23 -5.89 -25.61
C ALA B 370 21.65 -6.33 -25.51
N ALA B 371 22.45 -5.87 -26.48
CA ALA B 371 23.81 -6.34 -26.56
C ALA B 371 24.55 -5.82 -25.35
N GLU B 372 24.95 -7.15 -24.39
CA GLU B 372 25.76 -6.80 -23.23
C GLU B 372 27.09 -6.46 -23.80
N ASN B 373 27.45 -5.21 -23.73
CA ASN B 373 28.63 -4.79 -24.45
C ASN B 373 29.72 -4.88 -23.46
N SER B 374 30.25 -6.09 -23.31
CA SER B 374 31.25 -6.32 -22.27
C SER B 374 32.52 -5.64 -22.66
N GLN B 375 33.23 -5.16 -21.64
CA GLN B 375 34.55 -4.57 -21.81
C GLN B 375 35.52 -5.52 -22.43
N VAL B 376 36.57 -4.98 -23.01
CA VAL B 376 37.63 -5.79 -23.55
C VAL B 376 38.58 -6.13 -22.44
N THR B 377 38.90 -7.41 -22.26
CA THR B 377 39.89 -7.75 -21.23
C THR B 377 41.38 -7.59 -21.69
N VAL B 378 42.12 -6.74 -21.04
CA VAL B 378 43.50 -6.60 -21.47
C VAL B 378 44.45 -7.14 -20.44
N ALA B 379 45.31 -8.03 -20.92
CA ALA B 379 46.42 -8.59 -20.16
C ALA B 379 47.75 -8.20 -20.77
N VAL B 380 48.77 -8.22 -19.93
CA VAL B 380 50.10 -7.95 -20.39
C VAL B 380 50.99 -9.04 -19.82
N ARG B 381 51.99 -9.46 -20.61
CA ARG B 381 52.95 -10.44 -20.11
C ARG B 381 54.40 -9.99 -20.36
N VAL B 382 55.18 -9.93 -19.29
CA VAL B 382 56.56 -9.58 -19.41
C VAL B 382 57.35 -10.85 -19.28
N ARG B 383 58.03 -11.21 -20.36
CA ARG B 383 58.85 -12.42 -20.43
C ARG B 383 60.21 -12.19 -19.82
N PRO B 384 60.98 -13.27 -19.63
CA PRO B 384 62.35 -13.16 -19.17
C PRO B 384 63.27 -12.66 -20.27
N PHE B 385 64.49 -12.34 -19.89
CA PHE B 385 65.47 -11.90 -20.87
C PHE B 385 65.69 -13.00 -21.92
N SER B 386 65.72 -12.59 -23.19
CA SER B 386 66.00 -13.49 -24.29
C SER B 386 67.50 -13.73 -24.39
N LYS B 387 67.89 -14.74 -25.17
CA LYS B 387 69.32 -15.02 -25.38
C LYS B 387 70.01 -13.79 -25.94
N ARG B 388 69.40 -13.17 -26.96
CA ARG B 388 69.99 -12.00 -27.64
C ARG B 388 70.22 -10.86 -26.67
N GLU B 389 69.27 -10.65 -25.78
CA GLU B 389 69.35 -9.53 -24.85
C GLU B 389 70.40 -9.77 -23.80
N LYS B 390 70.55 -11.01 -23.33
CA LYS B 390 71.61 -11.27 -22.35
C LYS B 390 72.97 -11.15 -23.04
N THR B 391 73.02 -11.37 -24.36
CA THR B 391 74.23 -11.14 -25.14
C THR B 391 74.53 -9.66 -25.29
N GLU B 392 73.47 -8.88 -25.53
CA GLU B 392 73.56 -7.42 -25.64
C GLU B 392 73.89 -6.75 -24.31
N LYS B 393 74.11 -7.58 -23.29
CA LYS B 393 74.25 -7.12 -21.92
C LYS B 393 73.08 -6.22 -21.51
N ALA B 394 71.89 -6.66 -21.88
CA ALA B 394 70.68 -5.91 -21.64
C ALA B 394 70.44 -5.65 -20.18
N SER B 395 69.78 -4.54 -19.92
CA SER B 395 69.33 -4.20 -18.59
C SER B 395 67.83 -4.13 -18.56
N GLN B 396 67.34 -4.23 -17.34
CA GLN B 396 65.93 -4.26 -17.09
C GLN B 396 65.41 -2.85 -17.09
N VAL B 397 64.30 -2.65 -17.78
CA VAL B 397 63.65 -1.35 -17.77
C VAL B 397 62.20 -1.50 -17.41
N VAL B 398 61.71 -2.72 -17.42
CA VAL B 398 60.34 -3.04 -17.08
C VAL B 398 60.34 -3.74 -15.70
N PHE B 399 59.36 -3.35 -14.88
CA PHE B 399 59.22 -3.84 -13.53
C PHE B 399 57.75 -4.10 -13.19
N THR B 400 57.51 -4.94 -12.18
CA THR B 400 56.19 -4.99 -11.57
C THR B 400 56.22 -4.20 -10.35
N ASN B 401 55.05 -3.67 -10.09
CA ASN B 401 54.85 -2.77 -9.03
C ASN B 401 53.43 -3.09 -8.59
N GLY B 402 53.28 -4.10 -7.73
CA GLY B 402 51.98 -4.62 -7.35
C GLY B 402 51.22 -4.91 -8.61
N GLU B 403 50.00 -4.41 -8.72
CA GLU B 403 49.23 -4.48 -9.99
C GLU B 403 50.03 -3.87 -11.18
N GLU B 404 50.49 -2.64 -10.96
CA GLU B 404 51.20 -1.84 -11.96
C GLU B 404 52.46 -2.45 -12.62
N ILE B 405 52.42 -2.46 -13.94
CA ILE B 405 53.63 -2.63 -14.76
C ILE B 405 54.21 -1.27 -15.04
N THR B 406 55.48 -1.15 -14.72
CA THR B 406 56.18 0.11 -14.77
C THR B 406 57.38 0.03 -15.66
N VAL B 407 57.48 1.04 -16.50
CA VAL B 407 58.57 1.19 -17.42
C VAL B 407 59.35 2.37 -16.86
N GLU B 408 60.62 2.10 -16.56
CA GLU B 408 61.53 3.10 -16.07
C GLU B 408 62.68 3.25 -17.07
N HIS B 409 62.71 4.40 -17.73
CA HIS B 409 63.68 4.68 -18.75
C HIS B 409 65.03 4.77 -18.08
N PRO B 410 66.09 4.31 -18.75
CA PRO B 410 67.46 4.44 -18.28
C PRO B 410 67.88 5.81 -17.78
N ASP B 411 67.23 6.87 -18.24
CA ASP B 411 67.55 8.21 -17.75
C ASP B 411 67.02 8.44 -16.35
N MET B 412 66.06 7.60 -15.94
CA MET B 412 65.45 7.65 -14.62
C MET B 412 64.58 8.89 -14.40
N LYS B 413 64.40 9.72 -15.41
CA LYS B 413 63.38 10.78 -15.35
C LYS B 413 62.05 10.17 -15.78
N GLN B 414 62.09 9.51 -16.93
CA GLN B 414 60.90 8.95 -17.54
C GLN B 414 60.49 7.66 -16.90
N VAL B 415 59.33 7.70 -16.28
CA VAL B 415 58.68 6.53 -15.70
C VAL B 415 57.25 6.48 -16.20
N TYR B 416 56.93 5.42 -16.91
CA TYR B 416 55.59 5.21 -17.38
C TYR B 416 55.07 3.98 -16.71
N SER B 417 53.85 4.08 -16.21
CA SER B 417 53.23 2.98 -15.55
C SER B 417 51.90 2.65 -16.17
N PHE B 418 51.46 1.41 -15.96
CA PHE B 418 50.29 0.89 -16.63
C PHE B 418 49.55 -0.09 -15.74
N ILE B 419 48.22 -0.03 -15.81
CA ILE B 419 47.38 -0.97 -15.10
C ILE B 419 46.57 -1.64 -16.18
N TYR B 420 46.52 -2.96 -16.15
CA TYR B 420 45.72 -3.73 -17.10
C TYR B 420 44.76 -4.52 -16.28
N ASP B 421 43.95 -5.34 -16.91
CA ASP B 421 43.02 -6.12 -16.14
C ASP B 421 43.81 -7.14 -15.35
N VAL B 422 44.86 -7.64 -15.97
CA VAL B 422 45.80 -8.53 -15.30
C VAL B 422 47.18 -8.33 -15.86
N SER B 423 48.17 -8.48 -15.01
CA SER B 423 49.56 -8.30 -15.45
C SER B 423 50.30 -9.58 -15.25
N PHE B 424 50.83 -10.16 -16.33
CA PHE B 424 51.50 -11.43 -16.21
C PHE B 424 53.00 -11.25 -16.18
N TRP B 425 53.55 -11.49 -15.00
CA TRP B 425 54.94 -11.22 -14.75
C TRP B 425 55.63 -12.53 -14.80
N SER B 426 56.21 -12.79 -15.98
CA SER B 426 56.93 -14.03 -16.25
C SER B 426 58.39 -13.75 -16.45
N PHE B 427 58.85 -12.68 -15.83
CA PHE B 427 60.23 -12.26 -15.99
C PHE B 427 61.18 -13.21 -15.30
N ASP B 428 60.95 -13.45 -14.03
CA ASP B 428 61.80 -14.35 -13.26
C ASP B 428 60.99 -15.41 -12.56
N GLU B 429 61.32 -16.67 -12.78
CA GLU B 429 60.60 -17.76 -12.07
C GLU B 429 60.51 -17.65 -10.53
N CYS B 430 61.53 -17.12 -9.90
CA CYS B 430 61.54 -17.06 -8.46
C CYS B 430 60.79 -15.88 -7.83
N HIS B 431 60.28 -14.94 -8.63
CA HIS B 431 59.40 -13.89 -8.11
C HIS B 431 58.20 -14.60 -7.49
N PRO B 432 57.47 -13.92 -6.56
CA PRO B 432 56.45 -14.70 -5.89
C PRO B 432 55.07 -14.49 -6.45
N GLY B 433 55.00 -13.84 -7.60
CA GLY B 433 53.75 -13.60 -8.30
C GLY B 433 54.05 -13.93 -9.72
N TYR B 434 55.12 -14.67 -9.93
CA TYR B 434 55.49 -15.16 -11.25
C TYR B 434 54.32 -15.87 -11.90
N ALA B 435 54.27 -15.81 -13.23
CA ALA B 435 53.13 -16.24 -14.01
C ALA B 435 53.54 -17.34 -14.98
N SER B 436 53.19 -18.56 -14.63
CA SER B 436 53.50 -19.70 -15.48
C SER B 436 52.57 -19.74 -16.67
N GLN B 437 52.76 -20.71 -17.57
CA GLN B 437 51.79 -20.94 -18.64
C GLN B 437 50.40 -21.21 -18.07
N THR B 438 50.33 -22.08 -17.08
CA THR B 438 49.05 -22.46 -16.48
C THR B 438 48.34 -21.22 -15.97
N THR B 439 49.14 -20.36 -15.35
CA THR B 439 48.58 -19.18 -14.74
C THR B 439 47.99 -18.27 -15.80
N VAL B 440 48.73 -18.12 -16.88
CA VAL B 440 48.24 -17.33 -17.98
C VAL B 440 46.95 -17.92 -18.48
N TYR B 441 46.87 -19.23 -18.62
CA TYR B 441 45.67 -19.83 -19.19
C TYR B 441 44.46 -19.68 -18.26
N GLU B 442 44.61 -20.18 -17.04
CA GLU B 442 43.53 -20.19 -16.06
C GLU B 442 42.94 -18.78 -15.91
N THR B 443 43.81 -17.76 -15.88
CA THR B 443 43.40 -16.41 -15.61
C THR B 443 42.77 -15.70 -16.81
N LEU B 444 43.39 -15.77 -17.97
CA LEU B 444 42.89 -15.02 -19.13
C LEU B 444 41.94 -15.76 -20.06
N ALA B 445 42.21 -17.03 -20.35
CA ALA B 445 41.52 -17.73 -21.44
C ALA B 445 40.44 -18.69 -20.99
N ALA B 446 40.67 -19.41 -19.90
CA ALA B 446 39.62 -20.22 -19.31
C ALA B 446 38.25 -19.51 -19.26
N PRO B 447 38.15 -18.35 -18.59
CA PRO B 447 36.85 -17.68 -18.63
C PRO B 447 36.29 -17.50 -20.02
N LEU B 448 37.15 -17.19 -21.00
CA LEU B 448 36.67 -17.10 -22.40
C LEU B 448 36.02 -18.40 -22.85
N LEU B 449 36.58 -19.49 -22.38
CA LEU B 449 36.05 -20.76 -22.72
C LEU B 449 34.70 -20.95 -22.05
N ASP B 450 34.55 -20.32 -20.89
CA ASP B 450 33.29 -20.43 -20.16
C ASP B 450 32.25 -19.58 -20.87
N ARG B 451 32.71 -18.46 -21.42
CA ARG B 451 31.88 -17.59 -22.22
C ARG B 451 31.46 -18.26 -23.51
N ALA B 452 32.43 -18.84 -24.19
CA ALA B 452 32.14 -19.67 -25.36
C ALA B 452 31.01 -20.67 -25.09
N PHE B 453 31.04 -21.31 -23.93
CA PHE B 453 30.08 -22.37 -23.62
C PHE B 453 28.73 -21.76 -23.29
N GLU B 454 28.77 -20.57 -22.69
CA GLU B 454 27.55 -19.82 -22.42
C GLU B 454 26.87 -19.34 -23.70
N GLY B 455 27.57 -19.41 -24.83
CA GLY B 455 27.02 -19.05 -26.14
C GLY B 455 27.62 -17.81 -26.77
N TYR B 456 28.55 -17.17 -26.06
CA TYR B 456 29.19 -15.95 -26.52
C TYR B 456 30.34 -16.19 -27.49
N ASN B 457 30.40 -15.38 -28.54
CA ASN B 457 31.56 -15.33 -29.37
C ASN B 457 32.71 -14.73 -28.60
N THR B 458 33.93 -15.12 -28.91
CA THR B 458 35.10 -14.55 -28.21
C THR B 458 36.23 -14.31 -29.18
N CYS B 459 37.02 -13.28 -28.92
CA CYS B 459 38.36 -13.14 -29.51
C CYS B 459 39.41 -13.08 -28.43
N LEU B 460 40.50 -13.76 -28.68
CA LEU B 460 41.75 -13.46 -28.01
C LEU B 460 42.75 -12.96 -29.06
N PHE B 461 43.17 -11.73 -28.92
CA PHE B 461 44.22 -11.27 -29.81
C PHE B 461 45.51 -11.45 -29.06
N ALA B 462 46.58 -11.69 -29.80
CA ALA B 462 47.94 -11.72 -29.27
C ALA B 462 48.75 -10.62 -29.92
N TYR B 463 49.19 -9.66 -29.11
CA TYR B 463 49.75 -8.43 -29.59
C TYR B 463 51.11 -8.20 -29.01
N GLY B 464 52.04 -7.85 -29.89
CA GLY B 464 53.38 -7.51 -29.46
C GLY B 464 54.35 -7.40 -30.61
N GLN B 465 55.57 -7.02 -30.28
CA GLN B 465 56.64 -6.98 -31.25
C GLN B 465 57.22 -8.38 -31.41
N THR B 466 57.94 -8.63 -32.49
CA THR B 466 58.57 -9.95 -32.66
C THR B 466 59.52 -10.22 -31.51
N GLY B 467 59.49 -11.44 -30.97
CA GLY B 467 60.35 -11.79 -29.86
C GLY B 467 59.80 -11.51 -28.47
N SER B 468 58.64 -10.86 -28.38
CA SER B 468 58.09 -10.49 -27.09
C SER B 468 57.41 -11.64 -26.37
N GLY B 469 57.02 -12.68 -27.13
CA GLY B 469 56.52 -13.93 -26.53
C GLY B 469 55.10 -14.24 -26.97
N LYS B 470 54.76 -13.84 -28.19
CA LYS B 470 53.41 -14.11 -28.67
C LYS B 470 53.19 -15.61 -28.76
N SER B 471 54.04 -16.28 -29.55
CA SER B 471 53.81 -17.69 -29.78
C SER B 471 53.97 -18.48 -28.50
N TYR B 472 54.94 -18.08 -27.70
CA TYR B 472 55.18 -18.80 -26.47
C TYR B 472 53.85 -18.74 -25.71
N THR B 473 53.26 -17.57 -25.67
CA THR B 473 52.08 -17.37 -24.86
C THR B 473 50.89 -18.09 -25.46
N MET B 474 50.75 -18.03 -26.77
CA MET B 474 49.60 -18.54 -27.43
C MET B 474 49.67 -20.05 -27.61
N MET B 475 50.78 -20.49 -28.19
CA MET B 475 51.00 -21.90 -28.44
C MET B 475 51.94 -22.50 -27.39
N GLY B 476 53.14 -21.98 -27.30
CA GLY B 476 54.12 -22.51 -26.35
C GLY B 476 55.01 -23.54 -27.00
N LEU B 477 55.55 -24.45 -26.19
CA LEU B 477 56.38 -25.60 -26.67
C LEU B 477 56.08 -26.85 -25.83
N ASN B 478 56.55 -28.01 -26.26
CA ASN B 478 56.17 -29.27 -25.57
C ASN B 478 56.48 -29.26 -24.07
N GLU B 479 57.62 -28.68 -23.72
CA GLU B 479 57.99 -28.58 -22.31
C GLU B 479 57.04 -27.64 -21.53
N GLU B 480 56.34 -26.77 -22.27
CA GLU B 480 55.60 -25.62 -21.74
C GLU B 480 54.42 -25.25 -22.63
N PRO B 481 53.25 -25.80 -22.38
CA PRO B 481 52.25 -25.46 -23.37
C PRO B 481 51.55 -24.15 -23.10
N GLY B 482 51.41 -23.34 -24.14
CA GLY B 482 50.70 -22.05 -24.07
C GLY B 482 49.19 -22.14 -24.06
N ILE B 483 48.54 -21.06 -24.42
CA ILE B 483 47.10 -20.94 -24.27
C ILE B 483 46.34 -21.91 -25.15
N ILE B 484 46.58 -21.84 -26.46
CA ILE B 484 45.80 -22.61 -27.41
C ILE B 484 45.69 -24.10 -27.04
N PRO B 485 46.81 -24.78 -26.81
CA PRO B 485 46.74 -26.19 -26.43
C PRO B 485 45.95 -26.47 -25.17
N ARG B 486 46.14 -25.67 -24.16
CA ARG B 486 45.45 -25.84 -22.87
C ARG B 486 43.95 -25.60 -22.99
N PHE B 487 43.61 -24.62 -23.81
CA PHE B 487 42.25 -24.19 -24.07
C PHE B 487 41.48 -25.29 -24.73
N CYS B 488 42.14 -25.90 -25.70
CA CYS B 488 41.48 -26.94 -26.44
C CYS B 488 41.30 -28.16 -25.55
N GLU B 489 42.33 -28.48 -24.78
CA GLU B 489 42.27 -29.63 -23.91
C GLU B 489 41.25 -29.39 -22.82
N ASP B 490 41.09 -28.13 -22.43
CA ASP B 490 40.09 -27.76 -21.42
C ASP B 490 38.71 -27.99 -22.03
N LEU B 491 38.59 -27.49 -23.25
CA LEU B 491 37.34 -27.50 -23.99
C LEU B 491 36.82 -28.90 -24.19
N PHE B 492 37.66 -29.76 -24.73
CA PHE B 492 37.28 -31.13 -25.02
C PHE B 492 36.93 -31.93 -23.77
N ALA B 493 37.68 -31.71 -22.71
CA ALA B 493 37.43 -32.38 -21.45
C ALA B 493 36.11 -31.90 -20.88
N GLN B 494 35.76 -30.66 -21.16
CA GLN B 494 34.48 -30.12 -20.73
C GLN B 494 33.34 -30.60 -21.58
N ILE B 495 33.60 -30.86 -22.86
CA ILE B 495 32.60 -31.45 -23.77
C ILE B 495 32.22 -32.85 -23.31
N ALA B 496 33.26 -33.62 -23.03
CA ALA B 496 33.14 -34.96 -22.48
C ALA B 496 32.19 -34.92 -21.31
N LYS B 497 32.46 -34.02 -20.36
CA LYS B 497 31.62 -33.86 -19.19
C LYS B 497 30.20 -33.47 -19.55
N LYS B 498 30.08 -32.42 -20.36
CA LYS B 498 28.78 -31.81 -20.65
C LYS B 498 27.93 -32.58 -21.62
N GLN B 499 28.56 -33.32 -22.53
CA GLN B 499 27.83 -33.95 -23.64
C GLN B 499 26.90 -35.02 -23.12
N THR B 500 25.62 -34.90 -23.45
CA THR B 500 24.55 -35.71 -22.87
C THR B 500 23.55 -36.03 -23.93
N SER B 501 22.59 -36.89 -23.60
CA SER B 501 21.42 -37.13 -24.46
C SER B 501 20.57 -35.87 -24.65
N GLU B 502 20.81 -34.85 -23.81
CA GLU B 502 20.14 -33.56 -23.94
C GLU B 502 20.95 -32.56 -24.75
N VAL B 503 22.27 -32.63 -24.66
CA VAL B 503 23.15 -31.66 -25.32
C VAL B 503 24.24 -32.34 -26.14
N SER B 504 24.55 -31.78 -27.31
CA SER B 504 25.59 -32.33 -28.19
C SER B 504 26.54 -31.25 -28.68
N TYR B 505 27.81 -31.58 -28.76
CA TYR B 505 28.80 -30.58 -29.18
C TYR B 505 29.51 -30.97 -30.45
N HIS B 506 29.68 -29.97 -31.32
CA HIS B 506 30.30 -30.12 -32.62
C HIS B 506 31.22 -28.95 -32.84
N LEU B 507 32.47 -29.25 -33.17
CA LEU B 507 33.47 -28.25 -33.43
C LEU B 507 33.99 -28.37 -34.85
N GLU B 508 34.08 -27.21 -35.52
CA GLU B 508 34.74 -27.08 -36.81
C GLU B 508 35.79 -26.02 -36.65
N MET B 509 36.77 -26.03 -37.55
CA MET B 509 37.97 -25.19 -37.43
C MET B 509 38.34 -24.53 -38.77
N SER B 510 38.53 -23.22 -38.75
CA SER B 510 39.09 -22.52 -39.89
C SER B 510 40.36 -21.84 -39.45
N PHE B 511 41.35 -21.78 -40.33
CA PHE B 511 42.60 -21.14 -39.98
C PHE B 511 43.09 -20.30 -41.17
N PHE B 512 42.88 -18.98 -41.08
CA PHE B 512 43.23 -18.12 -42.18
C PHE B 512 44.10 -17.01 -41.71
N GLU B 513 44.51 -16.20 -42.67
CA GLU B 513 45.47 -15.17 -42.41
C GLU B 513 45.11 -13.93 -43.20
N VAL B 514 45.34 -12.77 -42.61
CA VAL B 514 45.16 -11.49 -43.26
C VAL B 514 46.52 -11.01 -43.68
N TYR B 515 46.75 -10.93 -44.98
CA TYR B 515 48.02 -10.45 -45.50
C TYR B 515 47.77 -9.29 -46.48
N ASN B 516 48.29 -8.13 -46.12
CA ASN B 516 48.10 -6.92 -46.92
C ASN B 516 46.64 -6.80 -47.21
N GLU B 517 45.87 -6.88 -46.12
CA GLU B 517 44.41 -6.80 -46.17
C GLU B 517 43.70 -7.89 -46.99
N LYS B 518 44.43 -8.80 -47.63
CA LYS B 518 43.81 -9.92 -48.38
C LYS B 518 43.57 -11.14 -47.47
N ILE B 519 42.62 -11.99 -47.82
CA ILE B 519 42.34 -13.17 -46.99
C ILE B 519 42.94 -14.41 -47.64
N HIS B 520 43.79 -15.11 -46.90
CA HIS B 520 44.37 -16.36 -47.35
C HIS B 520 44.06 -17.45 -46.34
N ASP B 521 43.51 -18.56 -46.84
CA ASP B 521 43.25 -19.76 -46.08
C ASP B 521 44.57 -20.48 -45.90
N LEU B 522 44.96 -20.68 -44.66
CA LEU B 522 46.17 -21.43 -44.36
C LEU B 522 45.95 -22.94 -44.40
N LEU B 523 44.75 -23.43 -44.63
CA LEU B 523 44.52 -24.88 -44.64
C LEU B 523 44.36 -25.42 -46.07
N VAL B 524 44.96 -24.71 -47.01
CA VAL B 524 44.88 -24.96 -48.45
C VAL B 524 46.32 -25.11 -48.93
N CYS B 525 46.53 -25.14 -50.25
CA CYS B 525 47.84 -25.47 -50.88
C CYS B 525 47.59 -26.35 -52.12
N LYS B 533 48.28 -18.60 -52.00
CA LYS B 533 48.33 -17.91 -53.28
C LYS B 533 47.06 -17.09 -53.57
N GLN B 534 45.87 -17.66 -53.35
CA GLN B 534 44.61 -17.06 -53.83
C GLN B 534 43.92 -16.24 -52.75
N PRO B 535 43.57 -14.98 -53.06
CA PRO B 535 42.83 -14.12 -52.15
C PRO B 535 41.33 -14.46 -52.17
N LEU B 536 40.84 -14.82 -51.00
CA LEU B 536 39.43 -15.07 -50.82
C LEU B 536 38.70 -13.77 -50.51
N ARG B 537 37.47 -13.73 -51.00
CA ARG B 537 36.66 -12.53 -50.94
C ARG B 537 35.81 -12.55 -49.67
N ALA B 538 35.76 -11.38 -49.02
CA ALA B 538 34.87 -11.16 -47.89
C ALA B 538 33.48 -10.78 -48.38
N ARG B 539 32.47 -11.24 -47.67
CA ARG B 539 31.08 -10.91 -47.98
C ARG B 539 30.36 -10.67 -46.66
N GLU B 540 29.11 -10.25 -46.74
CA GLU B 540 28.36 -9.93 -45.53
C GLU B 540 26.91 -10.43 -45.59
N HIS B 541 26.51 -11.16 -44.55
CA HIS B 541 25.12 -11.49 -44.31
C HIS B 541 24.54 -10.42 -43.39
N PRO B 542 23.29 -9.98 -43.62
CA PRO B 542 22.78 -8.81 -42.95
C PRO B 542 22.40 -9.05 -41.50
N VAL B 543 22.31 -10.32 -41.11
CA VAL B 543 22.01 -10.68 -39.72
C VAL B 543 23.27 -11.26 -39.08
N SER B 544 23.86 -12.23 -39.76
CA SER B 544 25.02 -12.99 -39.26
C SER B 544 26.35 -12.33 -39.53
N GLY B 545 26.33 -11.24 -40.27
CA GLY B 545 27.52 -10.44 -40.48
C GLY B 545 28.54 -11.03 -41.46
N PRO B 546 29.72 -10.41 -41.53
CA PRO B 546 30.79 -10.84 -42.40
C PRO B 546 31.14 -12.32 -42.32
N TYR B 547 31.56 -12.83 -43.47
CA TYR B 547 32.10 -14.16 -43.56
C TYR B 547 33.09 -14.19 -44.73
N VAL B 548 33.97 -15.18 -44.75
CA VAL B 548 34.85 -15.43 -45.86
C VAL B 548 34.23 -16.46 -46.78
N GLU B 549 33.99 -16.04 -48.01
CA GLU B 549 33.54 -16.91 -49.06
C GLU B 549 34.71 -17.84 -49.40
N GLY B 550 34.48 -19.14 -49.28
CA GLY B 550 35.44 -20.18 -49.72
C GLY B 550 36.48 -20.60 -48.70
N LEU B 551 36.16 -20.41 -47.42
CA LEU B 551 37.06 -20.78 -46.33
C LEU B 551 36.74 -22.15 -45.79
N SER B 552 37.76 -23.00 -45.70
CA SER B 552 37.57 -24.40 -45.25
C SER B 552 37.23 -24.45 -43.77
N MET B 553 36.24 -25.27 -43.47
CA MET B 553 35.85 -25.56 -42.11
C MET B 553 36.09 -27.02 -41.90
N ASN B 554 37.12 -27.36 -41.14
CA ASN B 554 37.38 -28.75 -40.84
C ASN B 554 36.89 -29.14 -39.46
N VAL B 555 36.08 -30.20 -39.45
CA VAL B 555 35.56 -30.77 -38.22
C VAL B 555 36.75 -31.23 -37.37
N VAL B 556 36.70 -30.96 -36.06
CA VAL B 556 37.71 -31.46 -35.13
C VAL B 556 37.11 -32.23 -33.97
N SER B 557 37.88 -33.17 -33.44
CA SER B 557 37.40 -34.07 -32.41
C SER B 557 38.32 -34.13 -31.21
N SER B 558 39.54 -33.66 -31.39
CA SER B 558 40.51 -33.62 -30.30
C SER B 558 41.47 -32.47 -30.56
N TYR B 559 42.38 -32.20 -29.63
CA TYR B 559 43.42 -31.20 -29.88
C TYR B 559 44.38 -31.70 -30.96
N SER B 560 44.71 -32.99 -30.94
CA SER B 560 45.69 -33.52 -31.89
C SER B 560 45.28 -33.17 -33.33
N ASP B 561 43.97 -33.21 -33.58
CA ASP B 561 43.37 -32.87 -34.86
C ASP B 561 43.70 -31.47 -35.24
N ILE B 562 43.52 -30.58 -34.27
CA ILE B 562 43.78 -29.16 -34.44
C ILE B 562 45.26 -28.93 -34.68
N GLN B 563 46.08 -29.59 -33.87
CA GLN B 563 47.52 -29.41 -33.95
C GLN B 563 48.00 -29.74 -35.35
N SER B 564 47.51 -30.84 -35.91
CA SER B 564 47.81 -31.16 -37.31
C SER B 564 47.57 -29.89 -38.14
N TRP B 565 46.35 -29.39 -38.03
CA TRP B 565 45.87 -28.32 -38.88
C TRP B 565 46.68 -27.05 -38.63
N LEU B 566 46.94 -26.72 -37.38
CA LEU B 566 47.76 -25.52 -37.10
C LEU B 566 49.20 -25.68 -37.54
N GLU B 567 49.70 -26.91 -37.63
CA GLU B 567 51.06 -27.14 -38.15
C GLU B 567 51.06 -26.92 -39.66
N LEU B 568 50.09 -27.51 -40.36
CA LEU B 568 49.94 -27.31 -41.81
C LEU B 568 49.86 -25.80 -42.10
N GLY B 569 48.94 -25.15 -41.38
CA GLY B 569 48.65 -23.74 -41.54
C GLY B 569 49.86 -22.84 -41.30
N ASN B 570 50.53 -23.03 -40.18
CA ASN B 570 51.66 -22.17 -39.83
C ASN B 570 52.84 -22.35 -40.77
N LYS B 571 52.87 -23.48 -41.48
CA LYS B 571 53.85 -23.71 -42.52
C LYS B 571 53.73 -22.66 -43.62
N GLN B 572 52.51 -22.15 -43.81
CA GLN B 572 52.18 -21.30 -44.95
C GLN B 572 51.84 -19.86 -44.56
N ARG B 573 52.15 -19.47 -43.33
CA ARG B 573 51.83 -18.13 -42.81
C ARG B 573 52.93 -17.17 -43.23
N ALA B 574 52.58 -15.93 -43.53
CA ALA B 574 53.56 -14.97 -44.10
C ALA B 574 54.70 -14.52 -43.15
N THR B 575 55.95 -14.75 -43.58
CA THR B 575 57.12 -14.33 -42.81
C THR B 575 58.15 -13.58 -43.66
N ALA B 576 59.13 -12.98 -42.99
CA ALA B 576 60.16 -12.13 -43.63
C ALA B 576 61.52 -12.80 -43.55
N ASP B 582 66.05 -11.62 -38.49
CA ASP B 582 65.27 -12.84 -38.28
C ASP B 582 63.96 -12.86 -39.07
N LYS B 583 63.25 -14.00 -39.06
CA LYS B 583 61.91 -14.13 -39.65
C LYS B 583 60.90 -13.43 -38.73
N SER B 584 60.10 -12.54 -39.32
CA SER B 584 59.02 -11.86 -38.60
C SER B 584 57.71 -12.34 -39.20
N SER B 585 56.61 -12.21 -38.47
CA SER B 585 55.30 -12.55 -39.04
C SER B 585 54.74 -11.25 -39.53
N ARG B 586 54.18 -11.33 -40.73
CA ARG B 586 53.78 -10.18 -41.53
C ARG B 586 52.34 -10.27 -42.01
N SER B 587 51.54 -11.05 -41.28
CA SER B 587 50.14 -11.23 -41.55
C SER B 587 49.47 -11.41 -40.22
N HIS B 588 48.14 -11.38 -40.17
CA HIS B 588 47.43 -11.64 -38.94
C HIS B 588 46.80 -13.02 -39.08
N SER B 589 47.28 -13.99 -38.29
CA SER B 589 46.71 -15.34 -38.36
C SER B 589 45.45 -15.42 -37.52
N VAL B 590 44.38 -15.93 -38.11
CA VAL B 590 43.10 -16.09 -37.39
C VAL B 590 42.74 -17.55 -37.23
N PHE B 591 42.93 -18.05 -36.02
CA PHE B 591 42.54 -19.39 -35.69
C PHE B 591 41.14 -19.27 -35.12
N THR B 592 40.23 -20.03 -35.72
CA THR B 592 38.80 -19.97 -35.42
C THR B 592 38.22 -21.34 -35.13
N LEU B 593 37.43 -21.42 -34.07
CA LEU B 593 36.70 -22.65 -33.76
C LEU B 593 35.22 -22.36 -33.65
N VAL B 594 34.46 -22.80 -34.64
CA VAL B 594 33.01 -22.67 -34.53
C VAL B 594 32.52 -23.88 -33.78
N MET B 595 31.78 -23.64 -32.71
CA MET B 595 31.25 -24.71 -31.88
C MET B 595 29.72 -24.66 -31.81
N THR B 596 29.09 -25.68 -32.38
CA THR B 596 27.64 -25.83 -32.31
C THR B 596 27.21 -26.76 -31.15
N GLN B 597 26.28 -26.23 -30.36
CA GLN B 597 25.82 -26.81 -29.11
C GLN B 597 24.34 -27.13 -29.34
N THR B 598 24.07 -28.32 -29.89
CA THR B 598 22.70 -28.71 -30.23
C THR B 598 21.94 -29.36 -29.05
N LYS B 599 20.75 -28.82 -28.72
CA LYS B 599 19.71 -29.45 -27.84
C LYS B 599 18.50 -29.88 -28.68
N THR B 600 17.60 -30.62 -28.07
CA THR B 600 16.61 -31.36 -28.85
C THR B 600 15.43 -31.92 -28.00
N ASP B 609 14.53 -28.59 -31.73
CA ASP B 609 15.95 -28.89 -31.97
C ASP B 609 16.83 -27.61 -32.06
N HIS B 610 17.08 -26.92 -30.93
CA HIS B 610 17.86 -25.65 -30.97
C HIS B 610 19.37 -25.84 -31.16
N ARG B 611 20.01 -24.80 -31.69
CA ARG B 611 21.45 -24.82 -31.88
C ARG B 611 22.01 -23.52 -31.36
N ILE B 612 23.03 -23.62 -30.52
CA ILE B 612 23.68 -22.45 -29.96
C ILE B 612 25.11 -22.45 -30.50
N THR B 613 25.47 -21.38 -31.19
CA THR B 613 26.76 -21.31 -31.87
C THR B 613 27.69 -20.28 -31.22
N SER B 614 28.88 -20.74 -30.85
CA SER B 614 29.93 -19.84 -30.37
C SER B 614 31.06 -19.84 -31.36
N ARG B 615 31.51 -18.65 -31.71
CA ARG B 615 32.70 -18.51 -32.50
C ARG B 615 33.81 -18.21 -31.53
N ILE B 616 34.90 -18.92 -31.70
CA ILE B 616 36.08 -18.67 -30.90
C ILE B 616 37.18 -18.35 -31.88
N ASN B 617 37.66 -17.12 -31.79
CA ASN B 617 38.76 -16.65 -32.61
C ASN B 617 39.98 -16.35 -31.76
N LEU B 618 41.09 -17.02 -32.11
CA LEU B 618 42.39 -16.86 -31.45
C LEU B 618 43.34 -16.34 -32.46
N VAL B 619 43.78 -15.11 -32.26
CA VAL B 619 44.44 -14.34 -33.31
C VAL B 619 45.86 -13.95 -32.89
N ASP B 620 46.82 -14.44 -33.65
CA ASP B 620 48.21 -14.06 -33.48
C ASP B 620 48.41 -12.93 -34.46
N LEU B 621 48.53 -11.73 -33.94
CA LEU B 621 48.75 -10.53 -34.74
C LEU B 621 50.18 -10.44 -35.19
N ALA B 622 50.45 -9.54 -36.11
CA ALA B 622 51.75 -9.45 -36.72
C ALA B 622 52.63 -8.62 -35.82
N GLY B 623 53.93 -8.89 -35.91
CA GLY B 623 54.91 -8.12 -35.17
C GLY B 623 54.61 -6.64 -35.30
N SER B 624 54.43 -5.98 -34.16
CA SER B 624 54.11 -4.56 -34.12
C SER B 624 55.28 -3.59 -34.38
N GLU B 625 56.51 -4.09 -34.36
CA GLU B 625 57.72 -3.26 -34.62
C GLU B 625 57.50 -2.27 -35.79
N ARG B 626 57.71 -0.99 -35.52
CA ARG B 626 57.48 0.04 -36.54
C ARG B 626 58.32 -0.18 -37.80
N CYS B 627 59.56 -0.63 -37.63
CA CYS B 627 60.37 -1.01 -38.79
C CYS B 627 61.52 -1.94 -38.40
N GLY B 634 61.35 -2.83 -50.12
CA GLY B 634 60.34 -2.98 -51.17
C GLY B 634 59.04 -3.57 -50.65
N GLN B 635 58.34 -4.36 -51.46
CA GLN B 635 57.08 -5.04 -51.00
C GLN B 635 57.15 -5.83 -49.67
N ARG B 636 58.28 -5.78 -48.97
CA ARG B 636 58.33 -6.04 -47.52
C ARG B 636 57.96 -4.77 -46.75
N LEU B 637 57.92 -3.63 -47.44
CA LEU B 637 57.55 -2.32 -46.90
C LEU B 637 56.05 -2.15 -46.92
N LYS B 638 55.44 -2.48 -48.04
CA LYS B 638 53.99 -2.38 -48.16
C LYS B 638 53.33 -3.15 -47.00
N GLU B 639 53.88 -4.32 -46.66
CA GLU B 639 53.54 -5.02 -45.44
C GLU B 639 54.48 -4.39 -44.46
N GLY B 640 53.94 -3.91 -43.35
CA GLY B 640 54.71 -2.95 -42.56
C GLY B 640 53.77 -1.76 -42.57
N VAL B 641 53.71 -1.02 -43.68
CA VAL B 641 52.72 0.04 -43.83
C VAL B 641 51.36 -0.53 -43.49
N SER B 642 51.04 -1.67 -44.10
CA SER B 642 49.73 -2.31 -43.96
C SER B 642 49.51 -2.91 -42.59
N ILE B 643 50.60 -3.40 -41.99
CA ILE B 643 50.50 -3.93 -40.64
C ILE B 643 50.20 -2.79 -39.67
N ASN B 644 50.91 -1.67 -39.82
CA ASN B 644 50.74 -0.55 -38.92
C ASN B 644 49.33 -0.05 -39.07
N LYS B 645 48.91 0.12 -40.30
CA LYS B 645 47.56 0.59 -40.60
C LYS B 645 46.49 -0.36 -40.04
N SER B 646 46.69 -1.65 -40.20
CA SER B 646 45.72 -2.62 -39.73
C SER B 646 45.68 -2.68 -38.20
N LEU B 647 46.82 -2.52 -37.57
CA LEU B 647 46.87 -2.64 -36.15
C LEU B 647 46.29 -1.39 -35.54
N LEU B 648 46.55 -0.26 -36.19
CA LEU B 648 45.95 0.98 -35.78
C LEU B 648 44.42 0.90 -35.77
N THR B 649 43.87 0.29 -36.80
CA THR B 649 42.42 0.19 -36.94
C THR B 649 41.82 -0.71 -35.86
N LEU B 650 42.48 -1.84 -35.62
CA LEU B 650 42.12 -2.73 -34.55
C LEU B 650 42.03 -1.99 -33.24
N GLY B 651 43.10 -1.24 -32.94
CA GLY B 651 43.23 -0.47 -31.72
C GLY B 651 42.11 0.53 -31.64
N LYS B 652 41.82 1.18 -32.78
CA LYS B 652 40.75 2.17 -32.81
C LYS B 652 39.43 1.50 -32.40
N VAL B 653 39.11 0.37 -33.04
CA VAL B 653 37.89 -0.38 -32.76
C VAL B 653 37.80 -0.83 -31.32
N ILE B 654 38.93 -1.30 -30.84
CA ILE B 654 38.94 -1.88 -29.51
C ILE B 654 38.67 -0.78 -28.52
N SER B 655 39.35 0.33 -28.75
CA SER B 655 39.12 1.57 -28.03
C SER B 655 37.64 2.00 -28.11
N ALA B 656 37.06 1.90 -29.30
CA ALA B 656 35.65 2.20 -29.50
C ALA B 656 34.83 1.26 -28.65
N LEU B 657 35.18 -0.01 -28.71
CA LEU B 657 34.50 -0.97 -27.88
C LEU B 657 34.54 -0.53 -26.43
N SER B 658 35.70 -0.19 -25.94
CA SER B 658 35.74 0.12 -24.53
C SER B 658 34.77 1.23 -24.20
N GLU B 659 34.79 2.27 -25.02
CA GLU B 659 33.94 3.42 -24.80
C GLU B 659 32.49 2.94 -24.88
N GLN B 660 32.21 2.06 -25.82
CA GLN B 660 30.86 1.60 -25.97
C GLN B 660 30.40 0.90 -24.72
N ALA B 661 31.26 0.03 -24.19
CA ALA B 661 30.96 -0.71 -22.95
C ALA B 661 30.68 0.20 -21.76
N ASN B 662 31.33 1.38 -21.72
CA ASN B 662 31.07 2.36 -20.68
C ASN B 662 29.87 3.25 -21.04
N GLY B 663 29.17 2.87 -22.12
CA GLY B 663 27.86 3.48 -22.49
C GLY B 663 27.86 4.75 -23.34
N LYS B 664 29.01 5.12 -23.92
CA LYS B 664 29.13 6.31 -24.82
C LYS B 664 28.81 5.92 -26.26
N ARG B 665 27.93 6.66 -26.93
CA ARG B 665 27.67 6.42 -28.34
C ARG B 665 28.92 6.73 -29.15
N VAL B 666 29.41 5.72 -29.86
CA VAL B 666 30.55 5.91 -30.72
C VAL B 666 30.42 5.15 -32.04
N PHE B 667 31.33 5.46 -32.98
CA PHE B 667 31.38 4.75 -34.26
C PHE B 667 32.47 3.75 -34.18
N ILE B 668 32.20 2.52 -34.61
CA ILE B 668 33.21 1.48 -34.52
C ILE B 668 33.64 1.12 -35.92
N PRO B 669 34.90 1.43 -36.28
CA PRO B 669 35.33 1.29 -37.64
C PRO B 669 35.74 -0.11 -37.96
N TYR B 670 34.77 -1.02 -37.87
CA TYR B 670 34.97 -2.41 -38.29
C TYR B 670 35.40 -2.52 -39.74
N ARG B 671 34.71 -1.77 -40.59
CA ARG B 671 34.87 -1.87 -42.05
C ARG B 671 36.21 -1.37 -42.53
N GLU B 672 36.87 -0.58 -41.71
CA GLU B 672 38.09 0.12 -42.11
C GLU B 672 39.27 -0.83 -42.24
N SER B 673 39.17 -2.03 -41.68
CA SER B 673 40.21 -3.03 -41.83
C SER B 673 39.61 -4.41 -42.00
N THR B 674 40.30 -5.24 -42.76
CA THR B 674 39.73 -6.54 -43.10
C THR B 674 39.65 -7.45 -41.86
N LEU B 675 40.68 -7.51 -41.06
CA LEU B 675 40.61 -8.27 -39.83
C LEU B 675 39.44 -7.83 -38.97
N THR B 676 39.24 -6.53 -38.83
CA THR B 676 38.21 -6.05 -37.92
C THR B 676 36.83 -6.28 -38.46
N TRP B 677 36.69 -6.21 -39.78
CA TRP B 677 35.40 -6.44 -40.40
C TRP B 677 35.05 -7.93 -40.24
N LEU B 678 35.98 -8.80 -40.61
CA LEU B 678 35.77 -10.23 -40.49
C LEU B 678 35.39 -10.72 -39.09
N LEU B 679 35.91 -10.06 -38.06
CA LEU B 679 35.63 -10.46 -36.67
C LEU B 679 34.56 -9.60 -36.04
N LYS B 680 33.94 -8.74 -36.83
CA LYS B 680 32.93 -7.83 -36.36
C LYS B 680 31.95 -8.48 -35.38
N GLU B 681 31.32 -9.58 -35.80
CA GLU B 681 30.30 -10.22 -34.96
C GLU B 681 30.92 -10.91 -33.72
N SER B 682 32.23 -11.09 -33.72
CA SER B 682 32.88 -11.79 -32.62
C SER B 682 33.63 -10.80 -31.73
N LEU B 683 33.45 -9.51 -32.01
CA LEU B 683 34.17 -8.45 -31.31
C LEU B 683 33.22 -7.77 -30.37
N GLY B 684 32.24 -7.06 -30.95
CA GLY B 684 31.28 -6.33 -30.17
C GLY B 684 30.06 -7.22 -30.06
N GLY B 685 28.90 -6.60 -29.83
CA GLY B 685 27.69 -7.37 -29.58
C GLY B 685 27.75 -7.89 -28.16
N ASN B 686 27.48 -9.19 -28.00
CA ASN B 686 27.62 -9.86 -26.71
C ASN B 686 28.96 -10.57 -26.53
N SER B 687 29.85 -10.34 -27.47
CA SER B 687 31.10 -11.09 -27.53
C SER B 687 32.06 -10.78 -26.39
N LYS B 688 32.99 -11.69 -26.14
CA LYS B 688 34.00 -11.46 -25.11
C LYS B 688 35.38 -11.41 -25.73
N THR B 689 35.90 -10.20 -25.77
CA THR B 689 37.16 -9.94 -26.38
C THR B 689 38.21 -9.80 -25.33
N ALA B 690 39.39 -10.22 -25.71
CA ALA B 690 40.51 -10.15 -24.83
C ALA B 690 41.73 -10.01 -25.67
N MET B 691 42.75 -9.41 -25.06
CA MET B 691 44.04 -9.18 -25.70
C MET B 691 45.14 -9.43 -24.70
N ILE B 692 46.14 -10.19 -25.12
CA ILE B 692 47.39 -10.23 -24.41
C ILE B 692 48.41 -9.46 -25.21
N ALA B 693 48.98 -8.45 -24.57
CA ALA B 693 50.13 -7.78 -25.09
C ALA B 693 51.38 -8.34 -24.45
N THR B 694 52.32 -8.79 -25.28
CA THR B 694 53.60 -9.28 -24.76
C THR B 694 54.70 -8.27 -24.94
N VAL B 695 55.51 -8.11 -23.90
CA VAL B 695 56.65 -7.19 -23.97
C VAL B 695 57.94 -7.79 -23.44
N SER B 696 59.03 -7.12 -23.80
CA SER B 696 60.38 -7.51 -23.42
C SER B 696 60.83 -6.65 -22.30
N PRO B 697 61.51 -7.23 -21.31
CA PRO B 697 61.83 -6.45 -20.15
C PRO B 697 63.03 -5.53 -20.37
N ALA B 698 63.49 -5.42 -21.63
CA ALA B 698 64.85 -4.99 -21.94
C ALA B 698 64.97 -3.55 -22.36
N ALA B 699 66.10 -2.95 -22.06
CA ALA B 699 66.30 -1.55 -22.42
C ALA B 699 66.31 -1.38 -23.95
N SER B 700 66.82 -2.40 -24.64
CA SER B 700 66.94 -2.39 -26.09
C SER B 700 65.57 -2.22 -26.77
N ASN B 701 64.50 -2.59 -26.09
CA ASN B 701 63.16 -2.57 -26.66
C ASN B 701 62.19 -1.59 -26.03
N ILE B 702 62.71 -0.67 -25.22
CA ILE B 702 61.83 0.16 -24.43
C ILE B 702 60.85 0.95 -25.29
N GLU B 703 61.25 1.35 -26.49
CA GLU B 703 60.36 2.21 -27.29
C GLU B 703 59.20 1.39 -27.85
N GLU B 704 59.51 0.19 -28.36
CA GLU B 704 58.44 -0.66 -28.82
C GLU B 704 57.68 -1.15 -27.63
N THR B 705 58.34 -1.30 -26.50
CA THR B 705 57.62 -1.80 -25.32
C THR B 705 56.56 -0.78 -24.94
N LEU B 706 56.97 0.46 -24.91
CA LEU B 706 56.05 1.54 -24.67
C LEU B 706 54.96 1.65 -25.72
N SER B 707 55.28 1.36 -26.98
CA SER B 707 54.27 1.34 -28.03
C SER B 707 53.23 0.32 -27.64
N THR B 708 53.71 -0.86 -27.32
CA THR B 708 52.83 -1.95 -27.03
C THR B 708 51.97 -1.58 -25.84
N LEU B 709 52.61 -1.25 -24.73
CA LEU B 709 51.89 -1.01 -23.48
C LEU B 709 50.90 0.14 -23.65
N ARG B 710 51.27 1.15 -24.42
CA ARG B 710 50.36 2.26 -24.69
C ARG B 710 49.23 1.87 -25.62
N TYR B 711 49.53 0.99 -26.56
CA TYR B 711 48.49 0.36 -27.37
C TYR B 711 47.50 -0.34 -26.48
N ALA B 712 48.02 -1.14 -25.56
CA ALA B 712 47.20 -2.04 -24.75
C ALA B 712 46.33 -1.26 -23.77
N THR B 713 46.82 -0.12 -23.29
CA THR B 713 45.99 0.78 -22.49
C THR B 713 44.86 1.34 -23.33
N GLN B 714 45.21 1.77 -24.54
CA GLN B 714 44.24 2.41 -25.43
C GLN B 714 43.04 1.50 -25.56
N ALA B 715 43.24 0.19 -25.37
CA ALA B 715 42.10 -0.81 -25.23
C ALA B 715 41.30 -0.73 -23.91
N ARG B 716 41.48 0.37 -23.17
CA ARG B 716 40.63 0.75 -22.05
C ARG B 716 41.34 1.81 -21.21
#